data_2E5P
#
_entry.id   2E5P
#
_entity_poly.entity_id   1
_entity_poly.type   'polypeptide(L)'
_entity_poly.pdbx_seq_one_letter_code
;GSSGSSGPRLWEGQDVLARWTDGLLYLGTIKKVDSAREVCLVQFEDDSQFLVLWKDISPAALSGPSSG
;
_entity_poly.pdbx_strand_id   A
#
# COMPACT_ATOMS: atom_id res chain seq x y z
N GLY A 1 11.00 9.14 -24.39
CA GLY A 1 12.04 8.68 -23.48
C GLY A 1 11.46 7.96 -22.27
N SER A 2 11.07 6.71 -22.47
CA SER A 2 10.49 5.91 -21.39
C SER A 2 10.78 4.43 -21.61
N SER A 3 11.11 3.73 -20.52
CA SER A 3 11.42 2.30 -20.59
C SER A 3 10.68 1.54 -19.50
N GLY A 4 10.76 0.21 -19.55
CA GLY A 4 10.09 -0.62 -18.56
C GLY A 4 10.72 -0.50 -17.19
N SER A 5 9.99 0.09 -16.25
CA SER A 5 10.48 0.27 -14.89
C SER A 5 9.33 0.24 -13.89
N SER A 6 9.58 -0.35 -12.73
CA SER A 6 8.57 -0.45 -11.68
C SER A 6 8.49 0.84 -10.88
N GLY A 7 7.29 1.41 -10.79
CA GLY A 7 7.09 2.64 -10.05
C GLY A 7 6.91 2.40 -8.57
N PRO A 8 5.77 1.80 -8.20
CA PRO A 8 5.45 1.50 -6.80
C PRO A 8 6.33 0.40 -6.22
N ARG A 9 6.51 0.42 -4.91
CA ARG A 9 7.34 -0.58 -4.24
C ARG A 9 6.48 -1.51 -3.38
N LEU A 10 5.60 -0.93 -2.58
CA LEU A 10 4.71 -1.72 -1.72
C LEU A 10 5.48 -2.86 -1.07
N TRP A 11 6.67 -2.57 -0.57
CA TRP A 11 7.50 -3.57 0.09
C TRP A 11 6.98 -3.86 1.50
N GLU A 12 7.39 -4.99 2.05
CA GLU A 12 6.98 -5.39 3.40
C GLU A 12 7.43 -4.34 4.43
N GLY A 13 6.46 -3.74 5.11
CA GLY A 13 6.77 -2.74 6.11
C GLY A 13 6.65 -1.33 5.57
N GLN A 14 5.83 -1.15 4.53
CA GLN A 14 5.63 0.16 3.93
C GLN A 14 4.24 0.70 4.26
N ASP A 15 4.21 1.83 4.97
CA ASP A 15 2.95 2.46 5.34
C ASP A 15 2.18 2.92 4.11
N VAL A 16 1.04 2.28 3.85
CA VAL A 16 0.21 2.63 2.70
C VAL A 16 -1.23 2.87 3.11
N LEU A 17 -2.07 3.25 2.15
CA LEU A 17 -3.48 3.51 2.42
C LEU A 17 -4.37 2.62 1.55
N ALA A 18 -5.08 1.71 2.18
CA ALA A 18 -5.97 0.80 1.46
C ALA A 18 -7.39 1.35 1.42
N ARG A 19 -7.93 1.47 0.22
CA ARG A 19 -9.29 1.98 0.05
C ARG A 19 -10.32 0.99 0.56
N TRP A 20 -11.51 1.49 0.88
CA TRP A 20 -12.58 0.64 1.40
C TRP A 20 -13.79 0.68 0.47
N THR A 21 -14.70 -0.27 0.64
CA THR A 21 -15.90 -0.34 -0.18
C THR A 21 -16.57 1.02 -0.31
N ASP A 22 -16.39 1.86 0.71
CA ASP A 22 -16.97 3.19 0.71
C ASP A 22 -16.30 4.08 -0.34
N GLY A 23 -14.98 3.98 -0.44
CA GLY A 23 -14.24 4.78 -1.40
C GLY A 23 -13.05 5.48 -0.79
N LEU A 24 -13.22 5.92 0.45
CA LEU A 24 -12.15 6.63 1.16
C LEU A 24 -10.94 5.71 1.36
N LEU A 25 -9.81 6.31 1.73
CA LEU A 25 -8.58 5.55 1.96
C LEU A 25 -8.42 5.22 3.44
N TYR A 26 -7.98 4.00 3.72
CA TYR A 26 -7.78 3.56 5.10
C TYR A 26 -6.31 3.25 5.36
N LEU A 27 -5.88 3.45 6.61
CA LEU A 27 -4.50 3.20 6.98
C LEU A 27 -4.19 1.70 6.97
N GLY A 28 -3.22 1.31 6.15
CA GLY A 28 -2.86 -0.09 6.06
C GLY A 28 -1.35 -0.30 6.00
N THR A 29 -0.89 -1.42 6.51
CA THR A 29 0.54 -1.74 6.53
C THR A 29 0.85 -2.94 5.64
N ILE A 30 1.76 -2.76 4.69
CA ILE A 30 2.14 -3.83 3.79
C ILE A 30 2.69 -5.04 4.55
N LYS A 31 1.84 -6.05 4.73
CA LYS A 31 2.25 -7.26 5.44
C LYS A 31 2.89 -8.26 4.49
N LYS A 32 2.30 -8.42 3.31
CA LYS A 32 2.83 -9.34 2.32
C LYS A 32 2.71 -8.75 0.92
N VAL A 33 3.54 -9.25 0.00
CA VAL A 33 3.53 -8.77 -1.38
C VAL A 33 3.64 -9.93 -2.36
N ASP A 34 2.57 -10.18 -3.09
CA ASP A 34 2.55 -11.26 -4.08
C ASP A 34 2.64 -10.71 -5.49
N SER A 35 3.65 -11.15 -6.24
CA SER A 35 3.84 -10.70 -7.60
C SER A 35 2.93 -11.46 -8.57
N ALA A 36 2.76 -12.75 -8.32
CA ALA A 36 1.92 -13.58 -9.16
C ALA A 36 0.56 -12.94 -9.40
N ARG A 37 -0.14 -12.64 -8.30
CA ARG A 37 -1.45 -12.02 -8.38
C ARG A 37 -1.34 -10.50 -8.33
N GLU A 38 -0.11 -10.00 -8.30
CA GLU A 38 0.13 -8.57 -8.24
C GLU A 38 -0.70 -7.91 -7.15
N VAL A 39 -0.58 -8.43 -5.93
CA VAL A 39 -1.32 -7.90 -4.80
C VAL A 39 -0.42 -7.71 -3.59
N CYS A 40 -0.99 -7.20 -2.49
CA CYS A 40 -0.22 -6.97 -1.27
C CYS A 40 -1.12 -7.13 -0.04
N LEU A 41 -0.77 -8.08 0.81
CA LEU A 41 -1.54 -8.35 2.02
C LEU A 41 -1.32 -7.23 3.05
N VAL A 42 -2.34 -6.38 3.21
CA VAL A 42 -2.26 -5.28 4.16
C VAL A 42 -3.11 -5.55 5.39
N GLN A 43 -2.69 -5.01 6.53
CA GLN A 43 -3.41 -5.21 7.79
C GLN A 43 -4.07 -3.90 8.24
N PHE A 44 -5.19 -4.03 8.95
CA PHE A 44 -5.91 -2.86 9.44
C PHE A 44 -5.82 -2.77 10.96
N GLU A 45 -6.10 -1.57 11.49
CA GLU A 45 -6.05 -1.35 12.93
C GLU A 45 -6.86 -2.41 13.68
N ASP A 46 -7.76 -3.07 12.97
CA ASP A 46 -8.60 -4.11 13.55
C ASP A 46 -8.01 -5.49 13.29
N ASP A 47 -6.70 -5.62 13.49
CA ASP A 47 -6.02 -6.89 13.27
C ASP A 47 -6.58 -7.62 12.05
N SER A 48 -7.13 -6.85 11.11
CA SER A 48 -7.72 -7.42 9.91
C SER A 48 -6.69 -7.49 8.79
N GLN A 49 -6.19 -8.69 8.52
CA GLN A 49 -5.20 -8.89 7.47
C GLN A 49 -5.80 -9.61 6.27
N PHE A 50 -5.81 -8.94 5.13
CA PHE A 50 -6.37 -9.51 3.90
C PHE A 50 -5.49 -9.18 2.70
N LEU A 51 -5.85 -9.72 1.54
CA LEU A 51 -5.10 -9.48 0.32
C LEU A 51 -5.65 -8.29 -0.44
N VAL A 52 -4.87 -7.20 -0.48
CA VAL A 52 -5.29 -6.00 -1.17
C VAL A 52 -4.53 -5.83 -2.49
N LEU A 53 -5.28 -5.78 -3.59
CA LEU A 53 -4.67 -5.62 -4.91
C LEU A 53 -3.66 -4.49 -4.91
N TRP A 54 -2.87 -4.39 -5.98
CA TRP A 54 -1.86 -3.36 -6.12
C TRP A 54 -2.50 -2.01 -6.44
N LYS A 55 -3.51 -2.04 -7.31
CA LYS A 55 -4.20 -0.83 -7.71
C LYS A 55 -5.06 -0.29 -6.58
N ASP A 56 -5.72 -1.20 -5.86
CA ASP A 56 -6.58 -0.81 -4.75
C ASP A 56 -5.80 -0.04 -3.70
N ILE A 57 -4.52 -0.37 -3.55
CA ILE A 57 -3.66 0.30 -2.58
C ILE A 57 -3.29 1.69 -3.06
N SER A 58 -3.28 2.64 -2.12
CA SER A 58 -2.95 4.03 -2.44
C SER A 58 -1.66 4.45 -1.74
N PRO A 59 -0.86 5.28 -2.42
CA PRO A 59 0.41 5.78 -1.89
C PRO A 59 0.21 6.77 -0.74
N ALA A 60 0.93 6.57 0.34
CA ALA A 60 0.83 7.46 1.50
C ALA A 60 2.06 8.35 1.63
N ALA A 61 1.88 9.64 1.35
CA ALA A 61 2.98 10.59 1.43
C ALA A 61 3.35 10.88 2.88
N LEU A 62 4.65 10.85 3.17
CA LEU A 62 5.14 11.11 4.52
C LEU A 62 5.40 12.59 4.74
N SER A 63 6.22 13.18 3.86
CA SER A 63 6.54 14.60 3.96
C SER A 63 5.35 15.46 3.56
N GLY A 64 4.93 15.32 2.30
CA GLY A 64 3.80 16.11 1.81
C GLY A 64 4.07 16.73 0.46
N PRO A 65 3.31 17.78 0.13
CA PRO A 65 3.45 18.49 -1.15
C PRO A 65 4.75 19.28 -1.23
N SER A 66 5.82 18.62 -1.67
CA SER A 66 7.13 19.26 -1.80
C SER A 66 7.03 20.52 -2.65
N SER A 67 7.06 21.68 -1.99
CA SER A 67 6.98 22.96 -2.69
C SER A 67 8.35 23.62 -2.76
N GLY A 68 8.57 24.37 -3.84
CA GLY A 68 9.84 25.05 -4.02
C GLY A 68 10.44 24.81 -5.39
N GLY A 1 16.13 17.79 -6.66
CA GLY A 1 15.38 17.31 -7.81
C GLY A 1 15.44 15.80 -7.94
N SER A 2 14.28 15.18 -8.21
CA SER A 2 14.20 13.74 -8.36
C SER A 2 13.06 13.36 -9.31
N SER A 3 13.15 12.15 -9.87
CA SER A 3 12.14 11.66 -10.79
C SER A 3 10.89 11.19 -10.03
N GLY A 4 11.10 10.26 -9.10
CA GLY A 4 9.99 9.75 -8.32
C GLY A 4 9.96 8.23 -8.29
N SER A 5 10.82 7.65 -7.46
CA SER A 5 10.90 6.20 -7.33
C SER A 5 9.90 5.68 -6.31
N SER A 6 10.01 6.19 -5.08
CA SER A 6 9.11 5.78 -4.00
C SER A 6 7.65 5.95 -4.42
N GLY A 7 6.92 4.84 -4.43
CA GLY A 7 5.52 4.88 -4.80
C GLY A 7 4.92 3.50 -4.96
N PRO A 8 5.06 2.92 -6.16
CA PRO A 8 4.53 1.58 -6.47
C PRO A 8 5.28 0.48 -5.74
N ARG A 9 6.36 0.86 -5.04
CA ARG A 9 7.18 -0.10 -4.31
C ARG A 9 6.30 -1.10 -3.57
N LEU A 10 5.49 -0.60 -2.64
CA LEU A 10 4.60 -1.46 -1.86
C LEU A 10 5.35 -2.63 -1.26
N TRP A 11 6.57 -2.37 -0.79
CA TRP A 11 7.40 -3.40 -0.19
C TRP A 11 6.95 -3.70 1.24
N GLU A 12 7.32 -4.87 1.74
CA GLU A 12 6.95 -5.27 3.10
C GLU A 12 7.47 -4.26 4.12
N GLY A 13 6.56 -3.75 4.94
CA GLY A 13 6.94 -2.78 5.96
C GLY A 13 6.89 -1.36 5.44
N GLN A 14 5.88 -1.05 4.63
CA GLN A 14 5.72 0.28 4.07
C GLN A 14 4.32 0.83 4.35
N ASP A 15 4.26 1.94 5.06
CA ASP A 15 2.98 2.56 5.39
C ASP A 15 2.23 2.97 4.12
N VAL A 16 1.06 2.37 3.92
CA VAL A 16 0.25 2.66 2.75
C VAL A 16 -1.21 2.90 3.13
N LEU A 17 -2.01 3.32 2.17
CA LEU A 17 -3.42 3.58 2.40
C LEU A 17 -4.29 2.74 1.49
N ALA A 18 -4.99 1.76 2.07
CA ALA A 18 -5.87 0.88 1.31
C ALA A 18 -7.30 1.39 1.31
N ARG A 19 -7.90 1.50 0.13
CA ARG A 19 -9.26 1.99 0.00
C ARG A 19 -10.26 0.91 0.43
N TRP A 20 -11.09 1.24 1.41
CA TRP A 20 -12.09 0.30 1.90
C TRP A 20 -13.48 0.93 1.89
N THR A 21 -13.77 1.69 0.85
CA THR A 21 -15.08 2.36 0.72
C THR A 21 -15.27 2.90 -0.69
N ASP A 22 -16.48 3.37 -0.97
CA ASP A 22 -16.80 3.92 -2.27
C ASP A 22 -15.61 4.66 -2.86
N GLY A 23 -15.02 5.54 -2.05
CA GLY A 23 -13.87 6.30 -2.50
C GLY A 23 -13.09 6.91 -1.35
N LEU A 24 -12.81 6.11 -0.33
CA LEU A 24 -12.07 6.57 0.83
C LEU A 24 -10.87 5.66 1.11
N LEU A 25 -9.74 6.28 1.45
CA LEU A 25 -8.52 5.53 1.75
C LEU A 25 -8.40 5.25 3.24
N TYR A 26 -7.96 4.05 3.58
CA TYR A 26 -7.79 3.66 4.98
C TYR A 26 -6.33 3.38 5.29
N LEU A 27 -5.94 3.61 6.54
CA LEU A 27 -4.57 3.39 6.97
C LEU A 27 -4.26 1.89 7.02
N GLY A 28 -3.27 1.47 6.24
CA GLY A 28 -2.89 0.07 6.22
C GLY A 28 -1.40 -0.12 6.09
N THR A 29 -0.91 -1.27 6.54
CA THR A 29 0.51 -1.59 6.48
C THR A 29 0.78 -2.78 5.58
N ILE A 30 1.82 -2.68 4.76
CA ILE A 30 2.19 -3.76 3.84
C ILE A 30 2.70 -4.97 4.61
N LYS A 31 1.91 -6.03 4.63
CA LYS A 31 2.29 -7.26 5.33
C LYS A 31 2.91 -8.26 4.36
N LYS A 32 2.32 -8.38 3.18
CA LYS A 32 2.82 -9.30 2.16
C LYS A 32 2.68 -8.69 0.77
N VAL A 33 3.55 -9.11 -0.14
CA VAL A 33 3.52 -8.61 -1.52
C VAL A 33 3.68 -9.74 -2.51
N ASP A 34 2.64 -9.99 -3.29
CA ASP A 34 2.66 -11.05 -4.30
C ASP A 34 2.75 -10.47 -5.70
N SER A 35 3.59 -11.08 -6.54
CA SER A 35 3.76 -10.62 -7.91
C SER A 35 2.84 -11.37 -8.86
N ALA A 36 2.56 -12.62 -8.53
CA ALA A 36 1.68 -13.46 -9.36
C ALA A 36 0.33 -12.79 -9.57
N ARG A 37 -0.41 -12.60 -8.48
CA ARG A 37 -1.72 -11.97 -8.54
C ARG A 37 -1.60 -10.46 -8.43
N GLU A 38 -0.38 -9.97 -8.38
CA GLU A 38 -0.12 -8.53 -8.27
C GLU A 38 -0.95 -7.93 -7.13
N VAL A 39 -0.82 -8.51 -5.95
CA VAL A 39 -1.56 -8.03 -4.78
C VAL A 39 -0.61 -7.79 -3.61
N CYS A 40 -1.18 -7.36 -2.49
CA CYS A 40 -0.39 -7.08 -1.29
C CYS A 40 -1.23 -7.22 -0.03
N LEU A 41 -0.85 -8.16 0.84
CA LEU A 41 -1.59 -8.39 2.08
C LEU A 41 -1.34 -7.26 3.07
N VAL A 42 -2.38 -6.46 3.32
CA VAL A 42 -2.27 -5.35 4.26
C VAL A 42 -3.13 -5.60 5.50
N GLN A 43 -2.60 -5.22 6.65
CA GLN A 43 -3.32 -5.40 7.92
C GLN A 43 -3.99 -4.11 8.34
N PHE A 44 -5.18 -4.23 8.95
CA PHE A 44 -5.94 -3.07 9.40
C PHE A 44 -5.87 -2.93 10.92
N GLU A 45 -6.17 -1.74 11.42
CA GLU A 45 -6.13 -1.48 12.85
C GLU A 45 -6.98 -2.49 13.61
N ASP A 46 -7.88 -3.17 12.89
CA ASP A 46 -8.76 -4.16 13.50
C ASP A 46 -8.19 -5.56 13.30
N ASP A 47 -6.89 -5.71 13.54
CA ASP A 47 -6.24 -7.01 13.40
C ASP A 47 -6.78 -7.76 12.20
N SER A 48 -7.28 -7.02 11.20
CA SER A 48 -7.84 -7.63 10.00
C SER A 48 -6.81 -7.65 8.87
N GLN A 49 -6.23 -8.81 8.63
CA GLN A 49 -5.23 -8.96 7.57
C GLN A 49 -5.81 -9.71 6.38
N PHE A 50 -5.87 -9.05 5.23
CA PHE A 50 -6.40 -9.64 4.02
C PHE A 50 -5.53 -9.30 2.82
N LEU A 51 -5.89 -9.84 1.65
CA LEU A 51 -5.15 -9.59 0.43
C LEU A 51 -5.71 -8.38 -0.31
N VAL A 52 -4.90 -7.33 -0.41
CA VAL A 52 -5.32 -6.11 -1.11
C VAL A 52 -4.53 -5.92 -2.40
N LEU A 53 -5.26 -5.88 -3.51
CA LEU A 53 -4.63 -5.69 -4.83
C LEU A 53 -3.63 -4.54 -4.80
N TRP A 54 -2.83 -4.43 -5.86
CA TRP A 54 -1.84 -3.37 -5.95
C TRP A 54 -2.51 -2.02 -6.21
N LYS A 55 -3.49 -2.01 -7.10
CA LYS A 55 -4.21 -0.79 -7.45
C LYS A 55 -4.98 -0.26 -6.24
N ASP A 56 -5.85 -1.10 -5.69
CA ASP A 56 -6.65 -0.72 -4.53
C ASP A 56 -5.81 0.07 -3.53
N ILE A 57 -4.54 -0.30 -3.40
CA ILE A 57 -3.64 0.36 -2.48
C ILE A 57 -3.25 1.74 -2.99
N SER A 58 -3.02 2.67 -2.07
CA SER A 58 -2.65 4.03 -2.43
C SER A 58 -1.38 4.45 -1.69
N PRO A 59 -0.52 5.22 -2.38
CA PRO A 59 0.74 5.72 -1.81
C PRO A 59 0.52 6.76 -0.74
N ALA A 60 0.62 6.35 0.52
CA ALA A 60 0.43 7.25 1.65
C ALA A 60 1.44 8.39 1.59
N ALA A 61 1.08 9.52 2.22
CA ALA A 61 1.95 10.69 2.25
C ALA A 61 2.25 11.12 3.69
N LEU A 62 3.24 11.98 3.85
CA LEU A 62 3.61 12.48 5.17
C LEU A 62 2.60 13.48 5.69
N SER A 63 1.63 13.00 6.45
CA SER A 63 0.58 13.86 7.01
C SER A 63 0.59 13.80 8.53
N GLY A 64 0.13 14.88 9.15
CA GLY A 64 0.08 14.94 10.60
C GLY A 64 0.57 16.26 11.15
N PRO A 65 -0.03 16.69 12.27
CA PRO A 65 0.34 17.96 12.92
C PRO A 65 1.73 17.91 13.56
N SER A 66 1.97 16.86 14.34
CA SER A 66 3.25 16.70 15.01
C SER A 66 3.75 15.25 14.89
N SER A 67 5.05 15.07 15.07
CA SER A 67 5.65 13.74 14.98
C SER A 67 5.19 12.85 16.13
N GLY A 68 4.28 11.93 15.83
CA GLY A 68 3.78 11.02 16.85
C GLY A 68 2.47 10.36 16.43
N GLY A 1 14.40 11.75 -20.34
CA GLY A 1 13.35 10.75 -20.22
C GLY A 1 13.51 9.90 -18.97
N SER A 2 12.71 10.19 -17.96
CA SER A 2 12.77 9.45 -16.70
C SER A 2 11.40 8.89 -16.34
N SER A 3 10.36 9.69 -16.55
CA SER A 3 8.99 9.27 -16.25
C SER A 3 8.74 7.86 -16.73
N GLY A 4 8.23 7.01 -15.84
CA GLY A 4 7.95 5.63 -16.21
C GLY A 4 7.07 4.93 -15.19
N SER A 5 7.04 3.60 -15.24
CA SER A 5 6.24 2.82 -14.32
C SER A 5 6.93 2.69 -12.97
N SER A 6 6.14 2.73 -11.90
CA SER A 6 6.67 2.62 -10.55
C SER A 6 7.39 1.29 -10.34
N GLY A 7 8.62 1.35 -9.89
CA GLY A 7 9.39 0.13 -9.66
C GLY A 7 9.32 -0.33 -8.22
N PRO A 8 10.29 0.12 -7.40
CA PRO A 8 10.36 -0.25 -5.99
C PRO A 8 9.24 0.39 -5.17
N ARG A 9 8.11 -0.30 -5.08
CA ARG A 9 6.97 0.20 -4.33
C ARG A 9 6.16 -0.96 -3.74
N LEU A 10 5.30 -0.63 -2.78
CA LEU A 10 4.47 -1.65 -2.13
C LEU A 10 5.33 -2.77 -1.58
N TRP A 11 6.41 -2.42 -0.90
CA TRP A 11 7.32 -3.41 -0.32
C TRP A 11 6.95 -3.70 1.13
N GLU A 12 7.32 -4.88 1.60
CA GLU A 12 7.02 -5.28 2.98
C GLU A 12 7.55 -4.25 3.96
N GLY A 13 6.67 -3.75 4.82
CA GLY A 13 7.07 -2.75 5.80
C GLY A 13 6.97 -1.34 5.27
N GLN A 14 5.89 -1.04 4.57
CA GLN A 14 5.67 0.29 4.01
C GLN A 14 4.26 0.78 4.30
N ASP A 15 4.16 1.88 5.02
CA ASP A 15 2.87 2.47 5.36
C ASP A 15 2.13 2.93 4.11
N VAL A 16 0.98 2.34 3.85
CA VAL A 16 0.18 2.69 2.68
C VAL A 16 -1.27 2.97 3.07
N LEU A 17 -2.08 3.31 2.08
CA LEU A 17 -3.50 3.59 2.32
C LEU A 17 -4.39 2.71 1.43
N ALA A 18 -5.09 1.77 2.05
CA ALA A 18 -5.97 0.88 1.33
C ALA A 18 -7.40 1.44 1.28
N ARG A 19 -7.91 1.62 0.07
CA ARG A 19 -9.26 2.15 -0.10
C ARG A 19 -10.31 1.10 0.27
N TRP A 20 -11.54 1.55 0.49
CA TRP A 20 -12.63 0.66 0.85
C TRP A 20 -13.72 0.66 -0.21
N THR A 21 -14.75 -0.14 0.00
CA THR A 21 -15.86 -0.23 -0.94
C THR A 21 -16.64 1.07 -1.00
N ASP A 22 -16.66 1.79 0.12
CA ASP A 22 -17.38 3.07 0.20
C ASP A 22 -16.78 4.09 -0.75
N GLY A 23 -15.47 4.33 -0.61
CA GLY A 23 -14.80 5.29 -1.46
C GLY A 23 -13.82 6.16 -0.70
N LEU A 24 -13.23 5.61 0.36
CA LEU A 24 -12.28 6.34 1.18
C LEU A 24 -11.01 5.53 1.40
N LEU A 25 -9.92 6.22 1.73
CA LEU A 25 -8.64 5.56 1.97
C LEU A 25 -8.48 5.19 3.44
N TYR A 26 -8.01 3.97 3.69
CA TYR A 26 -7.80 3.50 5.05
C TYR A 26 -6.33 3.23 5.32
N LEU A 27 -5.92 3.43 6.58
CA LEU A 27 -4.53 3.21 6.98
C LEU A 27 -4.20 1.73 7.01
N GLY A 28 -3.27 1.30 6.16
CA GLY A 28 -2.88 -0.10 6.11
C GLY A 28 -1.38 -0.27 6.03
N THR A 29 -0.88 -1.41 6.52
CA THR A 29 0.54 -1.69 6.51
C THR A 29 0.85 -2.90 5.62
N ILE A 30 1.82 -2.73 4.73
CA ILE A 30 2.20 -3.81 3.82
C ILE A 30 2.73 -5.01 4.59
N LYS A 31 1.92 -6.05 4.70
CA LYS A 31 2.31 -7.26 5.40
C LYS A 31 2.95 -8.27 4.45
N LYS A 32 2.37 -8.40 3.25
CA LYS A 32 2.89 -9.31 2.25
C LYS A 32 2.73 -8.74 0.85
N VAL A 33 3.57 -9.20 -0.07
CA VAL A 33 3.52 -8.73 -1.45
C VAL A 33 3.62 -9.89 -2.43
N ASP A 34 2.55 -10.12 -3.19
CA ASP A 34 2.52 -11.20 -4.16
C ASP A 34 2.59 -10.65 -5.59
N SER A 35 3.43 -11.28 -6.41
CA SER A 35 3.60 -10.86 -7.79
C SER A 35 2.67 -11.64 -8.72
N ALA A 36 2.38 -12.87 -8.35
CA ALA A 36 1.51 -13.73 -9.14
C ALA A 36 0.17 -13.06 -9.39
N ARG A 37 -0.48 -12.62 -8.32
CA ARG A 37 -1.77 -11.96 -8.42
C ARG A 37 -1.63 -10.45 -8.31
N GLU A 38 -0.39 -9.98 -8.34
CA GLU A 38 -0.11 -8.54 -8.24
C GLU A 38 -0.91 -7.91 -7.12
N VAL A 39 -0.79 -8.48 -5.92
CA VAL A 39 -1.51 -7.97 -4.75
C VAL A 39 -0.57 -7.75 -3.57
N CYS A 40 -1.11 -7.27 -2.47
CA CYS A 40 -0.32 -7.02 -1.27
C CYS A 40 -1.17 -7.19 -0.01
N LEU A 41 -0.79 -8.15 0.84
CA LEU A 41 -1.52 -8.41 2.08
C LEU A 41 -1.29 -7.29 3.08
N VAL A 42 -2.32 -6.50 3.32
CA VAL A 42 -2.24 -5.38 4.27
C VAL A 42 -3.11 -5.66 5.50
N GLN A 43 -2.66 -5.14 6.64
CA GLN A 43 -3.40 -5.32 7.89
C GLN A 43 -4.03 -4.01 8.34
N PHE A 44 -5.19 -4.12 9.00
CA PHE A 44 -5.90 -2.95 9.49
C PHE A 44 -5.83 -2.86 11.01
N GLU A 45 -6.10 -1.66 11.54
CA GLU A 45 -6.07 -1.44 12.98
C GLU A 45 -6.85 -2.53 13.72
N ASP A 46 -7.81 -3.14 13.01
CA ASP A 46 -8.63 -4.19 13.59
C ASP A 46 -8.01 -5.57 13.33
N ASP A 47 -6.71 -5.67 13.50
CA ASP A 47 -6.01 -6.92 13.27
C ASP A 47 -6.56 -7.66 12.05
N SER A 48 -7.15 -6.89 11.13
CA SER A 48 -7.73 -7.46 9.93
C SER A 48 -6.69 -7.56 8.81
N GLN A 49 -6.19 -8.77 8.57
CA GLN A 49 -5.20 -8.98 7.53
C GLN A 49 -5.82 -9.67 6.32
N PHE A 50 -5.81 -8.98 5.18
CA PHE A 50 -6.37 -9.53 3.96
C PHE A 50 -5.49 -9.19 2.75
N LEU A 51 -5.83 -9.72 1.59
CA LEU A 51 -5.08 -9.49 0.37
C LEU A 51 -5.64 -8.28 -0.39
N VAL A 52 -4.86 -7.20 -0.41
CA VAL A 52 -5.28 -5.98 -1.11
C VAL A 52 -4.53 -5.82 -2.41
N LEU A 53 -5.27 -5.76 -3.52
CA LEU A 53 -4.67 -5.61 -4.84
C LEU A 53 -3.62 -4.51 -4.83
N TRP A 54 -2.84 -4.43 -5.91
CA TRP A 54 -1.79 -3.43 -6.03
C TRP A 54 -2.39 -2.05 -6.31
N LYS A 55 -3.40 -2.01 -7.17
CA LYS A 55 -4.06 -0.76 -7.52
C LYS A 55 -4.85 -0.22 -6.34
N ASP A 56 -5.71 -1.06 -5.77
CA ASP A 56 -6.53 -0.65 -4.63
C ASP A 56 -5.69 0.09 -3.59
N ILE A 57 -4.42 -0.27 -3.50
CA ILE A 57 -3.51 0.36 -2.55
C ILE A 57 -3.09 1.74 -3.04
N SER A 58 -3.13 2.72 -2.14
CA SER A 58 -2.75 4.08 -2.48
C SER A 58 -1.47 4.48 -1.76
N PRO A 59 -0.63 5.28 -2.45
CA PRO A 59 0.65 5.75 -1.89
C PRO A 59 0.46 6.76 -0.77
N ALA A 60 1.09 6.50 0.37
CA ALA A 60 0.99 7.40 1.51
C ALA A 60 2.17 8.36 1.57
N ALA A 61 1.92 9.61 1.16
CA ALA A 61 2.96 10.63 1.16
C ALA A 61 3.03 11.34 2.51
N LEU A 62 2.51 10.69 3.54
CA LEU A 62 2.51 11.26 4.89
C LEU A 62 3.94 11.45 5.39
N SER A 63 4.67 10.35 5.48
CA SER A 63 6.06 10.38 5.96
C SER A 63 6.96 11.07 4.94
N GLY A 64 8.22 11.27 5.32
CA GLY A 64 9.16 11.93 4.43
C GLY A 64 10.51 12.15 5.09
N PRO A 65 11.35 11.10 5.10
CA PRO A 65 12.69 11.17 5.70
C PRO A 65 13.64 12.05 4.90
N SER A 66 13.63 11.89 3.58
CA SER A 66 14.49 12.68 2.70
C SER A 66 14.16 12.41 1.24
N SER A 67 14.26 13.44 0.42
CA SER A 67 13.97 13.33 -1.00
C SER A 67 14.62 12.09 -1.59
N GLY A 68 13.80 11.16 -2.08
CA GLY A 68 14.32 9.93 -2.66
C GLY A 68 15.10 9.11 -1.67
N GLY A 1 14.38 2.18 -21.17
CA GLY A 1 14.49 3.11 -20.06
C GLY A 1 13.27 4.00 -19.93
N SER A 2 12.70 4.05 -18.73
CA SER A 2 11.52 4.87 -18.49
C SER A 2 11.92 6.20 -17.86
N SER A 3 12.70 6.14 -16.78
CA SER A 3 13.14 7.34 -16.08
C SER A 3 11.95 8.18 -15.63
N GLY A 4 11.03 7.55 -14.91
CA GLY A 4 9.85 8.26 -14.43
C GLY A 4 9.52 7.92 -12.99
N SER A 5 10.55 7.82 -12.15
CA SER A 5 10.36 7.51 -10.75
C SER A 5 9.68 6.14 -10.59
N SER A 6 10.10 5.19 -11.41
CA SER A 6 9.53 3.84 -11.36
C SER A 6 10.47 2.88 -10.66
N GLY A 7 10.08 2.45 -9.46
CA GLY A 7 10.90 1.53 -8.71
C GLY A 7 10.08 0.56 -7.88
N PRO A 8 10.74 -0.16 -6.95
CA PRO A 8 10.09 -1.13 -6.08
C PRO A 8 9.17 -0.47 -5.05
N ARG A 9 7.86 -0.49 -5.33
CA ARG A 9 6.88 0.11 -4.43
C ARG A 9 6.04 -0.97 -3.75
N LEU A 10 5.32 -0.57 -2.71
CA LEU A 10 4.47 -1.50 -1.97
C LEU A 10 5.30 -2.64 -1.39
N TRP A 11 6.43 -2.30 -0.78
CA TRP A 11 7.31 -3.31 -0.19
C TRP A 11 6.88 -3.63 1.25
N GLU A 12 7.23 -4.83 1.71
CA GLU A 12 6.87 -5.26 3.05
C GLU A 12 7.40 -4.27 4.09
N GLY A 13 6.50 -3.78 4.94
CA GLY A 13 6.88 -2.84 5.97
C GLY A 13 6.77 -1.39 5.50
N GLN A 14 5.72 -1.11 4.74
CA GLN A 14 5.51 0.24 4.22
C GLN A 14 4.09 0.72 4.52
N ASP A 15 4.00 1.84 5.26
CA ASP A 15 2.70 2.40 5.62
C ASP A 15 2.00 2.97 4.39
N VAL A 16 0.97 2.26 3.92
CA VAL A 16 0.21 2.69 2.75
C VAL A 16 -1.24 2.98 3.12
N LEU A 17 -2.03 3.37 2.12
CA LEU A 17 -3.43 3.67 2.35
C LEU A 17 -4.33 2.84 1.42
N ALA A 18 -5.06 1.90 2.02
CA ALA A 18 -5.95 1.03 1.26
C ALA A 18 -7.34 1.65 1.15
N ARG A 19 -7.76 1.92 -0.08
CA ARG A 19 -9.07 2.51 -0.33
C ARG A 19 -10.19 1.54 0.05
N TRP A 20 -11.40 2.07 0.20
CA TRP A 20 -12.54 1.25 0.57
C TRP A 20 -13.84 1.86 0.04
N THR A 21 -14.96 1.26 0.40
CA THR A 21 -16.28 1.74 -0.04
C THR A 21 -16.42 3.23 0.22
N ASP A 22 -17.33 3.87 -0.50
CA ASP A 22 -17.57 5.30 -0.35
C ASP A 22 -16.32 6.10 -0.71
N GLY A 23 -15.51 5.55 -1.60
CA GLY A 23 -14.30 6.22 -2.01
C GLY A 23 -13.57 6.87 -0.85
N LEU A 24 -12.89 6.07 -0.05
CA LEU A 24 -12.15 6.57 1.10
C LEU A 24 -10.87 5.76 1.33
N LEU A 25 -9.82 6.44 1.76
CA LEU A 25 -8.54 5.79 2.01
C LEU A 25 -8.44 5.34 3.46
N TYR A 26 -7.95 4.13 3.67
CA TYR A 26 -7.80 3.57 5.01
C TYR A 26 -6.33 3.31 5.34
N LEU A 27 -5.98 3.46 6.61
CA LEU A 27 -4.61 3.24 7.05
C LEU A 27 -4.27 1.75 7.06
N GLY A 28 -3.37 1.35 6.17
CA GLY A 28 -2.98 -0.04 6.10
C GLY A 28 -1.47 -0.22 5.98
N THR A 29 -0.96 -1.34 6.48
CA THR A 29 0.47 -1.62 6.43
C THR A 29 0.76 -2.81 5.52
N ILE A 30 1.80 -2.69 4.71
CA ILE A 30 2.19 -3.76 3.79
C ILE A 30 2.74 -4.95 4.57
N LYS A 31 1.94 -6.02 4.66
CA LYS A 31 2.34 -7.22 5.37
C LYS A 31 3.00 -8.21 4.41
N LYS A 32 2.43 -8.35 3.22
CA LYS A 32 2.96 -9.27 2.21
C LYS A 32 2.78 -8.70 0.81
N VAL A 33 3.61 -9.14 -0.12
CA VAL A 33 3.54 -8.68 -1.50
C VAL A 33 3.66 -9.84 -2.47
N ASP A 34 2.60 -10.06 -3.26
CA ASP A 34 2.59 -11.14 -4.24
C ASP A 34 2.62 -10.58 -5.66
N SER A 35 3.52 -11.11 -6.49
CA SER A 35 3.64 -10.67 -7.86
C SER A 35 2.73 -11.48 -8.78
N ALA A 36 2.49 -12.73 -8.41
CA ALA A 36 1.63 -13.61 -9.20
C ALA A 36 0.27 -12.97 -9.46
N ARG A 37 -0.47 -12.70 -8.38
CA ARG A 37 -1.78 -12.09 -8.49
C ARG A 37 -1.69 -10.57 -8.41
N GLU A 38 -0.46 -10.06 -8.38
CA GLU A 38 -0.23 -8.63 -8.29
C GLU A 38 -1.04 -8.02 -7.15
N VAL A 39 -0.88 -8.58 -5.96
CA VAL A 39 -1.60 -8.09 -4.77
C VAL A 39 -0.63 -7.85 -3.62
N CYS A 40 -1.17 -7.36 -2.51
CA CYS A 40 -0.36 -7.07 -1.32
C CYS A 40 -1.17 -7.26 -0.05
N LEU A 41 -0.75 -8.19 0.80
CA LEU A 41 -1.44 -8.47 2.05
C LEU A 41 -1.24 -7.33 3.04
N VAL A 42 -2.30 -6.55 3.25
CA VAL A 42 -2.25 -5.41 4.17
C VAL A 42 -3.13 -5.66 5.38
N GLN A 43 -2.68 -5.19 6.54
CA GLN A 43 -3.43 -5.37 7.79
C GLN A 43 -4.12 -4.07 8.19
N PHE A 44 -5.20 -4.19 8.97
CA PHE A 44 -5.95 -3.03 9.41
C PHE A 44 -5.87 -2.88 10.93
N GLU A 45 -6.19 -1.69 11.42
CA GLU A 45 -6.15 -1.41 12.85
C GLU A 45 -6.94 -2.46 13.62
N ASP A 46 -7.84 -3.14 12.93
CA ASP A 46 -8.68 -4.18 13.55
C ASP A 46 -8.06 -5.56 13.34
N ASP A 47 -6.75 -5.66 13.55
CA ASP A 47 -6.06 -6.93 13.39
C ASP A 47 -6.60 -7.70 12.18
N SER A 48 -7.15 -6.96 11.22
CA SER A 48 -7.71 -7.58 10.03
C SER A 48 -6.67 -7.63 8.91
N GLN A 49 -6.14 -8.83 8.66
CA GLN A 49 -5.13 -9.02 7.62
C GLN A 49 -5.72 -9.76 6.43
N PHE A 50 -5.74 -9.10 5.27
CA PHE A 50 -6.27 -9.70 4.06
C PHE A 50 -5.40 -9.35 2.85
N LEU A 51 -5.77 -9.88 1.69
CA LEU A 51 -5.02 -9.63 0.46
C LEU A 51 -5.62 -8.44 -0.29
N VAL A 52 -4.87 -7.34 -0.34
CA VAL A 52 -5.31 -6.14 -1.03
C VAL A 52 -4.56 -5.95 -2.35
N LEU A 53 -5.31 -5.93 -3.45
CA LEU A 53 -4.71 -5.75 -4.77
C LEU A 53 -3.70 -4.61 -4.76
N TRP A 54 -2.97 -4.46 -5.86
CA TRP A 54 -1.98 -3.41 -5.98
C TRP A 54 -2.64 -2.07 -6.27
N LYS A 55 -3.65 -2.09 -7.14
CA LYS A 55 -4.37 -0.87 -7.50
C LYS A 55 -5.13 -0.31 -6.29
N ASP A 56 -5.99 -1.13 -5.71
CA ASP A 56 -6.78 -0.71 -4.55
C ASP A 56 -5.91 0.08 -3.57
N ILE A 57 -4.67 -0.35 -3.41
CA ILE A 57 -3.74 0.32 -2.50
C ILE A 57 -3.35 1.70 -3.02
N SER A 58 -3.04 2.61 -2.11
CA SER A 58 -2.66 3.97 -2.48
C SER A 58 -1.38 4.38 -1.77
N PRO A 59 -0.53 5.13 -2.48
CA PRO A 59 0.75 5.61 -1.94
C PRO A 59 0.56 6.67 -0.86
N ALA A 60 1.10 6.40 0.32
CA ALA A 60 0.99 7.33 1.44
C ALA A 60 2.04 8.44 1.34
N ALA A 61 2.27 8.92 0.12
CA ALA A 61 3.26 9.98 -0.11
C ALA A 61 2.62 11.35 0.03
N LEU A 62 1.50 11.41 0.74
CA LEU A 62 0.79 12.66 0.94
C LEU A 62 0.78 13.05 2.42
N SER A 63 0.36 12.11 3.26
CA SER A 63 0.30 12.35 4.70
C SER A 63 1.45 11.64 5.42
N GLY A 64 2.17 12.39 6.26
CA GLY A 64 3.28 11.82 6.99
C GLY A 64 4.37 11.32 6.08
N PRO A 65 5.64 11.43 6.53
CA PRO A 65 6.80 10.99 5.76
C PRO A 65 6.88 9.47 5.65
N SER A 66 7.56 8.99 4.62
CA SER A 66 7.71 7.55 4.40
C SER A 66 8.55 6.93 5.51
N SER A 67 7.88 6.27 6.45
CA SER A 67 8.57 5.63 7.56
C SER A 67 9.78 4.83 7.08
N GLY A 68 9.58 4.06 6.01
CA GLY A 68 10.66 3.27 5.45
C GLY A 68 11.58 4.08 4.55
N GLY A 1 0.53 0.01 -26.44
CA GLY A 1 0.26 -0.64 -25.17
C GLY A 1 1.51 -0.82 -24.33
N SER A 2 1.54 -0.13 -23.19
CA SER A 2 2.69 -0.21 -22.29
C SER A 2 2.33 -0.92 -21.00
N SER A 3 3.34 -1.26 -20.19
CA SER A 3 3.12 -1.94 -18.93
C SER A 3 4.17 -1.52 -17.90
N GLY A 4 3.95 -1.91 -16.65
CA GLY A 4 4.88 -1.58 -15.58
C GLY A 4 5.66 -2.78 -15.10
N SER A 5 6.95 -2.82 -15.40
CA SER A 5 7.81 -3.92 -15.00
C SER A 5 7.88 -4.01 -13.48
N SER A 6 8.49 -5.10 -12.98
CA SER A 6 8.63 -5.30 -11.55
C SER A 6 9.09 -4.02 -10.85
N GLY A 7 8.52 -3.75 -9.68
CA GLY A 7 8.88 -2.56 -8.94
C GLY A 7 8.92 -2.80 -7.44
N PRO A 8 9.85 -2.11 -6.75
CA PRO A 8 10.01 -2.24 -5.30
C PRO A 8 8.83 -1.63 -4.53
N ARG A 9 8.09 -0.75 -5.19
CA ARG A 9 6.95 -0.10 -4.57
C ARG A 9 6.08 -1.11 -3.82
N LEU A 10 5.41 -0.63 -2.77
CA LEU A 10 4.56 -1.50 -1.97
C LEU A 10 5.35 -2.66 -1.39
N TRP A 11 6.51 -2.36 -0.81
CA TRP A 11 7.35 -3.38 -0.20
C TRP A 11 6.92 -3.68 1.23
N GLU A 12 7.23 -4.89 1.69
CA GLU A 12 6.87 -5.30 3.04
C GLU A 12 7.42 -4.31 4.07
N GLY A 13 6.53 -3.77 4.90
CA GLY A 13 6.95 -2.83 5.92
C GLY A 13 6.89 -1.40 5.44
N GLN A 14 5.83 -1.07 4.71
CA GLN A 14 5.65 0.28 4.18
C GLN A 14 4.25 0.79 4.46
N ASP A 15 4.16 2.00 5.02
CA ASP A 15 2.88 2.61 5.34
C ASP A 15 2.12 2.98 4.07
N VAL A 16 0.99 2.31 3.84
CA VAL A 16 0.18 2.58 2.66
C VAL A 16 -1.27 2.85 3.04
N LEU A 17 -2.07 3.25 2.06
CA LEU A 17 -3.48 3.54 2.30
C LEU A 17 -4.38 2.67 1.42
N ALA A 18 -5.09 1.74 2.05
CA ALA A 18 -5.98 0.84 1.32
C ALA A 18 -7.39 1.43 1.23
N ARG A 19 -7.85 1.66 0.01
CA ARG A 19 -9.18 2.22 -0.21
C ARG A 19 -10.26 1.15 0.00
N TRP A 20 -11.50 1.60 0.19
CA TRP A 20 -12.61 0.69 0.40
C TRP A 20 -13.72 0.92 -0.62
N THR A 21 -14.72 0.06 -0.62
CA THR A 21 -15.83 0.17 -1.55
C THR A 21 -16.45 1.56 -1.51
N ASP A 22 -16.76 2.03 -0.31
CA ASP A 22 -17.36 3.35 -0.13
C ASP A 22 -16.65 4.38 -0.99
N GLY A 23 -15.33 4.41 -0.91
CA GLY A 23 -14.55 5.35 -1.69
C GLY A 23 -13.62 6.18 -0.83
N LEU A 24 -13.17 5.62 0.28
CA LEU A 24 -12.27 6.31 1.19
C LEU A 24 -10.99 5.51 1.39
N LEU A 25 -9.91 6.22 1.76
CA LEU A 25 -8.63 5.57 1.99
C LEU A 25 -8.47 5.18 3.45
N TYR A 26 -7.99 3.96 3.68
CA TYR A 26 -7.79 3.45 5.04
C TYR A 26 -6.31 3.19 5.31
N LEU A 27 -5.91 3.39 6.56
CA LEU A 27 -4.52 3.17 6.96
C LEU A 27 -4.19 1.69 6.99
N GLY A 28 -3.26 1.27 6.14
CA GLY A 28 -2.87 -0.12 6.09
C GLY A 28 -1.36 -0.31 6.01
N THR A 29 -0.87 -1.42 6.54
CA THR A 29 0.56 -1.70 6.52
C THR A 29 0.88 -2.90 5.63
N ILE A 30 1.82 -2.73 4.72
CA ILE A 30 2.22 -3.79 3.81
C ILE A 30 2.75 -4.99 4.58
N LYS A 31 1.93 -6.03 4.70
CA LYS A 31 2.32 -7.24 5.40
C LYS A 31 2.96 -8.25 4.44
N LYS A 32 2.38 -8.38 3.26
CA LYS A 32 2.89 -9.31 2.25
C LYS A 32 2.72 -8.73 0.85
N VAL A 33 3.57 -9.18 -0.07
CA VAL A 33 3.51 -8.71 -1.45
C VAL A 33 3.59 -9.87 -2.43
N ASP A 34 2.53 -10.06 -3.21
CA ASP A 34 2.49 -11.13 -4.20
C ASP A 34 2.44 -10.57 -5.61
N SER A 35 3.39 -11.00 -6.45
CA SER A 35 3.46 -10.53 -7.83
C SER A 35 2.54 -11.36 -8.72
N ALA A 36 2.51 -12.67 -8.48
CA ALA A 36 1.68 -13.57 -9.27
C ALA A 36 0.30 -12.96 -9.52
N ARG A 37 -0.31 -12.43 -8.46
CA ARG A 37 -1.63 -11.83 -8.57
C ARG A 37 -1.54 -10.31 -8.47
N GLU A 38 -0.32 -9.80 -8.37
CA GLU A 38 -0.09 -8.36 -8.26
C GLU A 38 -0.92 -7.77 -7.12
N VAL A 39 -0.76 -8.34 -5.92
CA VAL A 39 -1.49 -7.87 -4.76
C VAL A 39 -0.55 -7.67 -3.57
N CYS A 40 -1.10 -7.19 -2.46
CA CYS A 40 -0.31 -6.95 -1.26
C CYS A 40 -1.17 -7.12 0.00
N LEU A 41 -0.80 -8.08 0.83
CA LEU A 41 -1.54 -8.35 2.06
C LEU A 41 -1.29 -7.24 3.09
N VAL A 42 -2.33 -6.45 3.35
CA VAL A 42 -2.23 -5.36 4.32
C VAL A 42 -3.07 -5.65 5.57
N GLN A 43 -2.61 -5.13 6.70
CA GLN A 43 -3.33 -5.33 7.96
C GLN A 43 -3.97 -4.03 8.43
N PHE A 44 -5.20 -4.12 8.92
CA PHE A 44 -5.92 -2.96 9.41
C PHE A 44 -5.85 -2.87 10.93
N GLU A 45 -6.12 -1.69 11.47
CA GLU A 45 -6.10 -1.47 12.91
C GLU A 45 -6.94 -2.52 13.63
N ASP A 46 -7.89 -3.09 12.92
CA ASP A 46 -8.77 -4.11 13.48
C ASP A 46 -8.21 -5.51 13.25
N ASP A 47 -6.90 -5.66 13.48
CA ASP A 47 -6.24 -6.95 13.30
C ASP A 47 -6.80 -7.69 12.09
N SER A 48 -7.29 -6.93 11.12
CA SER A 48 -7.86 -7.50 9.91
C SER A 48 -6.81 -7.57 8.80
N GLN A 49 -6.23 -8.76 8.61
CA GLN A 49 -5.22 -8.96 7.58
C GLN A 49 -5.80 -9.69 6.38
N PHE A 50 -5.80 -9.01 5.24
CA PHE A 50 -6.33 -9.59 4.01
C PHE A 50 -5.46 -9.23 2.81
N LEU A 51 -5.81 -9.76 1.64
CA LEU A 51 -5.06 -9.49 0.42
C LEU A 51 -5.65 -8.30 -0.33
N VAL A 52 -4.88 -7.22 -0.41
CA VAL A 52 -5.32 -6.01 -1.11
C VAL A 52 -4.58 -5.84 -2.43
N LEU A 53 -5.33 -5.82 -3.53
CA LEU A 53 -4.74 -5.66 -4.85
C LEU A 53 -3.70 -4.54 -4.86
N TRP A 54 -2.92 -4.46 -5.93
CA TRP A 54 -1.89 -3.44 -6.05
C TRP A 54 -2.51 -2.07 -6.35
N LYS A 55 -3.55 -2.07 -7.18
CA LYS A 55 -4.23 -0.83 -7.54
C LYS A 55 -4.99 -0.25 -6.35
N ASP A 56 -5.84 -1.08 -5.74
CA ASP A 56 -6.62 -0.64 -4.59
C ASP A 56 -5.77 0.15 -3.61
N ILE A 57 -4.53 -0.32 -3.40
CA ILE A 57 -3.61 0.36 -2.48
C ILE A 57 -3.24 1.74 -3.00
N SER A 58 -2.98 2.66 -2.08
CA SER A 58 -2.61 4.02 -2.43
C SER A 58 -1.33 4.44 -1.73
N PRO A 59 -0.50 5.24 -2.43
CA PRO A 59 0.78 5.72 -1.90
C PRO A 59 0.59 6.75 -0.78
N ALA A 60 0.78 6.31 0.45
CA ALA A 60 0.63 7.18 1.61
C ALA A 60 1.68 8.29 1.60
N ALA A 61 1.24 9.51 1.34
CA ALA A 61 2.14 10.65 1.30
C ALA A 61 1.37 11.97 1.18
N LEU A 62 2.03 13.06 1.50
CA LEU A 62 1.41 14.38 1.43
C LEU A 62 1.67 15.04 0.08
N SER A 63 2.94 15.26 -0.23
CA SER A 63 3.32 15.88 -1.49
C SER A 63 3.79 14.84 -2.50
N GLY A 64 3.94 15.24 -3.75
CA GLY A 64 4.37 14.33 -4.80
C GLY A 64 5.87 14.07 -4.74
N PRO A 65 6.39 13.44 -5.80
CA PRO A 65 7.81 13.10 -5.89
C PRO A 65 8.69 14.35 -6.07
N SER A 66 9.11 14.93 -4.96
CA SER A 66 9.94 16.13 -4.99
C SER A 66 10.73 16.27 -3.69
N SER A 67 12.06 16.13 -3.78
CA SER A 67 12.93 16.24 -2.62
C SER A 67 12.74 17.59 -1.93
N GLY A 68 12.66 18.64 -2.72
CA GLY A 68 12.47 19.97 -2.17
C GLY A 68 13.71 20.84 -2.32
N GLY A 1 21.88 6.23 -15.18
CA GLY A 1 20.48 6.30 -14.81
C GLY A 1 20.13 5.29 -13.74
N SER A 2 20.80 5.39 -12.59
CA SER A 2 20.55 4.47 -11.48
C SER A 2 19.27 4.86 -10.73
N SER A 3 18.18 4.17 -11.06
CA SER A 3 16.89 4.44 -10.43
C SER A 3 16.96 4.22 -8.92
N GLY A 4 16.19 4.99 -8.17
CA GLY A 4 16.19 4.86 -6.73
C GLY A 4 14.80 4.60 -6.17
N SER A 5 14.44 5.33 -5.12
CA SER A 5 13.13 5.18 -4.49
C SER A 5 12.02 5.48 -5.48
N SER A 6 11.15 4.50 -5.71
CA SER A 6 10.04 4.66 -6.64
C SER A 6 8.78 5.12 -5.91
N GLY A 7 8.32 4.32 -4.95
CA GLY A 7 7.14 4.66 -4.19
C GLY A 7 6.13 3.53 -4.16
N PRO A 8 5.62 3.17 -5.35
CA PRO A 8 4.62 2.09 -5.48
C PRO A 8 5.22 0.71 -5.20
N ARG A 9 6.49 0.69 -4.84
CA ARG A 9 7.18 -0.57 -4.55
C ARG A 9 6.31 -1.47 -3.67
N LEU A 10 5.64 -0.87 -2.70
CA LEU A 10 4.78 -1.63 -1.79
C LEU A 10 5.53 -2.79 -1.17
N TRP A 11 6.71 -2.52 -0.61
CA TRP A 11 7.52 -3.55 0.01
C TRP A 11 7.02 -3.87 1.42
N GLU A 12 7.39 -5.04 1.92
CA GLU A 12 6.97 -5.45 3.25
C GLU A 12 7.50 -4.50 4.32
N GLY A 13 6.58 -3.87 5.04
CA GLY A 13 6.98 -2.94 6.09
C GLY A 13 6.88 -1.50 5.63
N GLN A 14 5.94 -1.22 4.73
CA GLN A 14 5.76 0.14 4.21
C GLN A 14 4.35 0.63 4.48
N ASP A 15 4.24 1.73 5.22
CA ASP A 15 2.94 2.31 5.56
C ASP A 15 2.23 2.79 4.29
N VAL A 16 1.03 2.25 4.06
CA VAL A 16 0.25 2.63 2.89
C VAL A 16 -1.22 2.83 3.25
N LEU A 17 -2.04 3.15 2.25
CA LEU A 17 -3.46 3.37 2.46
C LEU A 17 -4.29 2.45 1.58
N ALA A 18 -5.14 1.63 2.20
CA ALA A 18 -5.99 0.71 1.47
C ALA A 18 -7.41 1.25 1.35
N ARG A 19 -7.90 1.33 0.12
CA ARG A 19 -9.24 1.84 -0.13
C ARG A 19 -10.29 0.75 0.12
N TRP A 20 -11.11 0.94 1.15
CA TRP A 20 -12.15 -0.02 1.49
C TRP A 20 -13.50 0.44 0.98
N THR A 21 -14.08 1.43 1.66
CA THR A 21 -15.39 1.96 1.27
C THR A 21 -15.37 2.45 -0.17
N ASP A 22 -16.53 2.89 -0.65
CA ASP A 22 -16.65 3.39 -2.01
C ASP A 22 -15.38 4.10 -2.46
N GLY A 23 -15.16 5.30 -1.91
CA GLY A 23 -13.97 6.06 -2.26
C GLY A 23 -13.28 6.65 -1.05
N LEU A 24 -12.88 5.77 -0.13
CA LEU A 24 -12.20 6.20 1.09
C LEU A 24 -10.95 5.36 1.34
N LEU A 25 -9.86 6.04 1.70
CA LEU A 25 -8.59 5.37 1.96
C LEU A 25 -8.45 5.06 3.45
N TYR A 26 -7.99 3.85 3.76
CA TYR A 26 -7.80 3.43 5.14
C TYR A 26 -6.33 3.15 5.44
N LEU A 27 -5.93 3.37 6.68
CA LEU A 27 -4.54 3.14 7.09
C LEU A 27 -4.22 1.65 7.10
N GLY A 28 -3.24 1.26 6.29
CA GLY A 28 -2.85 -0.13 6.22
C GLY A 28 -1.34 -0.30 6.15
N THR A 29 -0.87 -1.49 6.51
CA THR A 29 0.56 -1.77 6.49
C THR A 29 0.87 -2.96 5.59
N ILE A 30 1.84 -2.77 4.69
CA ILE A 30 2.23 -3.83 3.76
C ILE A 30 2.75 -5.05 4.51
N LYS A 31 1.88 -6.03 4.72
CA LYS A 31 2.26 -7.25 5.42
C LYS A 31 2.90 -8.25 4.47
N LYS A 32 2.31 -8.40 3.29
CA LYS A 32 2.84 -9.31 2.29
C LYS A 32 2.72 -8.72 0.88
N VAL A 33 3.55 -9.20 -0.04
CA VAL A 33 3.52 -8.72 -1.42
C VAL A 33 3.64 -9.87 -2.40
N ASP A 34 2.58 -10.10 -3.17
CA ASP A 34 2.57 -11.16 -4.16
C ASP A 34 2.65 -10.60 -5.58
N SER A 35 3.54 -11.16 -6.39
CA SER A 35 3.73 -10.72 -7.76
C SER A 35 2.81 -11.48 -8.71
N ALA A 36 2.59 -12.76 -8.39
CA ALA A 36 1.73 -13.61 -9.21
C ALA A 36 0.37 -12.96 -9.44
N ARG A 37 -0.32 -12.65 -8.34
CA ARG A 37 -1.64 -12.04 -8.42
C ARG A 37 -1.53 -10.51 -8.37
N GLU A 38 -0.30 -10.01 -8.34
CA GLU A 38 -0.06 -8.58 -8.28
C GLU A 38 -0.87 -7.93 -7.15
N VAL A 39 -0.76 -8.51 -5.96
CA VAL A 39 -1.48 -7.99 -4.80
C VAL A 39 -0.54 -7.77 -3.62
N CYS A 40 -1.08 -7.23 -2.53
CA CYS A 40 -0.29 -6.97 -1.34
C CYS A 40 -1.14 -7.11 -0.08
N LEU A 41 -0.78 -8.05 0.78
CA LEU A 41 -1.52 -8.28 2.02
C LEU A 41 -1.30 -7.14 3.00
N VAL A 42 -2.33 -6.31 3.19
CA VAL A 42 -2.25 -5.18 4.10
C VAL A 42 -3.07 -5.44 5.36
N GLN A 43 -2.60 -4.91 6.48
CA GLN A 43 -3.29 -5.08 7.76
C GLN A 43 -3.98 -3.79 8.17
N PHE A 44 -5.13 -3.92 8.85
CA PHE A 44 -5.89 -2.76 9.30
C PHE A 44 -5.80 -2.62 10.82
N GLU A 45 -6.09 -1.42 11.31
CA GLU A 45 -6.04 -1.15 12.74
C GLU A 45 -6.84 -2.19 13.52
N ASP A 46 -7.81 -2.81 12.85
CA ASP A 46 -8.64 -3.83 13.48
C ASP A 46 -8.07 -5.22 13.25
N ASP A 47 -6.76 -5.34 13.45
CA ASP A 47 -6.07 -6.62 13.27
C ASP A 47 -6.65 -7.38 12.06
N SER A 48 -7.19 -6.63 11.11
CA SER A 48 -7.77 -7.22 9.91
C SER A 48 -6.75 -7.27 8.77
N GLN A 49 -6.18 -8.44 8.54
CA GLN A 49 -5.19 -8.62 7.50
C GLN A 49 -5.77 -9.41 6.33
N PHE A 50 -5.81 -8.79 5.16
CA PHE A 50 -6.34 -9.43 3.96
C PHE A 50 -5.48 -9.12 2.74
N LEU A 51 -5.86 -9.67 1.59
CA LEU A 51 -5.13 -9.45 0.35
C LEU A 51 -5.69 -8.26 -0.41
N VAL A 52 -4.90 -7.19 -0.49
CA VAL A 52 -5.31 -5.98 -1.20
C VAL A 52 -4.56 -5.82 -2.51
N LEU A 53 -5.29 -5.80 -3.62
CA LEU A 53 -4.69 -5.65 -4.94
C LEU A 53 -3.70 -4.48 -4.96
N TRP A 54 -2.90 -4.41 -6.01
CA TRP A 54 -1.91 -3.34 -6.15
C TRP A 54 -2.58 -2.03 -6.51
N LYS A 55 -3.68 -2.11 -7.26
CA LYS A 55 -4.42 -0.93 -7.67
C LYS A 55 -5.30 -0.41 -6.54
N ASP A 56 -5.87 -1.34 -5.77
CA ASP A 56 -6.72 -0.98 -4.65
C ASP A 56 -5.93 -0.22 -3.58
N ILE A 57 -4.61 -0.37 -3.62
CA ILE A 57 -3.75 0.29 -2.65
C ILE A 57 -3.40 1.71 -3.10
N SER A 58 -3.14 2.58 -2.13
CA SER A 58 -2.80 3.97 -2.43
C SER A 58 -1.58 4.42 -1.62
N PRO A 59 -0.75 5.28 -2.23
CA PRO A 59 0.45 5.80 -1.58
C PRO A 59 0.13 6.76 -0.44
N ALA A 60 0.71 6.51 0.73
CA ALA A 60 0.50 7.35 1.89
C ALA A 60 1.39 8.57 1.85
N ALA A 61 0.79 9.76 1.77
CA ALA A 61 1.54 11.01 1.73
C ALA A 61 0.98 12.01 2.73
N LEU A 62 0.22 11.51 3.70
CA LEU A 62 -0.36 12.36 4.73
C LEU A 62 0.23 12.07 6.10
N SER A 63 1.03 13.00 6.60
CA SER A 63 1.66 12.84 7.91
C SER A 63 1.47 14.09 8.76
N GLY A 64 1.28 13.89 10.06
CA GLY A 64 1.09 15.00 10.97
C GLY A 64 1.02 14.56 12.42
N PRO A 65 -0.10 13.94 12.81
CA PRO A 65 -0.31 13.47 14.18
C PRO A 65 0.57 12.28 14.52
N SER A 66 1.07 11.60 13.49
CA SER A 66 1.93 10.44 13.68
C SER A 66 2.97 10.34 12.57
N SER A 67 4.16 9.89 12.92
CA SER A 67 5.24 9.75 11.95
C SER A 67 5.00 8.54 11.04
N GLY A 68 5.48 8.64 9.80
CA GLY A 68 5.31 7.56 8.85
C GLY A 68 5.49 6.19 9.49
N GLY A 1 18.47 5.30 -21.59
CA GLY A 1 19.03 4.82 -20.35
C GLY A 1 17.95 4.37 -19.37
N SER A 2 18.00 4.91 -18.15
CA SER A 2 17.03 4.57 -17.12
C SER A 2 16.52 5.82 -16.42
N SER A 3 15.41 5.67 -15.70
CA SER A 3 14.81 6.79 -14.99
C SER A 3 14.72 6.49 -13.49
N GLY A 4 14.35 7.50 -12.71
CA GLY A 4 14.23 7.33 -11.27
C GLY A 4 13.20 6.28 -10.91
N SER A 5 12.57 6.46 -9.75
CA SER A 5 11.56 5.51 -9.28
C SER A 5 12.04 4.08 -9.46
N SER A 6 13.25 3.78 -8.99
CA SER A 6 13.82 2.45 -9.11
C SER A 6 13.71 1.70 -7.79
N GLY A 7 12.54 1.77 -7.17
CA GLY A 7 12.32 1.09 -5.91
C GLY A 7 11.09 0.20 -5.93
N PRO A 8 11.15 -0.93 -5.21
CA PRO A 8 10.05 -1.88 -5.13
C PRO A 8 8.86 -1.33 -4.34
N ARG A 9 8.05 -0.51 -5.01
CA ARG A 9 6.88 0.08 -4.37
C ARG A 9 6.07 -0.97 -3.62
N LEU A 10 5.35 -0.54 -2.59
CA LEU A 10 4.54 -1.44 -1.79
C LEU A 10 5.37 -2.62 -1.29
N TRP A 11 6.49 -2.33 -0.65
CA TRP A 11 7.37 -3.36 -0.12
C TRP A 11 7.00 -3.72 1.31
N GLU A 12 7.41 -4.90 1.75
CA GLU A 12 7.12 -5.36 3.10
C GLU A 12 7.62 -4.36 4.13
N GLY A 13 6.69 -3.81 4.90
CA GLY A 13 7.05 -2.84 5.93
C GLY A 13 7.01 -1.42 5.42
N GLN A 14 5.93 -1.07 4.73
CA GLN A 14 5.77 0.27 4.18
C GLN A 14 4.36 0.78 4.42
N ASP A 15 4.26 1.97 5.02
CA ASP A 15 2.96 2.58 5.31
C ASP A 15 2.21 2.90 4.01
N VAL A 16 0.99 2.38 3.90
CA VAL A 16 0.18 2.61 2.72
C VAL A 16 -1.28 2.87 3.10
N LEU A 17 -2.10 3.18 2.10
CA LEU A 17 -3.52 3.45 2.34
C LEU A 17 -4.39 2.53 1.48
N ALA A 18 -5.09 1.60 2.13
CA ALA A 18 -5.96 0.67 1.44
C ALA A 18 -7.39 1.21 1.36
N ARG A 19 -7.82 1.57 0.17
CA ARG A 19 -9.17 2.10 -0.03
C ARG A 19 -10.22 1.08 0.39
N TRP A 20 -11.46 1.53 0.52
CA TRP A 20 -12.56 0.66 0.91
C TRP A 20 -13.71 0.77 -0.07
N THR A 21 -14.77 -0.01 0.17
CA THR A 21 -15.94 -0.01 -0.70
C THR A 21 -16.53 1.39 -0.82
N ASP A 22 -16.83 2.00 0.32
CA ASP A 22 -17.41 3.34 0.36
C ASP A 22 -16.73 4.24 -0.68
N GLY A 23 -15.40 4.33 -0.59
CA GLY A 23 -14.66 5.16 -1.52
C GLY A 23 -13.65 6.06 -0.82
N LEU A 24 -13.19 5.63 0.34
CA LEU A 24 -12.21 6.40 1.12
C LEU A 24 -10.96 5.59 1.38
N LEU A 25 -9.84 6.29 1.60
CA LEU A 25 -8.57 5.62 1.88
C LEU A 25 -8.44 5.30 3.36
N TYR A 26 -7.99 4.08 3.64
CA TYR A 26 -7.81 3.64 5.03
C TYR A 26 -6.34 3.35 5.32
N LEU A 27 -5.92 3.63 6.55
CA LEU A 27 -4.54 3.39 6.96
C LEU A 27 -4.25 1.90 7.05
N GLY A 28 -3.25 1.45 6.28
CA GLY A 28 -2.89 0.05 6.29
C GLY A 28 -1.40 -0.16 6.14
N THR A 29 -0.91 -1.30 6.62
CA THR A 29 0.52 -1.63 6.54
C THR A 29 0.76 -2.82 5.63
N ILE A 30 1.85 -2.75 4.86
CA ILE A 30 2.19 -3.84 3.94
C ILE A 30 2.70 -5.05 4.70
N LYS A 31 1.90 -6.12 4.70
CA LYS A 31 2.27 -7.36 5.38
C LYS A 31 2.89 -8.35 4.41
N LYS A 32 2.31 -8.45 3.22
CA LYS A 32 2.81 -9.36 2.19
C LYS A 32 2.69 -8.74 0.81
N VAL A 33 3.57 -9.14 -0.09
CA VAL A 33 3.55 -8.64 -1.46
C VAL A 33 3.70 -9.77 -2.47
N ASP A 34 2.68 -9.94 -3.31
CA ASP A 34 2.69 -10.98 -4.32
C ASP A 34 2.79 -10.38 -5.72
N SER A 35 3.64 -10.97 -6.56
CA SER A 35 3.83 -10.49 -7.91
C SER A 35 2.93 -11.25 -8.89
N ALA A 36 2.66 -12.50 -8.58
CA ALA A 36 1.82 -13.34 -9.43
C ALA A 36 0.45 -12.71 -9.63
N ARG A 37 -0.29 -12.52 -8.54
CA ARG A 37 -1.62 -11.92 -8.61
C ARG A 37 -1.53 -10.40 -8.50
N GLU A 38 -0.32 -9.88 -8.41
CA GLU A 38 -0.10 -8.45 -8.31
C GLU A 38 -0.92 -7.85 -7.17
N VAL A 39 -0.79 -8.45 -5.99
CA VAL A 39 -1.51 -7.98 -4.81
C VAL A 39 -0.57 -7.75 -3.63
N CYS A 40 -1.13 -7.34 -2.50
CA CYS A 40 -0.35 -7.08 -1.30
C CYS A 40 -1.20 -7.22 -0.05
N LEU A 41 -0.84 -8.17 0.81
CA LEU A 41 -1.57 -8.40 2.04
C LEU A 41 -1.33 -7.28 3.05
N VAL A 42 -2.33 -6.43 3.24
CA VAL A 42 -2.23 -5.31 4.17
C VAL A 42 -3.13 -5.54 5.39
N GLN A 43 -2.62 -5.16 6.57
CA GLN A 43 -3.36 -5.32 7.80
C GLN A 43 -4.05 -4.01 8.20
N PHE A 44 -5.15 -4.12 8.93
CA PHE A 44 -5.90 -2.95 9.37
C PHE A 44 -5.85 -2.82 10.89
N GLU A 45 -6.04 -1.59 11.37
CA GLU A 45 -6.02 -1.32 12.81
C GLU A 45 -6.88 -2.34 13.56
N ASP A 46 -7.80 -2.97 12.84
CA ASP A 46 -8.69 -3.96 13.44
C ASP A 46 -8.13 -5.37 13.26
N ASP A 47 -6.84 -5.53 13.50
CA ASP A 47 -6.18 -6.82 13.37
C ASP A 47 -6.74 -7.58 12.17
N SER A 48 -7.22 -6.84 11.17
CA SER A 48 -7.77 -7.46 9.97
C SER A 48 -6.74 -7.51 8.84
N GLN A 49 -6.22 -8.70 8.59
CA GLN A 49 -5.22 -8.89 7.54
C GLN A 49 -5.80 -9.65 6.36
N PHE A 50 -5.85 -9.00 5.20
CA PHE A 50 -6.38 -9.63 4.00
C PHE A 50 -5.52 -9.30 2.79
N LEU A 51 -5.89 -9.85 1.64
CA LEU A 51 -5.15 -9.61 0.40
C LEU A 51 -5.71 -8.42 -0.36
N VAL A 52 -4.93 -7.34 -0.42
CA VAL A 52 -5.35 -6.14 -1.12
C VAL A 52 -4.55 -5.94 -2.41
N LEU A 53 -5.25 -5.88 -3.53
CA LEU A 53 -4.62 -5.70 -4.83
C LEU A 53 -3.63 -4.54 -4.80
N TRP A 54 -2.82 -4.43 -5.83
CA TRP A 54 -1.84 -3.36 -5.92
C TRP A 54 -2.51 -2.02 -6.17
N LYS A 55 -3.49 -2.00 -7.07
CA LYS A 55 -4.22 -0.79 -7.39
C LYS A 55 -5.02 -0.29 -6.20
N ASP A 56 -5.84 -1.17 -5.64
CA ASP A 56 -6.66 -0.82 -4.48
C ASP A 56 -5.84 -0.07 -3.43
N ILE A 57 -4.53 -0.30 -3.45
CA ILE A 57 -3.64 0.34 -2.50
C ILE A 57 -3.22 1.73 -2.99
N SER A 58 -3.05 2.65 -2.05
CA SER A 58 -2.67 4.02 -2.40
C SER A 58 -1.38 4.41 -1.68
N PRO A 59 -0.52 5.19 -2.36
CA PRO A 59 0.75 5.64 -1.80
C PRO A 59 0.56 6.67 -0.68
N ALA A 60 1.25 6.45 0.43
CA ALA A 60 1.16 7.35 1.57
C ALA A 60 2.41 8.22 1.69
N ALA A 61 3.43 7.88 0.93
CA ALA A 61 4.68 8.62 0.94
C ALA A 61 4.43 10.13 0.82
N LEU A 62 5.39 10.92 1.28
CA LEU A 62 5.27 12.37 1.22
C LEU A 62 5.82 12.92 -0.08
N SER A 63 4.96 13.01 -1.09
CA SER A 63 5.36 13.52 -2.40
C SER A 63 5.24 15.04 -2.45
N GLY A 64 5.90 15.64 -3.45
CA GLY A 64 5.85 17.09 -3.60
C GLY A 64 7.22 17.68 -3.86
N PRO A 65 7.24 18.82 -4.58
CA PRO A 65 8.49 19.51 -4.91
C PRO A 65 9.15 20.15 -3.69
N SER A 66 8.32 20.71 -2.81
CA SER A 66 8.82 21.35 -1.61
C SER A 66 10.04 20.63 -1.06
N SER A 67 9.83 19.39 -0.59
CA SER A 67 10.91 18.58 -0.04
C SER A 67 11.24 17.41 -0.95
N GLY A 68 12.50 17.01 -0.98
CA GLY A 68 12.92 15.91 -1.81
C GLY A 68 14.29 15.38 -1.44
N GLY A 1 22.74 17.14 -0.42
CA GLY A 1 23.81 16.49 -1.16
C GLY A 1 23.29 15.64 -2.31
N SER A 2 22.78 14.47 -1.99
CA SER A 2 22.25 13.56 -3.01
C SER A 2 20.75 13.33 -2.81
N SER A 3 20.10 12.83 -3.86
CA SER A 3 18.66 12.58 -3.80
C SER A 3 18.35 11.43 -2.84
N GLY A 4 18.97 10.27 -3.09
CA GLY A 4 18.76 9.11 -2.24
C GLY A 4 17.97 8.03 -2.96
N SER A 5 18.15 6.79 -2.52
CA SER A 5 17.46 5.65 -3.11
C SER A 5 16.04 5.54 -2.58
N SER A 6 15.09 6.10 -3.33
CA SER A 6 13.68 6.07 -2.93
C SER A 6 12.83 5.42 -4.01
N GLY A 7 12.32 4.23 -3.71
CA GLY A 7 11.49 3.52 -4.66
C GLY A 7 10.34 2.78 -3.99
N PRO A 8 9.25 3.52 -3.71
CA PRO A 8 8.07 2.95 -3.06
C PRO A 8 7.30 2.01 -3.98
N ARG A 9 7.39 0.71 -3.70
CA ARG A 9 6.71 -0.30 -4.50
C ARG A 9 5.85 -1.21 -3.62
N LEU A 10 5.38 -0.67 -2.50
CA LEU A 10 4.55 -1.43 -1.58
C LEU A 10 5.30 -2.63 -1.02
N TRP A 11 6.51 -2.39 -0.52
CA TRP A 11 7.33 -3.45 0.04
C TRP A 11 6.86 -3.83 1.44
N GLU A 12 7.35 -4.95 1.94
CA GLU A 12 6.97 -5.43 3.27
C GLU A 12 7.42 -4.45 4.35
N GLY A 13 6.46 -3.85 5.02
CA GLY A 13 6.78 -2.89 6.07
C GLY A 13 6.71 -1.45 5.60
N GLN A 14 5.79 -1.19 4.66
CA GLN A 14 5.62 0.16 4.12
C GLN A 14 4.22 0.67 4.39
N ASP A 15 4.12 1.77 5.12
CA ASP A 15 2.83 2.38 5.45
C ASP A 15 2.12 2.84 4.18
N VAL A 16 0.97 2.24 3.90
CA VAL A 16 0.19 2.59 2.72
C VAL A 16 -1.26 2.88 3.09
N LEU A 17 -2.04 3.29 2.10
CA LEU A 17 -3.46 3.60 2.32
C LEU A 17 -4.35 2.76 1.41
N ALA A 18 -5.08 1.82 2.01
CA ALA A 18 -5.97 0.96 1.26
C ALA A 18 -7.35 1.59 1.11
N ARG A 19 -7.76 1.83 -0.13
CA ARG A 19 -9.06 2.43 -0.40
C ARG A 19 -10.20 1.52 0.06
N TRP A 20 -11.39 2.07 0.17
CA TRP A 20 -12.55 1.31 0.60
C TRP A 20 -13.84 1.89 0.02
N THR A 21 -14.96 1.24 0.29
CA THR A 21 -16.25 1.68 -0.21
C THR A 21 -16.43 3.18 0.00
N ASP A 22 -17.25 3.80 -0.83
CA ASP A 22 -17.51 5.23 -0.73
C ASP A 22 -16.23 6.04 -0.98
N GLY A 23 -15.39 5.53 -1.88
CA GLY A 23 -14.15 6.21 -2.20
C GLY A 23 -13.49 6.82 -0.97
N LEU A 24 -12.82 5.97 -0.19
CA LEU A 24 -12.15 6.43 1.02
C LEU A 24 -10.86 5.64 1.25
N LEU A 25 -9.82 6.34 1.69
CA LEU A 25 -8.53 5.70 1.95
C LEU A 25 -8.43 5.25 3.41
N TYR A 26 -7.94 4.04 3.61
CA TYR A 26 -7.80 3.49 4.95
C TYR A 26 -6.33 3.23 5.28
N LEU A 27 -5.97 3.43 6.54
CA LEU A 27 -4.59 3.23 6.99
C LEU A 27 -4.26 1.74 7.02
N GLY A 28 -3.33 1.32 6.18
CA GLY A 28 -2.93 -0.07 6.13
C GLY A 28 -1.44 -0.25 6.05
N THR A 29 -0.94 -1.38 6.54
CA THR A 29 0.49 -1.67 6.52
C THR A 29 0.80 -2.87 5.64
N ILE A 30 1.73 -2.69 4.71
CA ILE A 30 2.12 -3.76 3.80
C ILE A 30 2.71 -4.94 4.56
N LYS A 31 1.92 -6.01 4.70
CA LYS A 31 2.37 -7.20 5.40
C LYS A 31 3.00 -8.20 4.44
N LYS A 32 2.40 -8.34 3.26
CA LYS A 32 2.91 -9.26 2.26
C LYS A 32 2.72 -8.68 0.86
N VAL A 33 3.55 -9.14 -0.08
CA VAL A 33 3.49 -8.67 -1.46
C VAL A 33 3.60 -9.83 -2.44
N ASP A 34 2.54 -10.06 -3.19
CA ASP A 34 2.51 -11.14 -4.18
C ASP A 34 2.51 -10.58 -5.60
N SER A 35 3.36 -11.15 -6.44
CA SER A 35 3.46 -10.70 -7.84
C SER A 35 2.54 -11.53 -8.74
N ALA A 36 2.41 -12.80 -8.42
CA ALA A 36 1.57 -13.70 -9.20
C ALA A 36 0.18 -13.09 -9.42
N ARG A 37 -0.40 -12.56 -8.34
CA ARG A 37 -1.72 -11.96 -8.43
C ARG A 37 -1.64 -10.44 -8.32
N GLU A 38 -0.41 -9.92 -8.33
CA GLU A 38 -0.19 -8.49 -8.24
C GLU A 38 -0.99 -7.89 -7.09
N VAL A 39 -0.84 -8.45 -5.90
CA VAL A 39 -1.57 -7.97 -4.73
C VAL A 39 -0.62 -7.75 -3.56
N CYS A 40 -1.15 -7.23 -2.46
CA CYS A 40 -0.36 -6.97 -1.26
C CYS A 40 -1.19 -7.14 0.01
N LEU A 41 -0.80 -8.09 0.84
CA LEU A 41 -1.51 -8.37 2.08
C LEU A 41 -1.27 -7.26 3.10
N VAL A 42 -2.29 -6.43 3.31
CA VAL A 42 -2.21 -5.32 4.26
C VAL A 42 -3.05 -5.60 5.49
N GLN A 43 -2.56 -5.17 6.65
CA GLN A 43 -3.27 -5.37 7.91
C GLN A 43 -4.00 -4.09 8.32
N PHE A 44 -5.18 -4.25 8.90
CA PHE A 44 -5.98 -3.11 9.35
C PHE A 44 -5.91 -2.96 10.86
N GLU A 45 -6.20 -1.76 11.35
CA GLU A 45 -6.17 -1.48 12.78
C GLU A 45 -6.99 -2.52 13.55
N ASP A 46 -7.90 -3.19 12.84
CA ASP A 46 -8.75 -4.21 13.46
C ASP A 46 -8.14 -5.60 13.28
N ASP A 47 -6.84 -5.71 13.50
CA ASP A 47 -6.14 -6.98 13.37
C ASP A 47 -6.67 -7.77 12.18
N SER A 48 -7.21 -7.05 11.19
CA SER A 48 -7.76 -7.68 9.99
C SER A 48 -6.72 -7.71 8.87
N GLN A 49 -6.11 -8.88 8.67
CA GLN A 49 -5.11 -9.05 7.63
C GLN A 49 -5.68 -9.80 6.43
N PHE A 50 -5.71 -9.12 5.29
CA PHE A 50 -6.24 -9.72 4.07
C PHE A 50 -5.39 -9.32 2.86
N LEU A 51 -5.75 -9.86 1.70
CA LEU A 51 -5.02 -9.57 0.47
C LEU A 51 -5.63 -8.37 -0.26
N VAL A 52 -4.87 -7.30 -0.39
CA VAL A 52 -5.34 -6.09 -1.07
C VAL A 52 -4.61 -5.89 -2.39
N LEU A 53 -5.37 -5.87 -3.48
CA LEU A 53 -4.80 -5.67 -4.81
C LEU A 53 -3.80 -4.52 -4.81
N TRP A 54 -3.03 -4.41 -5.89
CA TRP A 54 -2.03 -3.34 -6.01
C TRP A 54 -2.71 -2.01 -6.32
N LYS A 55 -3.75 -2.05 -7.15
CA LYS A 55 -4.48 -0.85 -7.52
C LYS A 55 -5.33 -0.33 -6.35
N ASP A 56 -5.89 -1.26 -5.58
CA ASP A 56 -6.72 -0.91 -4.45
C ASP A 56 -5.90 -0.18 -3.38
N ILE A 57 -4.59 -0.24 -3.52
CA ILE A 57 -3.69 0.42 -2.57
C ILE A 57 -3.27 1.79 -3.08
N SER A 58 -3.08 2.72 -2.15
CA SER A 58 -2.66 4.07 -2.50
C SER A 58 -1.39 4.47 -1.76
N PRO A 59 -0.51 5.21 -2.44
CA PRO A 59 0.75 5.67 -1.86
C PRO A 59 0.55 6.74 -0.79
N ALA A 60 0.82 6.38 0.46
CA ALA A 60 0.67 7.30 1.57
C ALA A 60 1.71 8.41 1.51
N ALA A 61 1.40 9.54 2.13
CA ALA A 61 2.31 10.68 2.14
C ALA A 61 2.94 10.85 3.53
N LEU A 62 4.25 11.10 3.55
CA LEU A 62 4.97 11.29 4.80
C LEU A 62 6.20 12.18 4.59
N SER A 63 6.69 12.75 5.68
CA SER A 63 7.86 13.63 5.62
C SER A 63 8.32 14.02 7.03
N GLY A 64 9.63 14.09 7.21
CA GLY A 64 10.18 14.45 8.50
C GLY A 64 11.16 13.41 9.02
N PRO A 65 12.10 13.86 9.88
CA PRO A 65 13.10 12.98 10.47
C PRO A 65 12.51 11.99 11.47
N SER A 66 13.19 10.86 11.65
CA SER A 66 12.73 9.82 12.56
C SER A 66 13.26 10.08 13.97
N SER A 67 12.45 9.73 14.97
CA SER A 67 12.83 9.93 16.36
C SER A 67 14.18 9.28 16.65
N GLY A 68 14.92 9.87 17.58
CA GLY A 68 16.24 9.34 17.94
C GLY A 68 16.59 9.58 19.39
N GLY A 1 10.16 16.93 -19.02
CA GLY A 1 10.01 15.76 -18.18
C GLY A 1 8.63 15.70 -17.52
N SER A 2 7.98 14.54 -17.62
CA SER A 2 6.66 14.36 -17.04
C SER A 2 6.65 13.18 -16.08
N SER A 3 7.37 12.13 -16.42
CA SER A 3 7.44 10.94 -15.58
C SER A 3 8.89 10.53 -15.34
N GLY A 4 9.41 10.87 -14.17
CA GLY A 4 10.78 10.54 -13.82
C GLY A 4 10.94 10.13 -12.37
N SER A 5 10.73 8.85 -12.10
CA SER A 5 10.85 8.34 -10.73
C SER A 5 10.75 6.82 -10.72
N SER A 6 11.83 6.16 -10.29
CA SER A 6 11.87 4.71 -10.22
C SER A 6 12.24 4.23 -8.83
N GLY A 7 12.09 2.94 -8.59
CA GLY A 7 12.41 2.38 -7.29
C GLY A 7 11.34 1.43 -6.79
N PRO A 8 11.68 0.65 -5.74
CA PRO A 8 10.75 -0.32 -5.15
C PRO A 8 9.61 0.36 -4.40
N ARG A 9 8.42 -0.22 -4.50
CA ARG A 9 7.24 0.33 -3.84
C ARG A 9 6.34 -0.79 -3.31
N LEU A 10 5.52 -0.46 -2.32
CA LEU A 10 4.61 -1.44 -1.73
C LEU A 10 5.38 -2.63 -1.16
N TRP A 11 6.56 -2.35 -0.62
CA TRP A 11 7.40 -3.40 -0.03
C TRP A 11 6.92 -3.76 1.37
N GLU A 12 7.24 -4.97 1.81
CA GLU A 12 6.84 -5.44 3.13
C GLU A 12 7.34 -4.48 4.21
N GLY A 13 6.41 -3.93 4.98
CA GLY A 13 6.78 -3.00 6.04
C GLY A 13 6.78 -1.56 5.58
N GLN A 14 5.75 -1.18 4.82
CA GLN A 14 5.63 0.18 4.32
C GLN A 14 4.22 0.73 4.55
N ASP A 15 4.13 1.78 5.34
CA ASP A 15 2.84 2.41 5.63
C ASP A 15 2.18 2.91 4.35
N VAL A 16 0.97 2.42 4.09
CA VAL A 16 0.22 2.82 2.90
C VAL A 16 -1.25 3.06 3.22
N LEU A 17 -2.01 3.46 2.21
CA LEU A 17 -3.43 3.72 2.39
C LEU A 17 -4.27 2.82 1.49
N ALA A 18 -5.00 1.90 2.10
CA ALA A 18 -5.86 0.98 1.35
C ALA A 18 -7.29 1.49 1.28
N ARG A 19 -7.84 1.51 0.08
CA ARG A 19 -9.20 1.97 -0.13
C ARG A 19 -10.22 0.95 0.38
N TRP A 20 -11.44 1.40 0.62
CA TRP A 20 -12.49 0.52 1.12
C TRP A 20 -13.79 0.77 0.36
N THR A 21 -14.46 1.88 0.67
CA THR A 21 -15.72 2.23 0.02
C THR A 21 -15.90 3.74 -0.03
N ASP A 22 -16.48 4.21 -1.13
CA ASP A 22 -16.73 5.65 -1.31
C ASP A 22 -15.41 6.40 -1.52
N GLY A 23 -14.54 5.84 -2.35
CA GLY A 23 -13.26 6.47 -2.63
C GLY A 23 -12.55 6.91 -1.37
N LEU A 24 -12.83 6.23 -0.27
CA LEU A 24 -12.21 6.55 1.02
C LEU A 24 -10.94 5.74 1.23
N LEU A 25 -9.88 6.41 1.70
CA LEU A 25 -8.61 5.75 1.95
C LEU A 25 -8.48 5.34 3.42
N TYR A 26 -8.01 4.13 3.65
CA TYR A 26 -7.83 3.63 5.01
C TYR A 26 -6.36 3.35 5.31
N LEU A 27 -5.98 3.49 6.57
CA LEU A 27 -4.60 3.26 6.99
C LEU A 27 -4.28 1.76 6.99
N GLY A 28 -3.32 1.38 6.16
CA GLY A 28 -2.93 -0.02 6.08
C GLY A 28 -1.43 -0.21 6.01
N THR A 29 -0.95 -1.35 6.47
CA THR A 29 0.48 -1.65 6.46
C THR A 29 0.79 -2.85 5.57
N ILE A 30 1.77 -2.69 4.68
CA ILE A 30 2.16 -3.76 3.78
C ILE A 30 2.73 -4.95 4.54
N LYS A 31 1.96 -6.03 4.61
CA LYS A 31 2.38 -7.23 5.31
C LYS A 31 3.02 -8.22 4.35
N LYS A 32 2.40 -8.38 3.18
CA LYS A 32 2.91 -9.30 2.16
C LYS A 32 2.73 -8.72 0.76
N VAL A 33 3.58 -9.14 -0.17
CA VAL A 33 3.51 -8.67 -1.54
C VAL A 33 3.63 -9.82 -2.53
N ASP A 34 2.54 -10.09 -3.24
CA ASP A 34 2.53 -11.18 -4.23
C ASP A 34 2.61 -10.63 -5.64
N SER A 35 3.45 -11.25 -6.47
CA SER A 35 3.62 -10.81 -7.85
C SER A 35 2.69 -11.59 -8.78
N ALA A 36 2.45 -12.85 -8.45
CA ALA A 36 1.58 -13.70 -9.26
C ALA A 36 0.22 -13.04 -9.48
N ARG A 37 -0.49 -12.76 -8.39
CA ARG A 37 -1.80 -12.14 -8.47
C ARG A 37 -1.67 -10.62 -8.39
N GLU A 38 -0.45 -10.13 -8.38
CA GLU A 38 -0.19 -8.70 -8.30
C GLU A 38 -1.00 -8.06 -7.17
N VAL A 39 -0.85 -8.61 -5.97
CA VAL A 39 -1.56 -8.08 -4.80
C VAL A 39 -0.60 -7.85 -3.64
N CYS A 40 -1.16 -7.42 -2.51
CA CYS A 40 -0.35 -7.15 -1.32
C CYS A 40 -1.20 -7.29 -0.06
N LEU A 41 -0.80 -8.22 0.82
CA LEU A 41 -1.52 -8.45 2.06
C LEU A 41 -1.30 -7.31 3.05
N VAL A 42 -2.35 -6.54 3.31
CA VAL A 42 -2.26 -5.42 4.23
C VAL A 42 -3.12 -5.66 5.47
N GLN A 43 -2.66 -5.15 6.61
CA GLN A 43 -3.39 -5.31 7.86
C GLN A 43 -4.07 -4.00 8.27
N PHE A 44 -5.20 -4.11 8.96
CA PHE A 44 -5.94 -2.94 9.40
C PHE A 44 -5.87 -2.80 10.93
N GLU A 45 -6.17 -1.60 11.41
CA GLU A 45 -6.14 -1.33 12.85
C GLU A 45 -6.92 -2.39 13.61
N ASP A 46 -7.84 -3.05 12.93
CA ASP A 46 -8.67 -4.09 13.54
C ASP A 46 -8.05 -5.47 13.32
N ASP A 47 -6.75 -5.57 13.51
CA ASP A 47 -6.04 -6.84 13.32
C ASP A 47 -6.60 -7.60 12.12
N SER A 48 -7.16 -6.86 11.18
CA SER A 48 -7.72 -7.48 9.98
C SER A 48 -6.69 -7.57 8.86
N GLN A 49 -6.18 -8.77 8.63
CA GLN A 49 -5.18 -8.98 7.60
C GLN A 49 -5.79 -9.71 6.40
N PHE A 50 -5.78 -9.04 5.24
CA PHE A 50 -6.33 -9.62 4.02
C PHE A 50 -5.46 -9.28 2.82
N LEU A 51 -5.83 -9.82 1.66
CA LEU A 51 -5.09 -9.56 0.43
C LEU A 51 -5.65 -8.36 -0.32
N VAL A 52 -4.84 -7.31 -0.42
CA VAL A 52 -5.26 -6.09 -1.11
C VAL A 52 -4.51 -5.92 -2.43
N LEU A 53 -5.25 -5.86 -3.51
CA LEU A 53 -4.65 -5.70 -4.84
C LEU A 53 -3.62 -4.58 -4.83
N TRP A 54 -2.81 -4.51 -5.90
CA TRP A 54 -1.78 -3.49 -6.01
C TRP A 54 -2.39 -2.12 -6.26
N LYS A 55 -3.36 -2.07 -7.17
CA LYS A 55 -4.03 -0.82 -7.51
C LYS A 55 -4.83 -0.29 -6.31
N ASP A 56 -5.74 -1.11 -5.81
CA ASP A 56 -6.56 -0.74 -4.67
C ASP A 56 -5.74 -0.01 -3.62
N ILE A 57 -4.44 -0.32 -3.57
CA ILE A 57 -3.55 0.31 -2.61
C ILE A 57 -3.10 1.68 -3.09
N SER A 58 -3.16 2.66 -2.19
CA SER A 58 -2.77 4.03 -2.51
C SER A 58 -1.51 4.43 -1.75
N PRO A 59 -0.65 5.21 -2.41
CA PRO A 59 0.62 5.68 -1.82
C PRO A 59 0.38 6.71 -0.72
N ALA A 60 0.86 6.41 0.47
CA ALA A 60 0.71 7.31 1.62
C ALA A 60 1.70 8.47 1.53
N ALA A 61 1.32 9.60 2.12
CA ALA A 61 2.17 10.79 2.11
C ALA A 61 2.30 11.39 3.51
N LEU A 62 3.41 11.10 4.16
CA LEU A 62 3.66 11.60 5.51
C LEU A 62 4.53 12.85 5.47
N SER A 63 3.89 14.02 5.42
CA SER A 63 4.61 15.28 5.39
C SER A 63 4.97 15.75 6.79
N GLY A 64 6.26 15.96 7.03
CA GLY A 64 6.71 16.42 8.34
C GLY A 64 8.17 16.12 8.58
N PRO A 65 8.46 14.99 9.23
CA PRO A 65 9.84 14.57 9.54
C PRO A 65 10.61 14.17 8.28
N SER A 66 11.94 14.09 8.42
CA SER A 66 12.78 13.72 7.29
C SER A 66 13.49 12.39 7.57
N SER A 67 14.13 12.30 8.72
CA SER A 67 14.85 11.08 9.09
C SER A 67 14.51 10.67 10.53
N GLY A 68 14.94 9.48 10.91
CA GLY A 68 14.67 8.98 12.25
C GLY A 68 15.18 7.58 12.47
N GLY A 1 13.36 2.05 -27.60
CA GLY A 1 13.00 0.68 -27.89
C GLY A 1 13.22 -0.25 -26.71
N SER A 2 14.44 -0.24 -26.18
CA SER A 2 14.79 -1.08 -25.04
C SER A 2 14.86 -0.28 -23.75
N SER A 3 13.81 -0.36 -22.95
CA SER A 3 13.74 0.37 -21.68
C SER A 3 12.88 -0.38 -20.68
N GLY A 4 13.13 -0.11 -19.39
CA GLY A 4 12.36 -0.76 -18.34
C GLY A 4 12.31 0.06 -17.07
N SER A 5 11.22 0.79 -16.88
CA SER A 5 11.05 1.63 -15.69
C SER A 5 10.38 0.86 -14.57
N SER A 6 11.15 0.50 -13.56
CA SER A 6 10.62 -0.25 -12.42
C SER A 6 11.57 -0.15 -11.22
N GLY A 7 10.98 -0.17 -10.02
CA GLY A 7 11.79 -0.08 -8.81
C GLY A 7 11.04 -0.56 -7.58
N PRO A 8 11.50 -0.14 -6.40
CA PRO A 8 10.88 -0.52 -5.13
C PRO A 8 9.51 0.12 -4.93
N ARG A 9 8.51 -0.71 -4.64
CA ARG A 9 7.16 -0.22 -4.43
C ARG A 9 6.33 -1.22 -3.63
N LEU A 10 5.46 -0.72 -2.77
CA LEU A 10 4.62 -1.58 -1.95
C LEU A 10 5.42 -2.74 -1.36
N TRP A 11 6.52 -2.41 -0.70
CA TRP A 11 7.38 -3.42 -0.09
C TRP A 11 6.90 -3.77 1.31
N GLU A 12 7.25 -4.95 1.79
CA GLU A 12 6.86 -5.41 3.11
C GLU A 12 7.35 -4.44 4.19
N GLY A 13 6.41 -3.82 4.90
CA GLY A 13 6.77 -2.87 5.94
C GLY A 13 6.72 -1.44 5.47
N GLN A 14 5.77 -1.15 4.58
CA GLN A 14 5.62 0.21 4.05
C GLN A 14 4.22 0.74 4.33
N ASP A 15 4.16 1.86 5.06
CA ASP A 15 2.88 2.48 5.41
C ASP A 15 2.13 2.92 4.15
N VAL A 16 0.99 2.28 3.90
CA VAL A 16 0.18 2.61 2.74
C VAL A 16 -1.28 2.86 3.12
N LEU A 17 -2.06 3.36 2.18
CA LEU A 17 -3.47 3.64 2.42
C LEU A 17 -4.36 2.77 1.54
N ALA A 18 -5.06 1.83 2.16
CA ALA A 18 -5.95 0.93 1.44
C ALA A 18 -7.38 1.48 1.41
N ARG A 19 -7.91 1.67 0.21
CA ARG A 19 -9.26 2.19 0.04
C ARG A 19 -10.29 1.16 0.47
N TRP A 20 -11.51 1.62 0.76
CA TRP A 20 -12.59 0.74 1.18
C TRP A 20 -13.80 0.87 0.25
N THR A 21 -14.74 -0.04 0.40
CA THR A 21 -15.95 -0.03 -0.43
C THR A 21 -16.48 1.39 -0.60
N ASP A 22 -16.62 2.11 0.51
CA ASP A 22 -17.11 3.47 0.49
C ASP A 22 -16.33 4.32 -0.52
N GLY A 23 -15.01 4.15 -0.52
CA GLY A 23 -14.17 4.90 -1.43
C GLY A 23 -13.07 5.66 -0.71
N LEU A 24 -13.25 5.89 0.58
CA LEU A 24 -12.27 6.60 1.38
C LEU A 24 -11.02 5.75 1.61
N LEU A 25 -9.88 6.40 1.73
CA LEU A 25 -8.62 5.70 1.96
C LEU A 25 -8.44 5.36 3.44
N TYR A 26 -8.00 4.14 3.71
CA TYR A 26 -7.79 3.69 5.08
C TYR A 26 -6.33 3.37 5.33
N LEU A 27 -5.88 3.56 6.57
CA LEU A 27 -4.49 3.29 6.94
C LEU A 27 -4.21 1.79 6.93
N GLY A 28 -3.20 1.39 6.19
CA GLY A 28 -2.83 -0.02 6.11
C GLY A 28 -1.34 -0.23 6.11
N THR A 29 -0.91 -1.44 6.47
CA THR A 29 0.50 -1.78 6.51
C THR A 29 0.82 -2.97 5.60
N ILE A 30 1.73 -2.76 4.66
CA ILE A 30 2.12 -3.81 3.73
C ILE A 30 2.70 -5.01 4.47
N LYS A 31 1.86 -6.01 4.71
CA LYS A 31 2.29 -7.22 5.40
C LYS A 31 2.97 -8.20 4.44
N LYS A 32 2.36 -8.40 3.28
CA LYS A 32 2.89 -9.30 2.28
C LYS A 32 2.74 -8.71 0.87
N VAL A 33 3.59 -9.16 -0.05
CA VAL A 33 3.55 -8.66 -1.42
C VAL A 33 3.70 -9.82 -2.41
N ASP A 34 2.63 -10.09 -3.16
CA ASP A 34 2.64 -11.17 -4.14
C ASP A 34 2.73 -10.60 -5.56
N SER A 35 3.62 -11.17 -6.36
CA SER A 35 3.82 -10.73 -7.73
C SER A 35 2.97 -11.56 -8.69
N ALA A 36 2.56 -12.73 -8.25
CA ALA A 36 1.74 -13.62 -9.07
C ALA A 36 0.40 -12.99 -9.40
N ARG A 37 -0.39 -12.71 -8.36
CA ARG A 37 -1.71 -12.11 -8.53
C ARG A 37 -1.62 -10.59 -8.45
N GLU A 38 -0.39 -10.07 -8.38
CA GLU A 38 -0.17 -8.64 -8.29
C GLU A 38 -0.99 -8.03 -7.15
N VAL A 39 -0.82 -8.58 -5.95
CA VAL A 39 -1.55 -8.09 -4.77
C VAL A 39 -0.59 -7.85 -3.61
N CYS A 40 -1.13 -7.36 -2.51
CA CYS A 40 -0.33 -7.07 -1.32
C CYS A 40 -1.17 -7.22 -0.05
N LEU A 41 -0.77 -8.15 0.82
CA LEU A 41 -1.49 -8.39 2.06
C LEU A 41 -1.29 -7.23 3.03
N VAL A 42 -2.33 -6.42 3.17
CA VAL A 42 -2.27 -5.27 4.07
C VAL A 42 -3.14 -5.50 5.31
N GLN A 43 -2.62 -5.11 6.47
CA GLN A 43 -3.35 -5.27 7.73
C GLN A 43 -4.07 -3.98 8.11
N PHE A 44 -5.21 -4.12 8.78
CA PHE A 44 -5.99 -2.96 9.20
C PHE A 44 -5.94 -2.81 10.72
N GLU A 45 -6.19 -1.58 11.19
CA GLU A 45 -6.17 -1.30 12.61
C GLU A 45 -7.01 -2.32 13.38
N ASP A 46 -7.93 -2.97 12.68
CA ASP A 46 -8.79 -3.96 13.29
C ASP A 46 -8.21 -5.36 13.13
N ASP A 47 -6.92 -5.49 13.38
CA ASP A 47 -6.23 -6.77 13.26
C ASP A 47 -6.77 -7.56 12.08
N SER A 48 -7.26 -6.85 11.07
CA SER A 48 -7.81 -7.49 9.88
C SER A 48 -6.76 -7.56 8.77
N GLN A 49 -6.20 -8.74 8.58
CA GLN A 49 -5.17 -8.93 7.56
C GLN A 49 -5.73 -9.71 6.37
N PHE A 50 -5.75 -9.08 5.21
CA PHE A 50 -6.27 -9.71 3.99
C PHE A 50 -5.41 -9.35 2.79
N LEU A 51 -5.76 -9.90 1.64
CA LEU A 51 -5.02 -9.64 0.40
C LEU A 51 -5.62 -8.45 -0.35
N VAL A 52 -4.88 -7.36 -0.41
CA VAL A 52 -5.33 -6.16 -1.10
C VAL A 52 -4.56 -5.94 -2.40
N LEU A 53 -5.28 -5.93 -3.52
CA LEU A 53 -4.66 -5.73 -4.82
C LEU A 53 -3.65 -4.58 -4.78
N TRP A 54 -2.89 -4.43 -5.86
CA TRP A 54 -1.89 -3.38 -5.95
C TRP A 54 -2.55 -2.03 -6.22
N LYS A 55 -3.54 -2.03 -7.09
CA LYS A 55 -4.26 -0.81 -7.44
C LYS A 55 -5.01 -0.25 -6.23
N ASP A 56 -5.88 -1.07 -5.67
CA ASP A 56 -6.67 -0.66 -4.51
C ASP A 56 -5.81 0.13 -3.53
N ILE A 57 -4.58 -0.33 -3.33
CA ILE A 57 -3.66 0.34 -2.41
C ILE A 57 -3.25 1.71 -2.93
N SER A 58 -3.13 2.68 -2.03
CA SER A 58 -2.75 4.03 -2.40
C SER A 58 -1.45 4.44 -1.71
N PRO A 59 -0.61 5.22 -2.43
CA PRO A 59 0.67 5.69 -1.90
C PRO A 59 0.49 6.73 -0.80
N ALA A 60 0.60 6.27 0.44
CA ALA A 60 0.45 7.16 1.60
C ALA A 60 1.50 8.27 1.57
N ALA A 61 1.04 9.52 1.54
CA ALA A 61 1.94 10.66 1.52
C ALA A 61 2.10 11.26 2.91
N LEU A 62 1.80 10.46 3.93
CA LEU A 62 1.92 10.92 5.31
C LEU A 62 3.17 10.35 5.97
N SER A 63 4.01 11.23 6.51
CA SER A 63 5.23 10.82 7.17
C SER A 63 5.36 11.46 8.55
N GLY A 64 5.03 10.70 9.59
CA GLY A 64 5.12 11.22 10.94
C GLY A 64 3.76 11.38 11.58
N PRO A 65 3.70 11.17 12.91
CA PRO A 65 2.45 11.29 13.68
C PRO A 65 1.97 12.74 13.79
N SER A 66 0.73 12.97 13.38
CA SER A 66 0.15 14.32 13.43
C SER A 66 -0.77 14.47 14.64
N SER A 67 -0.28 15.15 15.67
CA SER A 67 -1.06 15.37 16.88
C SER A 67 -1.71 16.75 16.87
N GLY A 68 -2.98 16.79 16.52
CA GLY A 68 -3.70 18.06 16.48
C GLY A 68 -3.51 18.78 15.17
N GLY A 1 5.83 5.64 -25.60
CA GLY A 1 6.18 7.04 -25.51
C GLY A 1 5.83 7.65 -24.16
N SER A 2 6.64 7.35 -23.15
CA SER A 2 6.41 7.87 -21.81
C SER A 2 7.72 7.98 -21.04
N SER A 3 7.73 8.85 -20.02
CA SER A 3 8.92 9.05 -19.21
C SER A 3 8.55 9.14 -17.73
N GLY A 4 9.54 8.91 -16.88
CA GLY A 4 9.31 8.96 -15.44
C GLY A 4 8.90 7.62 -14.86
N SER A 5 7.65 7.24 -15.07
CA SER A 5 7.13 5.97 -14.58
C SER A 5 7.35 5.86 -13.06
N SER A 6 7.13 6.95 -12.36
CA SER A 6 7.30 6.98 -10.91
C SER A 6 6.17 6.22 -10.21
N GLY A 7 6.36 4.92 -10.02
CA GLY A 7 5.35 4.11 -9.37
C GLY A 7 5.81 3.60 -8.02
N PRO A 8 4.84 3.22 -7.17
CA PRO A 8 5.13 2.70 -5.82
C PRO A 8 5.77 1.32 -5.86
N ARG A 9 6.22 0.85 -4.71
CA ARG A 9 6.85 -0.45 -4.60
C ARG A 9 6.00 -1.40 -3.75
N LEU A 10 5.44 -0.88 -2.67
CA LEU A 10 4.61 -1.67 -1.78
C LEU A 10 5.39 -2.85 -1.21
N TRP A 11 6.57 -2.56 -0.67
CA TRP A 11 7.42 -3.59 -0.08
C TRP A 11 6.98 -3.92 1.34
N GLU A 12 7.34 -5.11 1.81
CA GLU A 12 6.97 -5.55 3.15
C GLU A 12 7.48 -4.56 4.19
N GLY A 13 6.56 -3.98 4.94
CA GLY A 13 6.92 -3.02 5.97
C GLY A 13 6.86 -1.59 5.47
N GLN A 14 5.85 -1.28 4.68
CA GLN A 14 5.68 0.06 4.13
C GLN A 14 4.26 0.58 4.39
N ASP A 15 4.16 1.69 5.11
CA ASP A 15 2.87 2.29 5.41
C ASP A 15 2.17 2.77 4.15
N VAL A 16 0.95 2.29 3.93
CA VAL A 16 0.18 2.68 2.76
C VAL A 16 -1.29 2.93 3.11
N LEU A 17 -2.06 3.35 2.13
CA LEU A 17 -3.48 3.63 2.34
C LEU A 17 -4.35 2.74 1.44
N ALA A 18 -5.05 1.80 2.06
CA ALA A 18 -5.93 0.90 1.33
C ALA A 18 -7.34 1.44 1.25
N ARG A 19 -7.84 1.66 0.04
CA ARG A 19 -9.18 2.18 -0.16
C ARG A 19 -10.23 1.15 0.27
N TRP A 20 -11.47 1.60 0.43
CA TRP A 20 -12.57 0.73 0.84
C TRP A 20 -13.74 0.83 -0.14
N THR A 21 -14.82 0.13 0.18
CA THR A 21 -16.01 0.14 -0.67
C THR A 21 -16.73 1.48 -0.58
N ASP A 22 -16.17 2.41 0.18
CA ASP A 22 -16.75 3.73 0.34
C ASP A 22 -15.82 4.82 -0.21
N GLY A 23 -15.19 4.52 -1.35
CA GLY A 23 -14.28 5.47 -1.95
C GLY A 23 -13.48 6.24 -0.93
N LEU A 24 -13.11 5.56 0.16
CA LEU A 24 -12.33 6.19 1.23
C LEU A 24 -11.02 5.44 1.45
N LEU A 25 -9.98 6.18 1.80
CA LEU A 25 -8.67 5.59 2.05
C LEU A 25 -8.52 5.18 3.50
N TYR A 26 -8.02 3.97 3.73
CA TYR A 26 -7.83 3.45 5.07
C TYR A 26 -6.35 3.21 5.36
N LEU A 27 -5.97 3.31 6.64
CA LEU A 27 -4.59 3.09 7.04
C LEU A 27 -4.25 1.60 7.08
N GLY A 28 -3.30 1.20 6.26
CA GLY A 28 -2.90 -0.19 6.21
C GLY A 28 -1.40 -0.36 6.11
N THR A 29 -0.90 -1.51 6.57
CA THR A 29 0.53 -1.78 6.55
C THR A 29 0.82 -2.98 5.65
N ILE A 30 1.78 -2.81 4.74
CA ILE A 30 2.17 -3.86 3.82
C ILE A 30 2.73 -5.07 4.58
N LYS A 31 1.90 -6.09 4.76
CA LYS A 31 2.32 -7.29 5.47
C LYS A 31 2.94 -8.29 4.50
N LYS A 32 2.37 -8.40 3.32
CA LYS A 32 2.87 -9.31 2.29
C LYS A 32 2.71 -8.72 0.90
N VAL A 33 3.53 -9.19 -0.03
CA VAL A 33 3.48 -8.72 -1.41
C VAL A 33 3.63 -9.86 -2.40
N ASP A 34 2.56 -10.12 -3.15
CA ASP A 34 2.57 -11.20 -4.14
C ASP A 34 2.71 -10.64 -5.55
N SER A 35 3.50 -11.30 -6.37
CA SER A 35 3.73 -10.88 -7.74
C SER A 35 2.79 -11.60 -8.70
N ALA A 36 2.48 -12.85 -8.39
CA ALA A 36 1.59 -13.65 -9.22
C ALA A 36 0.27 -12.93 -9.45
N ARG A 37 -0.50 -12.74 -8.37
CA ARG A 37 -1.79 -12.07 -8.45
C ARG A 37 -1.62 -10.55 -8.36
N GLU A 38 -0.37 -10.11 -8.36
CA GLU A 38 -0.07 -8.68 -8.28
C GLU A 38 -0.88 -8.02 -7.16
N VAL A 39 -0.77 -8.55 -5.95
CA VAL A 39 -1.49 -8.02 -4.80
C VAL A 39 -0.55 -7.79 -3.62
N CYS A 40 -1.11 -7.30 -2.52
CA CYS A 40 -0.32 -7.04 -1.32
C CYS A 40 -1.17 -7.19 -0.06
N LEU A 41 -0.79 -8.13 0.80
CA LEU A 41 -1.52 -8.37 2.03
C LEU A 41 -1.29 -7.25 3.04
N VAL A 42 -2.31 -6.42 3.22
CA VAL A 42 -2.22 -5.30 4.16
C VAL A 42 -3.02 -5.58 5.43
N GLN A 43 -2.59 -4.98 6.53
CA GLN A 43 -3.26 -5.17 7.81
C GLN A 43 -4.01 -3.90 8.23
N PHE A 44 -5.14 -4.09 8.89
CA PHE A 44 -5.95 -2.95 9.34
C PHE A 44 -5.89 -2.82 10.86
N GLU A 45 -6.01 -1.59 11.34
CA GLU A 45 -5.96 -1.32 12.77
C GLU A 45 -6.80 -2.35 13.54
N ASP A 46 -7.76 -2.95 12.86
CA ASP A 46 -8.61 -3.96 13.47
C ASP A 46 -8.03 -5.36 13.29
N ASP A 47 -6.74 -5.50 13.54
CA ASP A 47 -6.07 -6.79 13.39
C ASP A 47 -6.65 -7.57 12.22
N SER A 48 -7.10 -6.86 11.20
CA SER A 48 -7.67 -7.48 10.01
C SER A 48 -6.70 -7.45 8.85
N GLN A 49 -6.06 -8.60 8.60
CA GLN A 49 -5.09 -8.70 7.51
C GLN A 49 -5.68 -9.48 6.33
N PHE A 50 -5.81 -8.82 5.19
CA PHE A 50 -6.36 -9.45 4.00
C PHE A 50 -5.49 -9.15 2.78
N LEU A 51 -5.89 -9.68 1.63
CA LEU A 51 -5.15 -9.47 0.38
C LEU A 51 -5.68 -8.25 -0.36
N VAL A 52 -4.87 -7.21 -0.43
CA VAL A 52 -5.26 -5.99 -1.13
C VAL A 52 -4.49 -5.83 -2.44
N LEU A 53 -5.24 -5.77 -3.54
CA LEU A 53 -4.63 -5.62 -4.87
C LEU A 53 -3.57 -4.53 -4.86
N TRP A 54 -2.81 -4.45 -5.94
CA TRP A 54 -1.76 -3.45 -6.07
C TRP A 54 -2.35 -2.07 -6.36
N LYS A 55 -3.30 -2.03 -7.30
CA LYS A 55 -3.95 -0.78 -7.67
C LYS A 55 -4.78 -0.22 -6.52
N ASP A 56 -5.69 -1.04 -6.01
CA ASP A 56 -6.55 -0.64 -4.90
C ASP A 56 -5.75 0.12 -3.84
N ILE A 57 -4.51 -0.29 -3.65
CA ILE A 57 -3.63 0.35 -2.66
C ILE A 57 -3.20 1.74 -3.14
N SER A 58 -3.28 2.71 -2.23
CA SER A 58 -2.89 4.08 -2.57
C SER A 58 -1.64 4.49 -1.79
N PRO A 59 -0.79 5.31 -2.44
CA PRO A 59 0.46 5.80 -1.84
C PRO A 59 0.21 6.79 -0.71
N ALA A 60 0.65 6.43 0.49
CA ALA A 60 0.47 7.29 1.66
C ALA A 60 1.32 8.56 1.53
N ALA A 61 0.82 9.65 2.10
CA ALA A 61 1.53 10.92 2.06
C ALA A 61 2.40 11.11 3.31
N LEU A 62 3.71 10.96 3.12
CA LEU A 62 4.66 11.12 4.23
C LEU A 62 5.45 12.40 4.09
N SER A 63 5.19 13.35 4.98
CA SER A 63 5.88 14.64 4.97
C SER A 63 6.78 14.79 6.19
N GLY A 64 7.47 13.70 6.55
CA GLY A 64 8.35 13.74 7.70
C GLY A 64 7.63 13.41 9.00
N PRO A 65 8.35 12.75 9.92
CA PRO A 65 7.79 12.36 11.22
C PRO A 65 7.55 13.56 12.12
N SER A 66 8.49 14.50 12.12
CA SER A 66 8.38 15.70 12.95
C SER A 66 8.15 16.94 12.09
N SER A 67 7.23 17.79 12.52
CA SER A 67 6.91 19.01 11.79
C SER A 67 7.92 20.11 12.10
N GLY A 68 9.20 19.74 12.12
CA GLY A 68 10.25 20.71 12.39
C GLY A 68 10.06 22.00 11.63
N GLY A 1 4.24 11.14 -19.99
CA GLY A 1 5.31 12.08 -19.70
C GLY A 1 6.01 11.78 -18.39
N SER A 2 7.31 11.48 -18.48
CA SER A 2 8.09 11.18 -17.29
C SER A 2 7.28 10.35 -16.30
N SER A 3 6.54 9.37 -16.83
CA SER A 3 5.72 8.51 -15.99
C SER A 3 6.58 7.69 -15.03
N GLY A 4 6.07 7.47 -13.83
CA GLY A 4 6.80 6.70 -12.84
C GLY A 4 8.07 7.39 -12.39
N SER A 5 9.20 7.00 -12.97
CA SER A 5 10.48 7.59 -12.63
C SER A 5 10.61 7.77 -11.12
N SER A 6 10.19 6.76 -10.37
CA SER A 6 10.25 6.81 -8.92
C SER A 6 11.01 5.61 -8.36
N GLY A 7 10.67 4.42 -8.85
CA GLY A 7 11.32 3.21 -8.40
C GLY A 7 10.35 2.20 -7.83
N PRO A 8 10.86 1.28 -7.00
CA PRO A 8 10.04 0.24 -6.36
C PRO A 8 9.09 0.80 -5.32
N ARG A 9 8.01 0.07 -5.04
CA ARG A 9 7.04 0.49 -4.06
C ARG A 9 6.23 -0.70 -3.54
N LEU A 10 5.35 -0.44 -2.59
CA LEU A 10 4.51 -1.49 -2.01
C LEU A 10 5.37 -2.63 -1.48
N TRP A 11 6.46 -2.29 -0.81
CA TRP A 11 7.37 -3.29 -0.25
C TRP A 11 6.97 -3.63 1.18
N GLU A 12 7.35 -4.83 1.62
CA GLU A 12 7.04 -5.28 2.98
C GLU A 12 7.53 -4.27 4.01
N GLY A 13 6.62 -3.81 4.87
CA GLY A 13 6.97 -2.85 5.88
C GLY A 13 6.89 -1.42 5.39
N GLN A 14 5.81 -1.10 4.68
CA GLN A 14 5.61 0.24 4.14
C GLN A 14 4.21 0.75 4.46
N ASP A 15 4.13 1.95 5.02
CA ASP A 15 2.86 2.55 5.37
C ASP A 15 2.10 2.96 4.12
N VAL A 16 1.02 2.24 3.81
CA VAL A 16 0.21 2.52 2.64
C VAL A 16 -1.24 2.76 3.03
N LEU A 17 -2.03 3.28 2.09
CA LEU A 17 -3.44 3.55 2.33
C LEU A 17 -4.32 2.64 1.49
N ALA A 18 -5.03 1.72 2.15
CA ALA A 18 -5.92 0.79 1.46
C ALA A 18 -7.35 1.30 1.46
N ARG A 19 -7.91 1.46 0.27
CA ARG A 19 -9.29 1.94 0.13
C ARG A 19 -10.28 0.92 0.67
N TRP A 20 -11.46 1.40 1.03
CA TRP A 20 -12.51 0.52 1.56
C TRP A 20 -13.72 0.48 0.63
N THR A 21 -14.65 -0.41 0.92
CA THR A 21 -15.86 -0.54 0.11
C THR A 21 -16.65 0.75 0.09
N ASP A 22 -16.25 1.70 0.94
CA ASP A 22 -16.93 2.99 1.01
C ASP A 22 -16.40 3.94 -0.05
N GLY A 23 -15.09 3.89 -0.29
CA GLY A 23 -14.48 4.75 -1.29
C GLY A 23 -13.34 5.57 -0.73
N LEU A 24 -13.30 5.71 0.59
CA LEU A 24 -12.25 6.47 1.25
C LEU A 24 -11.01 5.62 1.47
N LEU A 25 -9.88 6.27 1.70
CA LEU A 25 -8.62 5.57 1.93
C LEU A 25 -8.42 5.27 3.41
N TYR A 26 -7.98 4.05 3.71
CA TYR A 26 -7.76 3.63 5.09
C TYR A 26 -6.28 3.33 5.33
N LEU A 27 -5.85 3.46 6.58
CA LEU A 27 -4.46 3.19 6.94
C LEU A 27 -4.17 1.69 6.94
N GLY A 28 -3.19 1.28 6.15
CA GLY A 28 -2.83 -0.12 6.08
C GLY A 28 -1.33 -0.33 5.99
N THR A 29 -0.86 -1.42 6.60
CA THR A 29 0.57 -1.73 6.60
C THR A 29 0.86 -2.91 5.69
N ILE A 30 1.83 -2.73 4.79
CA ILE A 30 2.20 -3.79 3.85
C ILE A 30 2.76 -5.00 4.59
N LYS A 31 1.94 -6.04 4.70
CA LYS A 31 2.36 -7.26 5.38
C LYS A 31 3.01 -8.23 4.41
N LYS A 32 2.41 -8.39 3.23
CA LYS A 32 2.93 -9.28 2.21
C LYS A 32 2.75 -8.69 0.82
N VAL A 33 3.58 -9.11 -0.12
CA VAL A 33 3.50 -8.62 -1.50
C VAL A 33 3.63 -9.77 -2.50
N ASP A 34 2.54 -10.06 -3.20
CA ASP A 34 2.54 -11.14 -4.18
C ASP A 34 2.49 -10.58 -5.60
N SER A 35 3.42 -11.02 -6.44
CA SER A 35 3.49 -10.55 -7.82
C SER A 35 2.59 -11.39 -8.72
N ALA A 36 2.56 -12.70 -8.47
CA ALA A 36 1.73 -13.61 -9.25
C ALA A 36 0.36 -13.01 -9.52
N ARG A 37 -0.27 -12.51 -8.47
CA ARG A 37 -1.60 -11.92 -8.57
C ARG A 37 -1.52 -10.40 -8.46
N GLU A 38 -0.31 -9.87 -8.39
CA GLU A 38 -0.10 -8.43 -8.28
C GLU A 38 -0.93 -7.85 -7.14
N VAL A 39 -0.77 -8.43 -5.95
CA VAL A 39 -1.50 -7.97 -4.76
C VAL A 39 -0.55 -7.75 -3.59
N CYS A 40 -1.10 -7.27 -2.48
CA CYS A 40 -0.31 -7.01 -1.29
C CYS A 40 -1.15 -7.17 -0.02
N LEU A 41 -0.79 -8.11 0.83
CA LEU A 41 -1.52 -8.36 2.06
C LEU A 41 -1.27 -7.24 3.07
N VAL A 42 -2.31 -6.45 3.33
CA VAL A 42 -2.21 -5.34 4.27
C VAL A 42 -3.11 -5.58 5.48
N GLN A 43 -2.67 -5.10 6.64
CA GLN A 43 -3.42 -5.26 7.88
C GLN A 43 -4.12 -3.96 8.26
N PHE A 44 -5.26 -4.07 8.92
CA PHE A 44 -6.03 -2.90 9.35
C PHE A 44 -6.00 -2.77 10.87
N GLU A 45 -6.31 -1.56 11.35
CA GLU A 45 -6.33 -1.30 12.79
C GLU A 45 -7.18 -2.34 13.51
N ASP A 46 -8.10 -2.96 12.78
CA ASP A 46 -8.98 -3.96 13.36
C ASP A 46 -8.39 -5.37 13.19
N ASP A 47 -7.10 -5.49 13.46
CA ASP A 47 -6.41 -6.78 13.33
C ASP A 47 -6.93 -7.55 12.11
N SER A 48 -7.40 -6.81 11.11
CA SER A 48 -7.93 -7.43 9.90
C SER A 48 -6.86 -7.47 8.81
N GLN A 49 -6.33 -8.66 8.56
CA GLN A 49 -5.30 -8.83 7.54
C GLN A 49 -5.85 -9.59 6.33
N PHE A 50 -5.83 -8.94 5.17
CA PHE A 50 -6.33 -9.55 3.95
C PHE A 50 -5.44 -9.20 2.76
N LEU A 51 -5.75 -9.76 1.61
CA LEU A 51 -4.98 -9.51 0.39
C LEU A 51 -5.58 -8.35 -0.40
N VAL A 52 -4.85 -7.23 -0.44
CA VAL A 52 -5.31 -6.05 -1.16
C VAL A 52 -4.53 -5.87 -2.47
N LEU A 53 -5.25 -5.87 -3.59
CA LEU A 53 -4.62 -5.71 -4.89
C LEU A 53 -3.59 -4.58 -4.87
N TRP A 54 -2.80 -4.48 -5.93
CA TRP A 54 -1.78 -3.45 -6.03
C TRP A 54 -2.41 -2.09 -6.32
N LYS A 55 -3.39 -2.07 -7.22
CA LYS A 55 -4.07 -0.85 -7.59
C LYS A 55 -4.90 -0.31 -6.41
N ASP A 56 -5.74 -1.17 -5.85
CA ASP A 56 -6.57 -0.78 -4.71
C ASP A 56 -5.77 0.01 -3.69
N ILE A 57 -4.50 -0.36 -3.53
CA ILE A 57 -3.63 0.32 -2.58
C ILE A 57 -3.27 1.72 -3.07
N SER A 58 -3.10 2.64 -2.12
CA SER A 58 -2.75 4.02 -2.45
C SER A 58 -1.48 4.44 -1.75
N PRO A 59 -0.67 5.27 -2.43
CA PRO A 59 0.60 5.76 -1.89
C PRO A 59 0.40 6.75 -0.74
N ALA A 60 1.06 6.50 0.38
CA ALA A 60 0.95 7.37 1.55
C ALA A 60 2.28 8.06 1.84
N ALA A 61 2.56 9.12 1.10
CA ALA A 61 3.80 9.87 1.28
C ALA A 61 3.77 11.19 0.52
N LEU A 62 4.75 12.04 0.77
CA LEU A 62 4.83 13.33 0.10
C LEU A 62 5.66 13.25 -1.17
N SER A 63 4.99 12.99 -2.28
CA SER A 63 5.66 12.88 -3.58
C SER A 63 6.37 14.17 -3.93
N GLY A 64 5.66 15.30 -3.77
CA GLY A 64 6.23 16.58 -4.08
C GLY A 64 6.66 16.71 -5.53
N PRO A 65 7.01 17.92 -5.95
CA PRO A 65 7.45 18.19 -7.33
C PRO A 65 8.81 17.59 -7.63
N SER A 66 9.49 17.14 -6.58
CA SER A 66 10.81 16.54 -6.74
C SER A 66 10.86 15.14 -6.14
N SER A 67 11.72 14.28 -6.69
CA SER A 67 11.85 12.91 -6.21
C SER A 67 13.20 12.70 -5.53
N GLY A 68 14.28 13.05 -6.23
CA GLY A 68 15.61 12.89 -5.68
C GLY A 68 16.52 12.10 -6.59
N GLY A 1 5.61 7.50 -23.25
CA GLY A 1 5.84 6.90 -21.95
C GLY A 1 4.54 6.67 -21.19
N SER A 2 4.67 6.15 -19.96
CA SER A 2 3.50 5.87 -19.14
C SER A 2 3.87 5.87 -17.66
N SER A 3 3.32 6.83 -16.91
CA SER A 3 3.59 6.93 -15.48
C SER A 3 2.81 5.89 -14.70
N GLY A 4 3.48 4.82 -14.31
CA GLY A 4 2.84 3.77 -13.55
C GLY A 4 3.58 2.45 -13.63
N SER A 5 4.53 2.24 -12.73
CA SER A 5 5.32 1.02 -12.71
C SER A 5 5.45 0.48 -11.29
N SER A 6 5.28 -0.83 -11.14
CA SER A 6 5.37 -1.48 -9.84
C SER A 6 6.75 -2.08 -9.63
N GLY A 7 7.21 -2.07 -8.38
CA GLY A 7 8.52 -2.61 -8.06
C GLY A 7 9.08 -2.05 -6.77
N PRO A 8 9.71 -0.86 -6.87
CA PRO A 8 10.31 -0.19 -5.72
C PRO A 8 9.27 0.33 -4.75
N ARG A 9 8.00 0.09 -5.06
CA ARG A 9 6.90 0.54 -4.21
C ARG A 9 6.10 -0.64 -3.69
N LEU A 10 5.37 -0.43 -2.60
CA LEU A 10 4.55 -1.47 -2.00
C LEU A 10 5.42 -2.63 -1.52
N TRP A 11 6.42 -2.31 -0.69
CA TRP A 11 7.32 -3.32 -0.16
C TRP A 11 6.94 -3.68 1.27
N GLU A 12 7.35 -4.86 1.71
CA GLU A 12 7.06 -5.33 3.06
C GLU A 12 7.54 -4.31 4.09
N GLY A 13 6.60 -3.80 4.89
CA GLY A 13 6.93 -2.83 5.91
C GLY A 13 6.87 -1.41 5.39
N GLN A 14 5.78 -1.06 4.73
CA GLN A 14 5.60 0.28 4.19
C GLN A 14 4.19 0.80 4.46
N ASP A 15 4.10 1.91 5.18
CA ASP A 15 2.82 2.51 5.51
C ASP A 15 2.10 2.98 4.26
N VAL A 16 0.99 2.32 3.93
CA VAL A 16 0.22 2.68 2.75
C VAL A 16 -1.23 3.00 3.12
N LEU A 17 -2.05 3.24 2.11
CA LEU A 17 -3.46 3.55 2.32
C LEU A 17 -4.35 2.69 1.44
N ALA A 18 -5.08 1.76 2.08
CA ALA A 18 -5.98 0.87 1.34
C ALA A 18 -7.37 1.47 1.22
N ARG A 19 -7.84 1.62 -0.01
CA ARG A 19 -9.16 2.19 -0.26
C ARG A 19 -10.25 1.17 0.03
N TRP A 20 -11.47 1.66 0.23
CA TRP A 20 -12.60 0.78 0.51
C TRP A 20 -13.71 0.97 -0.52
N THR A 21 -14.49 -0.08 -0.75
CA THR A 21 -15.59 -0.03 -1.71
C THR A 21 -16.29 1.32 -1.68
N ASP A 22 -16.45 1.86 -0.47
CA ASP A 22 -17.11 3.16 -0.30
C ASP A 22 -16.45 4.22 -1.16
N GLY A 23 -15.12 4.31 -1.07
CA GLY A 23 -14.39 5.29 -1.84
C GLY A 23 -13.46 6.14 -0.99
N LEU A 24 -13.11 5.62 0.17
CA LEU A 24 -12.22 6.33 1.09
C LEU A 24 -10.93 5.54 1.32
N LEU A 25 -9.87 6.25 1.69
CA LEU A 25 -8.58 5.62 1.95
C LEU A 25 -8.45 5.23 3.42
N TYR A 26 -7.96 4.02 3.66
CA TYR A 26 -7.79 3.51 5.01
C TYR A 26 -6.32 3.27 5.33
N LEU A 27 -5.93 3.50 6.58
CA LEU A 27 -4.56 3.30 7.00
C LEU A 27 -4.22 1.81 7.09
N GLY A 28 -3.29 1.38 6.25
CA GLY A 28 -2.89 -0.02 6.24
C GLY A 28 -1.39 -0.20 6.10
N THR A 29 -0.89 -1.35 6.52
CA THR A 29 0.54 -1.64 6.45
C THR A 29 0.81 -2.83 5.54
N ILE A 30 1.86 -2.72 4.72
CA ILE A 30 2.22 -3.79 3.80
C ILE A 30 2.78 -5.00 4.56
N LYS A 31 1.95 -6.03 4.70
CA LYS A 31 2.35 -7.24 5.40
C LYS A 31 3.01 -8.23 4.43
N LYS A 32 2.45 -8.32 3.23
CA LYS A 32 2.97 -9.22 2.22
C LYS A 32 2.76 -8.66 0.81
N VAL A 33 3.58 -9.09 -0.13
CA VAL A 33 3.48 -8.63 -1.50
C VAL A 33 3.60 -9.79 -2.49
N ASP A 34 2.51 -10.06 -3.21
CA ASP A 34 2.50 -11.15 -4.19
C ASP A 34 2.55 -10.60 -5.61
N SER A 35 3.32 -11.26 -6.46
CA SER A 35 3.47 -10.84 -7.85
C SER A 35 2.54 -11.64 -8.76
N ALA A 36 2.29 -12.89 -8.40
CA ALA A 36 1.42 -13.76 -9.18
C ALA A 36 0.05 -13.11 -9.39
N ARG A 37 -0.58 -12.71 -8.30
CA ARG A 37 -1.90 -12.08 -8.36
C ARG A 37 -1.77 -10.56 -8.30
N GLU A 38 -0.54 -10.07 -8.32
CA GLU A 38 -0.28 -8.64 -8.26
C GLU A 38 -1.06 -7.98 -7.12
N VAL A 39 -0.95 -8.58 -5.93
CA VAL A 39 -1.64 -8.05 -4.75
C VAL A 39 -0.67 -7.82 -3.61
N CYS A 40 -1.20 -7.36 -2.48
CA CYS A 40 -0.38 -7.09 -1.30
C CYS A 40 -1.20 -7.25 -0.02
N LEU A 41 -0.77 -8.18 0.83
CA LEU A 41 -1.47 -8.44 2.08
C LEU A 41 -1.25 -7.29 3.07
N VAL A 42 -2.30 -6.54 3.34
CA VAL A 42 -2.23 -5.42 4.27
C VAL A 42 -3.09 -5.66 5.50
N GLN A 43 -2.62 -5.21 6.65
CA GLN A 43 -3.34 -5.38 7.90
C GLN A 43 -3.99 -4.07 8.35
N PHE A 44 -5.20 -4.17 8.89
CA PHE A 44 -5.92 -2.98 9.36
C PHE A 44 -5.85 -2.86 10.87
N GLU A 45 -6.15 -1.67 11.38
CA GLU A 45 -6.11 -1.42 12.81
C GLU A 45 -6.92 -2.48 13.57
N ASP A 46 -7.87 -3.08 12.88
CA ASP A 46 -8.72 -4.12 13.47
C ASP A 46 -8.13 -5.50 13.24
N ASP A 47 -6.83 -5.63 13.45
CA ASP A 47 -6.14 -6.91 13.27
C ASP A 47 -6.71 -7.66 12.05
N SER A 48 -7.23 -6.90 11.10
CA SER A 48 -7.81 -7.50 9.90
C SER A 48 -6.78 -7.58 8.78
N GLN A 49 -6.20 -8.76 8.60
CA GLN A 49 -5.20 -8.96 7.56
C GLN A 49 -5.80 -9.70 6.36
N PHE A 50 -5.78 -9.03 5.20
CA PHE A 50 -6.32 -9.60 3.98
C PHE A 50 -5.45 -9.26 2.78
N LEU A 51 -5.82 -9.79 1.62
CA LEU A 51 -5.08 -9.53 0.40
C LEU A 51 -5.62 -8.32 -0.34
N VAL A 52 -4.84 -7.24 -0.36
CA VAL A 52 -5.24 -6.01 -1.03
C VAL A 52 -4.52 -5.84 -2.36
N LEU A 53 -5.28 -5.77 -3.44
CA LEU A 53 -4.72 -5.62 -4.78
C LEU A 53 -3.70 -4.48 -4.80
N TRP A 54 -2.92 -4.41 -5.88
CA TRP A 54 -1.92 -3.36 -6.03
C TRP A 54 -2.57 -2.02 -6.34
N LYS A 55 -3.59 -2.04 -7.20
CA LYS A 55 -4.29 -0.83 -7.58
C LYS A 55 -5.13 -0.30 -6.42
N ASP A 56 -5.83 -1.20 -5.73
CA ASP A 56 -6.66 -0.83 -4.60
C ASP A 56 -5.85 -0.07 -3.55
N ILE A 57 -4.54 -0.33 -3.52
CA ILE A 57 -3.65 0.33 -2.57
C ILE A 57 -3.27 1.73 -3.05
N SER A 58 -3.03 2.63 -2.12
CA SER A 58 -2.66 4.00 -2.45
C SER A 58 -1.39 4.41 -1.70
N PRO A 59 -0.54 5.21 -2.37
CA PRO A 59 0.71 5.69 -1.78
C PRO A 59 0.48 6.71 -0.66
N ALA A 60 1.02 6.40 0.52
CA ALA A 60 0.87 7.28 1.67
C ALA A 60 2.06 8.22 1.79
N ALA A 61 2.52 8.74 0.67
CA ALA A 61 3.66 9.66 0.65
C ALA A 61 3.50 10.71 -0.46
N LEU A 62 4.24 11.81 -0.33
CA LEU A 62 4.18 12.88 -1.31
C LEU A 62 5.57 13.20 -1.85
N SER A 63 5.97 12.51 -2.91
CA SER A 63 7.27 12.72 -3.52
C SER A 63 7.41 14.16 -4.03
N GLY A 64 8.60 14.72 -3.85
CA GLY A 64 8.85 16.08 -4.29
C GLY A 64 9.84 16.81 -3.41
N PRO A 65 11.14 16.56 -3.66
CA PRO A 65 12.23 17.18 -2.89
C PRO A 65 12.36 18.66 -3.18
N SER A 66 12.84 19.42 -2.20
CA SER A 66 13.02 20.86 -2.35
C SER A 66 14.47 21.26 -2.09
N SER A 67 15.02 22.07 -3.00
CA SER A 67 16.39 22.53 -2.87
C SER A 67 16.46 24.05 -2.84
N GLY A 68 17.52 24.58 -2.22
CA GLY A 68 17.69 26.02 -2.14
C GLY A 68 17.82 26.51 -0.71
N GLY A 1 22.61 16.47 -9.36
CA GLY A 1 23.12 15.12 -9.29
C GLY A 1 22.07 14.12 -8.84
N SER A 2 21.73 13.19 -9.71
CA SER A 2 20.73 12.17 -9.41
C SER A 2 21.08 10.84 -10.05
N SER A 3 20.92 9.76 -9.29
CA SER A 3 21.23 8.43 -9.80
C SER A 3 20.10 7.46 -9.49
N GLY A 4 19.28 7.17 -10.50
CA GLY A 4 18.16 6.26 -10.32
C GLY A 4 16.96 6.93 -9.70
N SER A 5 15.90 7.09 -10.49
CA SER A 5 14.68 7.73 -10.01
C SER A 5 13.65 6.69 -9.59
N SER A 6 13.45 5.69 -10.45
CA SER A 6 12.48 4.63 -10.17
C SER A 6 13.00 3.70 -9.08
N GLY A 7 12.09 2.91 -8.51
CA GLY A 7 12.47 1.98 -7.47
C GLY A 7 11.33 1.08 -7.05
N PRO A 8 11.54 0.32 -5.97
CA PRO A 8 10.53 -0.60 -5.43
C PRO A 8 9.34 0.14 -4.81
N ARG A 9 8.19 -0.54 -4.77
CA ARG A 9 6.98 0.05 -4.20
C ARG A 9 6.16 -0.99 -3.45
N LEU A 10 5.29 -0.53 -2.57
CA LEU A 10 4.44 -1.43 -1.79
C LEU A 10 5.25 -2.60 -1.24
N TRP A 11 6.44 -2.29 -0.72
CA TRP A 11 7.30 -3.32 -0.16
C TRP A 11 6.90 -3.65 1.27
N GLU A 12 7.25 -4.86 1.71
CA GLU A 12 6.92 -5.30 3.07
C GLU A 12 7.46 -4.33 4.11
N GLY A 13 6.55 -3.77 4.91
CA GLY A 13 6.95 -2.84 5.94
C GLY A 13 6.87 -1.39 5.47
N GLN A 14 5.86 -1.10 4.66
CA GLN A 14 5.67 0.25 4.13
C GLN A 14 4.27 0.76 4.43
N ASP A 15 4.18 1.87 5.17
CA ASP A 15 2.90 2.45 5.52
C ASP A 15 2.18 2.97 4.28
N VAL A 16 1.05 2.33 3.94
CA VAL A 16 0.27 2.72 2.78
C VAL A 16 -1.19 2.93 3.16
N LEU A 17 -2.00 3.32 2.17
CA LEU A 17 -3.42 3.56 2.39
C LEU A 17 -4.26 2.68 1.48
N ALA A 18 -5.03 1.77 2.08
CA ALA A 18 -5.89 0.87 1.32
C ALA A 18 -7.34 1.35 1.36
N ARG A 19 -7.94 1.48 0.19
CA ARG A 19 -9.33 1.92 0.08
C ARG A 19 -10.29 0.79 0.42
N TRP A 20 -11.41 1.14 1.03
CA TRP A 20 -12.42 0.14 1.40
C TRP A 20 -13.81 0.60 0.99
N THR A 21 -14.35 1.55 1.74
CA THR A 21 -15.69 2.07 1.47
C THR A 21 -15.77 2.63 0.04
N ASP A 22 -16.93 3.20 -0.29
CA ASP A 22 -17.13 3.78 -1.62
C ASP A 22 -15.84 4.39 -2.15
N GLY A 23 -15.46 5.55 -1.58
CA GLY A 23 -14.25 6.22 -2.02
C GLY A 23 -13.50 6.84 -0.85
N LEU A 24 -12.87 6.00 -0.04
CA LEU A 24 -12.11 6.48 1.11
C LEU A 24 -10.92 5.56 1.38
N LEU A 25 -9.74 6.16 1.54
CA LEU A 25 -8.53 5.40 1.81
C LEU A 25 -8.36 5.15 3.32
N TYR A 26 -7.93 3.95 3.66
CA TYR A 26 -7.73 3.58 5.05
C TYR A 26 -6.25 3.29 5.34
N LEU A 27 -5.83 3.53 6.57
CA LEU A 27 -4.45 3.29 6.97
C LEU A 27 -4.15 1.79 7.02
N GLY A 28 -3.22 1.36 6.17
CA GLY A 28 -2.86 -0.04 6.13
C GLY A 28 -1.37 -0.26 6.08
N THR A 29 -0.91 -1.38 6.60
CA THR A 29 0.52 -1.71 6.61
C THR A 29 0.82 -2.90 5.70
N ILE A 30 1.76 -2.72 4.78
CA ILE A 30 2.14 -3.77 3.85
C ILE A 30 2.68 -4.98 4.61
N LYS A 31 1.89 -6.04 4.70
CA LYS A 31 2.28 -7.26 5.38
C LYS A 31 2.94 -8.24 4.41
N LYS A 32 2.36 -8.37 3.23
CA LYS A 32 2.88 -9.27 2.21
C LYS A 32 2.70 -8.68 0.82
N VAL A 33 3.53 -9.12 -0.12
CA VAL A 33 3.48 -8.64 -1.49
C VAL A 33 3.60 -9.79 -2.48
N ASP A 34 2.54 -10.02 -3.26
CA ASP A 34 2.54 -11.09 -4.26
C ASP A 34 2.63 -10.52 -5.67
N SER A 35 3.53 -11.07 -6.47
CA SER A 35 3.72 -10.62 -7.84
C SER A 35 2.79 -11.36 -8.79
N ALA A 36 2.55 -12.63 -8.49
CA ALA A 36 1.68 -13.46 -9.32
C ALA A 36 0.34 -12.77 -9.57
N ARG A 37 -0.40 -12.50 -8.49
CA ARG A 37 -1.69 -11.84 -8.60
C ARG A 37 -1.55 -10.33 -8.45
N GLU A 38 -0.30 -9.86 -8.43
CA GLU A 38 -0.03 -8.44 -8.30
C GLU A 38 -0.85 -7.82 -7.17
N VAL A 39 -0.73 -8.41 -5.98
CA VAL A 39 -1.47 -7.92 -4.81
C VAL A 39 -0.54 -7.71 -3.62
N CYS A 40 -1.10 -7.23 -2.52
CA CYS A 40 -0.31 -6.99 -1.31
C CYS A 40 -1.18 -7.15 -0.06
N LEU A 41 -0.81 -8.10 0.79
CA LEU A 41 -1.55 -8.36 2.02
C LEU A 41 -1.32 -7.24 3.03
N VAL A 42 -2.35 -6.44 3.27
CA VAL A 42 -2.26 -5.35 4.23
C VAL A 42 -3.13 -5.60 5.45
N GLN A 43 -2.72 -5.08 6.59
CA GLN A 43 -3.46 -5.25 7.84
C GLN A 43 -4.14 -3.95 8.25
N PHE A 44 -5.26 -4.07 8.95
CA PHE A 44 -6.00 -2.90 9.41
C PHE A 44 -5.96 -2.79 10.92
N GLU A 45 -6.26 -1.59 11.44
CA GLU A 45 -6.24 -1.35 12.87
C GLU A 45 -7.02 -2.44 13.61
N ASP A 46 -7.99 -3.03 12.93
CA ASP A 46 -8.81 -4.09 13.51
C ASP A 46 -8.18 -5.46 13.29
N ASP A 47 -6.87 -5.54 13.49
CA ASP A 47 -6.15 -6.80 13.30
C ASP A 47 -6.68 -7.56 12.09
N SER A 48 -7.23 -6.82 11.13
CA SER A 48 -7.79 -7.42 9.92
C SER A 48 -6.74 -7.50 8.82
N GLN A 49 -6.19 -8.69 8.60
CA GLN A 49 -5.18 -8.89 7.57
C GLN A 49 -5.75 -9.65 6.39
N PHE A 50 -5.77 -9.00 5.23
CA PHE A 50 -6.29 -9.63 4.02
C PHE A 50 -5.43 -9.26 2.81
N LEU A 51 -5.78 -9.82 1.66
CA LEU A 51 -5.05 -9.55 0.42
C LEU A 51 -5.66 -8.39 -0.34
N VAL A 52 -4.90 -7.30 -0.46
CA VAL A 52 -5.37 -6.12 -1.17
C VAL A 52 -4.63 -5.93 -2.48
N LEU A 53 -5.38 -5.89 -3.58
CA LEU A 53 -4.79 -5.72 -4.90
C LEU A 53 -3.77 -4.58 -4.90
N TRP A 54 -3.00 -4.48 -5.98
CA TRP A 54 -1.99 -3.43 -6.10
C TRP A 54 -2.64 -2.08 -6.39
N LYS A 55 -3.66 -2.09 -7.24
CA LYS A 55 -4.38 -0.87 -7.59
C LYS A 55 -5.10 -0.29 -6.39
N ASP A 56 -5.97 -1.09 -5.77
CA ASP A 56 -6.72 -0.65 -4.61
C ASP A 56 -5.84 0.11 -3.65
N ILE A 57 -4.60 -0.34 -3.49
CA ILE A 57 -3.66 0.31 -2.59
C ILE A 57 -3.31 1.71 -3.07
N SER A 58 -2.99 2.59 -2.13
CA SER A 58 -2.64 3.97 -2.45
C SER A 58 -1.41 4.41 -1.69
N PRO A 59 -0.66 5.38 -2.27
CA PRO A 59 0.56 5.90 -1.67
C PRO A 59 0.27 6.75 -0.43
N ALA A 60 1.10 6.58 0.60
CA ALA A 60 0.94 7.33 1.84
C ALA A 60 2.12 8.25 2.08
N ALA A 61 2.08 9.43 1.47
CA ALA A 61 3.15 10.41 1.62
C ALA A 61 3.49 10.62 3.10
N LEU A 62 4.61 10.07 3.53
CA LEU A 62 5.05 10.20 4.91
C LEU A 62 5.90 11.45 5.09
N SER A 63 5.25 12.54 5.48
CA SER A 63 5.94 13.81 5.69
C SER A 63 6.66 14.25 4.42
N GLY A 64 6.01 14.09 3.28
CA GLY A 64 6.60 14.47 2.02
C GLY A 64 7.22 13.30 1.29
N PRO A 65 7.71 13.55 0.07
CA PRO A 65 8.34 12.51 -0.77
C PRO A 65 9.68 12.07 -0.21
N SER A 66 10.11 12.69 0.88
CA SER A 66 11.38 12.36 1.51
C SER A 66 11.33 10.98 2.16
N SER A 67 12.07 10.04 1.58
CA SER A 67 12.11 8.67 2.10
C SER A 67 13.31 7.91 1.55
N GLY A 68 13.70 6.86 2.25
CA GLY A 68 14.83 6.06 1.83
C GLY A 68 15.95 6.05 2.84
N GLY A 1 13.34 10.59 -18.79
CA GLY A 1 14.58 11.34 -18.74
C GLY A 1 15.31 11.17 -17.43
N SER A 2 16.48 11.80 -17.31
CA SER A 2 17.27 11.72 -16.10
C SER A 2 16.40 11.87 -14.86
N SER A 3 15.58 12.90 -14.84
CA SER A 3 14.68 13.17 -13.71
C SER A 3 13.64 12.06 -13.58
N GLY A 4 13.45 11.57 -12.36
CA GLY A 4 12.48 10.52 -12.12
C GLY A 4 12.70 9.82 -10.80
N SER A 5 12.53 8.50 -10.80
CA SER A 5 12.71 7.71 -9.58
C SER A 5 13.16 6.29 -9.92
N SER A 6 13.95 5.69 -9.01
CA SER A 6 14.44 4.34 -9.21
C SER A 6 14.33 3.53 -7.93
N GLY A 7 13.37 2.61 -7.90
CA GLY A 7 13.17 1.78 -6.74
C GLY A 7 11.82 1.09 -6.73
N PRO A 8 11.71 0.00 -5.96
CA PRO A 8 10.47 -0.77 -5.86
C PRO A 8 9.37 -0.02 -5.10
N ARG A 9 8.21 -0.63 -4.99
CA ARG A 9 7.09 -0.02 -4.29
C ARG A 9 6.27 -1.07 -3.54
N LEU A 10 5.47 -0.61 -2.57
CA LEU A 10 4.65 -1.52 -1.78
C LEU A 10 5.47 -2.66 -1.21
N TRP A 11 6.65 -2.33 -0.68
CA TRP A 11 7.54 -3.33 -0.10
C TRP A 11 7.11 -3.67 1.32
N GLU A 12 7.47 -4.87 1.78
CA GLU A 12 7.12 -5.32 3.11
C GLU A 12 7.60 -4.31 4.16
N GLY A 13 6.65 -3.78 4.94
CA GLY A 13 7.00 -2.82 5.97
C GLY A 13 6.96 -1.38 5.45
N GLN A 14 5.89 -1.05 4.74
CA GLN A 14 5.73 0.29 4.19
C GLN A 14 4.33 0.82 4.44
N ASP A 15 4.25 1.94 5.15
CA ASP A 15 2.96 2.55 5.47
C ASP A 15 2.22 2.95 4.19
N VAL A 16 1.04 2.38 3.99
CA VAL A 16 0.24 2.67 2.80
C VAL A 16 -1.22 2.93 3.18
N LEU A 17 -2.05 3.14 2.17
CA LEU A 17 -3.48 3.39 2.39
C LEU A 17 -4.34 2.47 1.52
N ALA A 18 -5.02 1.54 2.16
CA ALA A 18 -5.88 0.60 1.46
C ALA A 18 -7.30 1.16 1.29
N ARG A 19 -7.72 1.33 0.05
CA ARG A 19 -9.04 1.86 -0.23
C ARG A 19 -10.12 0.79 -0.07
N TRP A 20 -11.34 1.22 0.18
CA TRP A 20 -12.45 0.29 0.37
C TRP A 20 -13.45 0.39 -0.79
N THR A 21 -14.26 -0.65 -0.96
CA THR A 21 -15.25 -0.67 -2.02
C THR A 21 -16.03 0.64 -2.09
N ASP A 22 -16.23 1.25 -0.94
CA ASP A 22 -16.95 2.52 -0.87
C ASP A 22 -16.23 3.61 -1.67
N GLY A 23 -14.93 3.74 -1.43
CA GLY A 23 -14.15 4.73 -2.12
C GLY A 23 -13.31 5.59 -1.18
N LEU A 24 -13.06 5.07 0.01
CA LEU A 24 -12.28 5.79 1.01
C LEU A 24 -10.97 5.06 1.30
N LEU A 25 -9.91 5.83 1.54
CA LEU A 25 -8.60 5.27 1.84
C LEU A 25 -8.48 4.93 3.32
N TYR A 26 -7.98 3.73 3.61
CA TYR A 26 -7.81 3.29 4.99
C TYR A 26 -6.34 3.06 5.30
N LEU A 27 -5.95 3.34 6.55
CA LEU A 27 -4.58 3.17 6.98
C LEU A 27 -4.21 1.69 7.06
N GLY A 28 -3.29 1.26 6.20
CA GLY A 28 -2.87 -0.12 6.18
C GLY A 28 -1.36 -0.27 6.06
N THR A 29 -0.85 -1.41 6.52
CA THR A 29 0.59 -1.67 6.47
C THR A 29 0.90 -2.85 5.56
N ILE A 30 1.90 -2.69 4.70
CA ILE A 30 2.30 -3.74 3.78
C ILE A 30 2.84 -4.95 4.53
N LYS A 31 2.04 -6.02 4.57
CA LYS A 31 2.43 -7.25 5.25
C LYS A 31 3.04 -8.24 4.27
N LYS A 32 2.43 -8.36 3.10
CA LYS A 32 2.91 -9.28 2.07
C LYS A 32 2.73 -8.67 0.68
N VAL A 33 3.63 -9.03 -0.23
CA VAL A 33 3.58 -8.53 -1.60
C VAL A 33 3.69 -9.67 -2.61
N ASP A 34 2.61 -9.93 -3.32
CA ASP A 34 2.59 -10.99 -4.33
C ASP A 34 2.65 -10.41 -5.74
N SER A 35 3.44 -11.04 -6.60
CA SER A 35 3.59 -10.57 -7.97
C SER A 35 2.63 -11.33 -8.90
N ALA A 36 2.39 -12.60 -8.58
CA ALA A 36 1.51 -13.43 -9.38
C ALA A 36 0.15 -12.76 -9.58
N ARG A 37 -0.54 -12.49 -8.47
CA ARG A 37 -1.85 -11.85 -8.52
C ARG A 37 -1.72 -10.34 -8.40
N GLU A 38 -0.47 -9.86 -8.40
CA GLU A 38 -0.21 -8.42 -8.29
C GLU A 38 -0.99 -7.82 -7.13
N VAL A 39 -0.92 -8.47 -5.98
CA VAL A 39 -1.62 -7.99 -4.79
C VAL A 39 -0.65 -7.78 -3.63
N CYS A 40 -1.18 -7.32 -2.50
CA CYS A 40 -0.36 -7.08 -1.32
C CYS A 40 -1.18 -7.20 -0.04
N LEU A 41 -0.81 -8.16 0.80
CA LEU A 41 -1.51 -8.39 2.06
C LEU A 41 -1.26 -7.25 3.05
N VAL A 42 -2.32 -6.50 3.35
CA VAL A 42 -2.21 -5.38 4.28
C VAL A 42 -3.07 -5.61 5.52
N GLN A 43 -2.59 -5.13 6.67
CA GLN A 43 -3.32 -5.30 7.92
C GLN A 43 -3.94 -3.98 8.35
N PHE A 44 -5.13 -4.05 8.94
CA PHE A 44 -5.84 -2.86 9.40
C PHE A 44 -5.77 -2.74 10.92
N GLU A 45 -6.03 -1.53 11.43
CA GLU A 45 -5.98 -1.27 12.86
C GLU A 45 -6.87 -2.27 13.61
N ASP A 46 -7.86 -2.80 12.92
CA ASP A 46 -8.79 -3.77 13.52
C ASP A 46 -8.29 -5.19 13.31
N ASP A 47 -7.00 -5.40 13.55
CA ASP A 47 -6.41 -6.72 13.39
C ASP A 47 -6.99 -7.44 12.17
N SER A 48 -7.45 -6.67 11.20
CA SER A 48 -8.04 -7.23 9.99
C SER A 48 -6.99 -7.32 8.88
N GLN A 49 -6.46 -8.52 8.67
CA GLN A 49 -5.46 -8.74 7.64
C GLN A 49 -6.06 -9.46 6.44
N PHE A 50 -6.04 -8.80 5.29
CA PHE A 50 -6.58 -9.37 4.06
C PHE A 50 -5.67 -9.08 2.87
N LEU A 51 -6.03 -9.63 1.72
CA LEU A 51 -5.25 -9.43 0.50
C LEU A 51 -5.75 -8.23 -0.28
N VAL A 52 -4.95 -7.17 -0.31
CA VAL A 52 -5.31 -5.95 -1.04
C VAL A 52 -4.51 -5.82 -2.33
N LEU A 53 -5.21 -5.77 -3.46
CA LEU A 53 -4.56 -5.64 -4.76
C LEU A 53 -3.56 -4.48 -4.76
N TRP A 54 -2.81 -4.35 -5.84
CA TRP A 54 -1.83 -3.29 -5.97
C TRP A 54 -2.51 -1.95 -6.24
N LYS A 55 -3.49 -1.96 -7.15
CA LYS A 55 -4.21 -0.75 -7.50
C LYS A 55 -5.08 -0.28 -6.34
N ASP A 56 -5.72 -1.23 -5.66
CA ASP A 56 -6.59 -0.91 -4.53
C ASP A 56 -5.82 -0.18 -3.45
N ILE A 57 -4.49 -0.28 -3.49
CA ILE A 57 -3.64 0.38 -2.51
C ILE A 57 -3.26 1.78 -2.97
N SER A 58 -2.99 2.66 -2.01
CA SER A 58 -2.62 4.04 -2.32
C SER A 58 -1.37 4.44 -1.55
N PRO A 59 -0.51 5.24 -2.20
CA PRO A 59 0.74 5.72 -1.59
C PRO A 59 0.49 6.73 -0.47
N ALA A 60 1.09 6.48 0.68
CA ALA A 60 0.93 7.37 1.83
C ALA A 60 2.10 8.36 1.92
N ALA A 61 2.50 8.88 0.77
CA ALA A 61 3.60 9.84 0.71
C ALA A 61 3.59 10.61 -0.60
N LEU A 62 4.17 11.80 -0.59
CA LEU A 62 4.24 12.64 -1.79
C LEU A 62 5.68 13.00 -2.12
N SER A 63 6.59 12.04 -1.96
CA SER A 63 8.00 12.26 -2.25
C SER A 63 8.60 11.05 -2.96
N GLY A 64 9.87 11.15 -3.31
CA GLY A 64 10.55 10.07 -3.99
C GLY A 64 12.04 10.28 -4.08
N PRO A 65 12.81 9.18 -4.03
CA PRO A 65 14.27 9.22 -4.10
C PRO A 65 14.77 9.60 -5.49
N SER A 66 15.71 10.54 -5.54
CA SER A 66 16.28 11.00 -6.80
C SER A 66 17.06 9.88 -7.48
N SER A 67 16.47 9.31 -8.54
CA SER A 67 17.10 8.23 -9.27
C SER A 67 17.74 7.22 -8.32
N GLY A 68 17.04 6.92 -7.23
CA GLY A 68 17.56 5.98 -6.26
C GLY A 68 18.98 6.28 -5.85
N GLY A 1 5.76 -0.38 -30.10
CA GLY A 1 6.10 0.52 -29.02
C GLY A 1 5.88 -0.10 -27.66
N SER A 2 6.93 -0.11 -26.84
CA SER A 2 6.84 -0.67 -25.49
C SER A 2 6.47 0.39 -24.47
N SER A 3 5.93 -0.05 -23.33
CA SER A 3 5.52 0.88 -22.28
C SER A 3 5.28 0.13 -20.98
N GLY A 4 6.09 0.43 -19.96
CA GLY A 4 5.94 -0.22 -18.67
C GLY A 4 6.75 0.46 -17.58
N SER A 5 6.20 0.50 -16.38
CA SER A 5 6.88 1.13 -15.25
C SER A 5 6.59 0.37 -13.95
N SER A 6 7.61 -0.31 -13.44
CA SER A 6 7.46 -1.09 -12.21
C SER A 6 8.60 -0.78 -11.24
N GLY A 7 8.29 -0.80 -9.95
CA GLY A 7 9.30 -0.53 -8.95
C GLY A 7 9.10 -1.33 -7.68
N PRO A 8 10.01 -1.17 -6.72
CA PRO A 8 9.95 -1.89 -5.44
C PRO A 8 8.80 -1.40 -4.55
N ARG A 9 8.05 -0.43 -5.05
CA ARG A 9 6.92 0.12 -4.32
C ARG A 9 6.09 -0.99 -3.67
N LEU A 10 5.37 -0.63 -2.61
CA LEU A 10 4.55 -1.60 -1.90
C LEU A 10 5.39 -2.76 -1.36
N TRP A 11 6.51 -2.41 -0.73
CA TRP A 11 7.41 -3.42 -0.17
C TRP A 11 6.99 -3.78 1.26
N GLU A 12 7.39 -4.96 1.70
CA GLU A 12 7.07 -5.43 3.05
C GLU A 12 7.52 -4.40 4.09
N GLY A 13 6.56 -3.90 4.88
CA GLY A 13 6.88 -2.93 5.90
C GLY A 13 6.83 -1.52 5.38
N GLN A 14 5.75 -1.18 4.68
CA GLN A 14 5.58 0.16 4.13
C GLN A 14 4.17 0.68 4.40
N ASP A 15 4.10 1.88 4.97
CA ASP A 15 2.81 2.49 5.29
C ASP A 15 2.07 2.87 4.00
N VAL A 16 0.93 2.22 3.78
CA VAL A 16 0.12 2.49 2.58
C VAL A 16 -1.33 2.78 2.96
N LEU A 17 -2.08 3.34 2.02
CA LEU A 17 -3.48 3.66 2.25
C LEU A 17 -4.39 2.76 1.42
N ALA A 18 -5.13 1.88 2.10
CA ALA A 18 -6.04 0.96 1.43
C ALA A 18 -7.42 1.58 1.27
N ARG A 19 -7.88 1.68 0.02
CA ARG A 19 -9.19 2.25 -0.26
C ARG A 19 -10.31 1.27 0.11
N TRP A 20 -11.50 1.81 0.34
CA TRP A 20 -12.65 0.99 0.70
C TRP A 20 -13.75 1.09 -0.34
N THR A 21 -14.81 0.31 -0.17
CA THR A 21 -15.93 0.32 -1.11
C THR A 21 -16.29 1.74 -1.51
N ASP A 22 -16.70 2.54 -0.53
CA ASP A 22 -17.07 3.93 -0.78
C ASP A 22 -15.99 4.65 -1.57
N GLY A 23 -14.75 4.56 -1.08
CA GLY A 23 -13.65 5.22 -1.75
C GLY A 23 -12.67 5.86 -0.78
N LEU A 24 -13.09 5.96 0.48
CA LEU A 24 -12.24 6.56 1.51
C LEU A 24 -10.97 5.74 1.72
N LEU A 25 -9.86 6.43 1.95
CA LEU A 25 -8.58 5.77 2.16
C LEU A 25 -8.44 5.30 3.60
N TYR A 26 -7.94 4.08 3.78
CA TYR A 26 -7.76 3.52 5.11
C TYR A 26 -6.28 3.27 5.40
N LEU A 27 -5.91 3.35 6.68
CA LEU A 27 -4.52 3.13 7.09
C LEU A 27 -4.20 1.64 7.10
N GLY A 28 -3.31 1.23 6.20
CA GLY A 28 -2.92 -0.17 6.14
C GLY A 28 -1.41 -0.35 6.01
N THR A 29 -0.91 -1.43 6.58
CA THR A 29 0.52 -1.72 6.53
C THR A 29 0.82 -2.91 5.63
N ILE A 30 1.79 -2.74 4.74
CA ILE A 30 2.18 -3.81 3.82
C ILE A 30 2.74 -5.01 4.57
N LYS A 31 1.95 -6.06 4.66
CA LYS A 31 2.36 -7.29 5.34
C LYS A 31 2.93 -8.29 4.36
N LYS A 32 2.32 -8.39 3.19
CA LYS A 32 2.76 -9.32 2.15
C LYS A 32 2.67 -8.69 0.77
N VAL A 33 3.51 -9.14 -0.14
CA VAL A 33 3.53 -8.61 -1.51
C VAL A 33 3.72 -9.73 -2.52
N ASP A 34 2.69 -10.00 -3.31
CA ASP A 34 2.75 -11.04 -4.32
C ASP A 34 2.88 -10.45 -5.72
N SER A 35 3.69 -11.09 -6.56
CA SER A 35 3.91 -10.61 -7.92
C SER A 35 2.98 -11.33 -8.90
N ALA A 36 2.69 -12.58 -8.61
CA ALA A 36 1.81 -13.38 -9.46
C ALA A 36 0.46 -12.69 -9.66
N ARG A 37 -0.30 -12.56 -8.59
CA ARG A 37 -1.61 -11.92 -8.66
C ARG A 37 -1.49 -10.41 -8.52
N GLU A 38 -0.25 -9.94 -8.36
CA GLU A 38 0.01 -8.51 -8.22
C GLU A 38 -0.82 -7.92 -7.09
N VAL A 39 -0.72 -8.52 -5.90
CA VAL A 39 -1.46 -8.05 -4.73
C VAL A 39 -0.53 -7.79 -3.55
N CYS A 40 -1.10 -7.37 -2.44
CA CYS A 40 -0.32 -7.09 -1.24
C CYS A 40 -1.17 -7.24 0.02
N LEU A 41 -0.78 -8.17 0.88
CA LEU A 41 -1.52 -8.42 2.12
C LEU A 41 -1.29 -7.29 3.12
N VAL A 42 -2.31 -6.46 3.29
CA VAL A 42 -2.24 -5.33 4.21
C VAL A 42 -3.13 -5.55 5.43
N GLN A 43 -2.67 -5.13 6.59
CA GLN A 43 -3.43 -5.28 7.82
C GLN A 43 -4.16 -3.99 8.18
N PHE A 44 -5.20 -4.11 9.00
CA PHE A 44 -5.99 -2.96 9.40
C PHE A 44 -5.94 -2.78 10.92
N GLU A 45 -6.28 -1.58 11.38
CA GLU A 45 -6.28 -1.28 12.81
C GLU A 45 -7.06 -2.34 13.58
N ASP A 46 -8.02 -2.97 12.92
CA ASP A 46 -8.84 -3.99 13.54
C ASP A 46 -8.22 -5.38 13.36
N ASP A 47 -6.91 -5.47 13.60
CA ASP A 47 -6.19 -6.72 13.45
C ASP A 47 -6.71 -7.52 12.27
N SER A 48 -7.24 -6.82 11.27
CA SER A 48 -7.78 -7.46 10.08
C SER A 48 -6.75 -7.48 8.95
N GLN A 49 -6.26 -8.66 8.64
CA GLN A 49 -5.26 -8.83 7.58
C GLN A 49 -5.83 -9.60 6.40
N PHE A 50 -5.83 -8.98 5.23
CA PHE A 50 -6.35 -9.63 4.03
C PHE A 50 -5.47 -9.30 2.82
N LEU A 51 -5.84 -9.86 1.67
CA LEU A 51 -5.08 -9.63 0.44
C LEU A 51 -5.65 -8.44 -0.34
N VAL A 52 -4.88 -7.36 -0.39
CA VAL A 52 -5.31 -6.16 -1.11
C VAL A 52 -4.51 -5.97 -2.38
N LEU A 53 -5.20 -5.95 -3.51
CA LEU A 53 -4.56 -5.77 -4.81
C LEU A 53 -3.55 -4.62 -4.77
N TRP A 54 -2.76 -4.49 -5.82
CA TRP A 54 -1.76 -3.43 -5.90
C TRP A 54 -2.41 -2.08 -6.15
N LYS A 55 -3.38 -2.05 -7.06
CA LYS A 55 -4.08 -0.83 -7.39
C LYS A 55 -4.88 -0.31 -6.19
N ASP A 56 -5.74 -1.17 -5.66
CA ASP A 56 -6.57 -0.80 -4.51
C ASP A 56 -5.74 -0.05 -3.47
N ILE A 57 -4.42 -0.28 -3.48
CA ILE A 57 -3.52 0.38 -2.54
C ILE A 57 -3.11 1.75 -3.05
N SER A 58 -3.11 2.73 -2.16
CA SER A 58 -2.73 4.10 -2.52
C SER A 58 -1.44 4.50 -1.83
N PRO A 59 -0.61 5.28 -2.54
CA PRO A 59 0.68 5.76 -2.01
C PRO A 59 0.51 6.79 -0.90
N ALA A 60 0.67 6.34 0.34
CA ALA A 60 0.54 7.21 1.50
C ALA A 60 1.59 8.32 1.47
N ALA A 61 1.15 9.55 1.69
CA ALA A 61 2.05 10.70 1.70
C ALA A 61 2.41 11.11 3.12
N LEU A 62 3.64 11.60 3.30
CA LEU A 62 4.11 12.03 4.61
C LEU A 62 3.68 13.47 4.90
N SER A 63 2.98 13.65 6.02
CA SER A 63 2.51 14.98 6.41
C SER A 63 3.63 15.79 7.04
N GLY A 64 4.32 15.20 8.01
CA GLY A 64 5.41 15.88 8.68
C GLY A 64 5.08 16.24 10.10
N PRO A 65 6.10 16.20 10.98
CA PRO A 65 5.93 16.51 12.40
C PRO A 65 5.67 17.99 12.63
N SER A 66 4.78 18.30 13.59
CA SER A 66 4.44 19.67 13.91
C SER A 66 5.22 20.16 15.13
N SER A 67 5.11 19.42 16.22
CA SER A 67 5.80 19.78 17.46
C SER A 67 6.22 18.54 18.23
N GLY A 68 7.04 18.73 19.26
CA GLY A 68 7.50 17.61 20.07
C GLY A 68 8.46 16.71 19.31
N GLY A 1 20.81 18.25 -4.63
CA GLY A 1 19.66 19.04 -4.24
C GLY A 1 18.50 18.89 -5.19
N SER A 2 18.23 17.66 -5.60
CA SER A 2 17.13 17.38 -6.52
C SER A 2 16.05 16.53 -5.86
N SER A 3 14.81 16.74 -6.26
CA SER A 3 13.69 16.00 -5.69
C SER A 3 12.93 15.25 -6.78
N GLY A 4 12.66 13.97 -6.53
CA GLY A 4 11.94 13.16 -7.49
C GLY A 4 12.71 11.92 -7.90
N SER A 5 12.62 10.87 -7.09
CA SER A 5 13.33 9.63 -7.36
C SER A 5 12.78 8.49 -6.50
N SER A 6 12.15 7.53 -7.15
CA SER A 6 11.57 6.38 -6.44
C SER A 6 11.61 5.13 -7.30
N GLY A 7 12.10 4.04 -6.73
CA GLY A 7 12.18 2.78 -7.46
C GLY A 7 11.08 1.82 -7.08
N PRO A 8 11.36 0.94 -6.10
CA PRO A 8 10.41 -0.06 -5.63
C PRO A 8 9.25 0.56 -4.85
N ARG A 9 8.13 -0.15 -4.79
CA ARG A 9 6.95 0.34 -4.09
C ARG A 9 6.14 -0.82 -3.53
N LEU A 10 5.30 -0.53 -2.53
CA LEU A 10 4.47 -1.54 -1.91
C LEU A 10 5.31 -2.70 -1.38
N TRP A 11 6.44 -2.36 -0.75
CA TRP A 11 7.34 -3.36 -0.20
C TRP A 11 6.94 -3.70 1.24
N GLU A 12 7.32 -4.89 1.68
CA GLU A 12 7.00 -5.34 3.04
C GLU A 12 7.55 -4.37 4.07
N GLY A 13 6.64 -3.73 4.80
CA GLY A 13 7.06 -2.78 5.82
C GLY A 13 6.94 -1.34 5.35
N GLN A 14 5.92 -1.05 4.54
CA GLN A 14 5.71 0.29 4.02
C GLN A 14 4.31 0.78 4.35
N ASP A 15 4.23 1.92 5.03
CA ASP A 15 2.94 2.50 5.41
C ASP A 15 2.17 2.95 4.18
N VAL A 16 1.07 2.25 3.88
CA VAL A 16 0.24 2.57 2.74
C VAL A 16 -1.21 2.79 3.15
N LEU A 17 -2.05 3.13 2.17
CA LEU A 17 -3.47 3.37 2.44
C LEU A 17 -4.34 2.48 1.55
N ALA A 18 -5.10 1.59 2.19
CA ALA A 18 -5.98 0.68 1.46
C ALA A 18 -7.40 1.22 1.42
N ARG A 19 -7.97 1.27 0.22
CA ARG A 19 -9.33 1.78 0.04
C ARG A 19 -10.36 0.73 0.46
N TRP A 20 -11.58 1.17 0.72
CA TRP A 20 -12.64 0.28 1.12
C TRP A 20 -13.76 0.23 0.07
N THR A 21 -13.36 0.06 -1.19
CA THR A 21 -14.31 0.00 -2.29
C THR A 21 -15.46 0.98 -2.07
N ASP A 22 -15.17 2.09 -1.42
CA ASP A 22 -16.18 3.10 -1.14
C ASP A 22 -15.72 4.47 -1.65
N GLY A 23 -14.42 4.67 -1.72
CA GLY A 23 -13.87 5.93 -2.19
C GLY A 23 -12.84 6.50 -1.24
N LEU A 24 -13.02 6.26 0.06
CA LEU A 24 -12.09 6.76 1.06
C LEU A 24 -10.93 5.79 1.25
N LEU A 25 -9.79 6.32 1.68
CA LEU A 25 -8.60 5.52 1.91
C LEU A 25 -8.43 5.20 3.39
N TYR A 26 -8.01 3.96 3.68
CA TYR A 26 -7.82 3.54 5.06
C TYR A 26 -6.35 3.22 5.32
N LEU A 27 -5.93 3.41 6.56
CA LEU A 27 -4.54 3.14 6.95
C LEU A 27 -4.24 1.65 6.93
N GLY A 28 -3.21 1.28 6.18
CA GLY A 28 -2.84 -0.13 6.09
C GLY A 28 -1.35 -0.32 5.97
N THR A 29 -0.85 -1.45 6.48
CA THR A 29 0.57 -1.75 6.44
C THR A 29 0.85 -2.92 5.50
N ILE A 30 1.82 -2.74 4.61
CA ILE A 30 2.19 -3.78 3.66
C ILE A 30 2.72 -5.02 4.39
N LYS A 31 1.83 -5.96 4.66
CA LYS A 31 2.20 -7.20 5.35
C LYS A 31 2.86 -8.18 4.38
N LYS A 32 2.25 -8.36 3.21
CA LYS A 32 2.77 -9.26 2.20
C LYS A 32 2.65 -8.65 0.81
N VAL A 33 3.51 -9.09 -0.11
CA VAL A 33 3.49 -8.59 -1.48
C VAL A 33 3.70 -9.72 -2.47
N ASP A 34 2.65 -10.03 -3.23
CA ASP A 34 2.72 -11.09 -4.23
C ASP A 34 2.80 -10.51 -5.64
N SER A 35 3.67 -11.08 -6.45
CA SER A 35 3.85 -10.62 -7.83
C SER A 35 2.92 -11.37 -8.78
N ALA A 36 2.70 -12.64 -8.50
CA ALA A 36 1.83 -13.48 -9.32
C ALA A 36 0.48 -12.81 -9.55
N ARG A 37 -0.26 -12.60 -8.47
CA ARG A 37 -1.57 -11.97 -8.56
C ARG A 37 -1.45 -10.45 -8.44
N GLU A 38 -0.22 -9.96 -8.36
CA GLU A 38 0.03 -8.53 -8.25
C GLU A 38 -0.80 -7.92 -7.12
N VAL A 39 -0.67 -8.49 -5.93
CA VAL A 39 -1.41 -8.00 -4.77
C VAL A 39 -0.49 -7.78 -3.57
N CYS A 40 -1.06 -7.33 -2.47
CA CYS A 40 -0.29 -7.08 -1.26
C CYS A 40 -1.18 -7.18 -0.02
N LEU A 41 -0.83 -8.10 0.88
CA LEU A 41 -1.60 -8.29 2.10
C LEU A 41 -1.38 -7.13 3.07
N VAL A 42 -2.45 -6.39 3.36
CA VAL A 42 -2.38 -5.27 4.27
C VAL A 42 -3.17 -5.53 5.54
N GLN A 43 -2.68 -5.02 6.66
CA GLN A 43 -3.35 -5.20 7.95
C GLN A 43 -3.93 -3.89 8.45
N PHE A 44 -5.10 -3.96 9.06
CA PHE A 44 -5.77 -2.78 9.59
C PHE A 44 -5.68 -2.74 11.11
N GLU A 45 -5.89 -1.56 11.68
CA GLU A 45 -5.84 -1.39 13.14
C GLU A 45 -6.70 -2.43 13.84
N ASP A 46 -7.64 -3.01 13.09
CA ASP A 46 -8.52 -4.03 13.65
C ASP A 46 -7.98 -5.43 13.38
N ASP A 47 -6.68 -5.59 13.56
CA ASP A 47 -6.03 -6.89 13.33
C ASP A 47 -6.63 -7.58 12.11
N SER A 48 -7.16 -6.79 11.19
CA SER A 48 -7.76 -7.33 9.97
C SER A 48 -6.74 -7.40 8.84
N GLN A 49 -6.29 -8.61 8.53
CA GLN A 49 -5.31 -8.81 7.47
C GLN A 49 -5.94 -9.52 6.28
N PHE A 50 -5.95 -8.85 5.13
CA PHE A 50 -6.52 -9.41 3.92
C PHE A 50 -5.63 -9.13 2.71
N LEU A 51 -6.00 -9.68 1.56
CA LEU A 51 -5.24 -9.49 0.34
C LEU A 51 -5.75 -8.28 -0.44
N VAL A 52 -4.92 -7.23 -0.50
CA VAL A 52 -5.28 -6.02 -1.21
C VAL A 52 -4.46 -5.87 -2.49
N LEU A 53 -5.15 -5.81 -3.63
CA LEU A 53 -4.48 -5.67 -4.91
C LEU A 53 -3.46 -4.54 -4.88
N TRP A 54 -2.65 -4.46 -5.92
CA TRP A 54 -1.62 -3.43 -6.01
C TRP A 54 -2.25 -2.06 -6.27
N LYS A 55 -3.18 -2.01 -7.21
CA LYS A 55 -3.86 -0.76 -7.56
C LYS A 55 -4.69 -0.26 -6.38
N ASP A 56 -5.59 -1.11 -5.90
CA ASP A 56 -6.45 -0.75 -4.77
C ASP A 56 -5.67 0.01 -3.70
N ILE A 57 -4.39 -0.35 -3.54
CA ILE A 57 -3.53 0.29 -2.56
C ILE A 57 -3.13 1.69 -3.01
N SER A 58 -3.10 2.62 -2.08
CA SER A 58 -2.73 4.00 -2.38
C SER A 58 -1.45 4.40 -1.65
N PRO A 59 -0.60 5.18 -2.33
CA PRO A 59 0.67 5.65 -1.77
C PRO A 59 0.47 6.66 -0.65
N ALA A 60 1.09 6.40 0.51
CA ALA A 60 0.98 7.30 1.65
C ALA A 60 2.22 8.16 1.79
N ALA A 61 2.01 9.47 1.86
CA ALA A 61 3.12 10.41 2.00
C ALA A 61 4.25 9.82 2.83
N LEU A 62 5.48 10.12 2.45
CA LEU A 62 6.65 9.62 3.16
C LEU A 62 7.49 10.76 3.71
N SER A 63 8.17 10.52 4.83
CA SER A 63 9.02 11.53 5.45
C SER A 63 9.78 10.94 6.64
N GLY A 64 11.11 10.96 6.54
CA GLY A 64 11.94 10.43 7.61
C GLY A 64 13.40 10.33 7.22
N PRO A 65 14.09 11.48 7.25
CA PRO A 65 15.51 11.55 6.90
C PRO A 65 16.40 10.88 7.94
N SER A 66 15.78 10.30 8.96
CA SER A 66 16.51 9.63 10.03
C SER A 66 17.72 8.89 9.46
N SER A 67 17.52 8.21 8.34
CA SER A 67 18.60 7.46 7.70
C SER A 67 19.86 8.31 7.57
N GLY A 68 20.99 7.75 7.96
CA GLY A 68 22.25 8.47 7.88
C GLY A 68 22.30 9.64 8.83
N GLY A 1 5.04 6.10 -20.68
CA GLY A 1 3.71 5.82 -20.14
C GLY A 1 3.07 7.03 -19.51
N SER A 2 1.76 6.97 -19.29
CA SER A 2 1.03 8.07 -18.68
C SER A 2 0.12 7.57 -17.56
N SER A 3 -0.58 6.48 -17.82
CA SER A 3 -1.49 5.90 -16.84
C SER A 3 -1.37 4.39 -16.82
N GLY A 4 -2.08 3.75 -15.89
CA GLY A 4 -2.05 2.31 -15.78
C GLY A 4 -0.65 1.78 -15.48
N SER A 5 -0.40 1.47 -14.21
CA SER A 5 0.90 0.95 -13.80
C SER A 5 0.79 0.23 -12.46
N SER A 6 1.89 -0.42 -12.06
CA SER A 6 1.91 -1.16 -10.81
C SER A 6 2.48 -0.30 -9.68
N GLY A 7 2.35 -0.78 -8.45
CA GLY A 7 2.85 -0.04 -7.30
C GLY A 7 4.32 0.30 -7.43
N PRO A 8 4.71 1.46 -6.90
CA PRO A 8 6.10 1.93 -6.94
C PRO A 8 7.02 1.10 -6.05
N ARG A 9 6.58 0.85 -4.82
CA ARG A 9 7.36 0.08 -3.87
C ARG A 9 6.51 -1.01 -3.23
N LEU A 10 5.52 -0.59 -2.44
CA LEU A 10 4.63 -1.53 -1.77
C LEU A 10 5.42 -2.72 -1.20
N TRP A 11 6.59 -2.43 -0.64
CA TRP A 11 7.43 -3.47 -0.06
C TRP A 11 6.96 -3.83 1.35
N GLU A 12 7.33 -5.02 1.80
CA GLU A 12 6.95 -5.48 3.13
C GLU A 12 7.45 -4.52 4.20
N GLY A 13 6.51 -3.95 4.96
CA GLY A 13 6.87 -3.01 6.01
C GLY A 13 6.83 -1.57 5.55
N GLN A 14 5.83 -1.25 4.72
CA GLN A 14 5.67 0.10 4.19
C GLN A 14 4.27 0.63 4.45
N ASP A 15 4.18 1.76 5.14
CA ASP A 15 2.89 2.36 5.45
C ASP A 15 2.18 2.82 4.18
N VAL A 16 0.99 2.29 3.94
CA VAL A 16 0.21 2.64 2.76
C VAL A 16 -1.25 2.89 3.12
N LEU A 17 -2.05 3.24 2.12
CA LEU A 17 -3.46 3.50 2.33
C LEU A 17 -4.33 2.59 1.46
N ALA A 18 -5.03 1.66 2.10
CA ALA A 18 -5.90 0.74 1.38
C ALA A 18 -7.33 1.25 1.31
N ARG A 19 -7.82 1.46 0.10
CA ARG A 19 -9.18 1.96 -0.09
C ARG A 19 -10.21 0.93 0.34
N TRP A 20 -11.38 1.41 0.75
CA TRP A 20 -12.45 0.52 1.20
C TRP A 20 -13.73 0.76 0.40
N THR A 21 -14.35 1.92 0.61
CA THR A 21 -15.58 2.26 -0.10
C THR A 21 -15.74 3.77 -0.20
N ASP A 22 -16.72 4.20 -0.99
CA ASP A 22 -16.99 5.63 -1.18
C ASP A 22 -15.70 6.39 -1.47
N GLY A 23 -14.79 5.74 -2.20
CA GLY A 23 -13.52 6.37 -2.54
C GLY A 23 -12.77 6.85 -1.31
N LEU A 24 -12.88 6.10 -0.23
CA LEU A 24 -12.21 6.45 1.02
C LEU A 24 -10.96 5.60 1.22
N LEU A 25 -9.88 6.24 1.65
CA LEU A 25 -8.62 5.54 1.89
C LEU A 25 -8.45 5.20 3.37
N TYR A 26 -8.00 3.98 3.63
CA TYR A 26 -7.79 3.52 4.99
C TYR A 26 -6.32 3.22 5.25
N LEU A 27 -5.89 3.44 6.50
CA LEU A 27 -4.51 3.19 6.88
C LEU A 27 -4.22 1.70 6.95
N GLY A 28 -3.23 1.25 6.18
CA GLY A 28 -2.87 -0.16 6.17
C GLY A 28 -1.37 -0.37 6.11
N THR A 29 -0.92 -1.51 6.62
CA THR A 29 0.50 -1.83 6.61
C THR A 29 0.80 -3.00 5.68
N ILE A 30 1.75 -2.80 4.78
CA ILE A 30 2.13 -3.84 3.82
C ILE A 30 2.69 -5.06 4.55
N LYS A 31 1.84 -6.06 4.75
CA LYS A 31 2.26 -7.28 5.43
C LYS A 31 2.90 -8.26 4.44
N LYS A 32 2.28 -8.41 3.27
CA LYS A 32 2.80 -9.31 2.24
C LYS A 32 2.67 -8.68 0.86
N VAL A 33 3.54 -9.08 -0.05
CA VAL A 33 3.54 -8.56 -1.40
C VAL A 33 3.70 -9.68 -2.43
N ASP A 34 2.64 -9.94 -3.19
CA ASP A 34 2.67 -10.99 -4.21
C ASP A 34 2.81 -10.38 -5.60
N SER A 35 3.57 -11.05 -6.46
CA SER A 35 3.78 -10.58 -7.82
C SER A 35 2.89 -11.32 -8.81
N ALA A 36 2.59 -12.58 -8.50
CA ALA A 36 1.75 -13.40 -9.35
C ALA A 36 0.37 -12.75 -9.53
N ARG A 37 -0.31 -12.51 -8.43
CA ARG A 37 -1.64 -11.90 -8.47
C ARG A 37 -1.54 -10.38 -8.35
N GLU A 38 -0.32 -9.87 -8.38
CA GLU A 38 -0.08 -8.43 -8.28
C GLU A 38 -0.91 -7.82 -7.14
N VAL A 39 -0.77 -8.38 -5.95
CA VAL A 39 -1.50 -7.91 -4.79
C VAL A 39 -0.56 -7.69 -3.59
N CYS A 40 -1.12 -7.23 -2.49
CA CYS A 40 -0.33 -6.98 -1.28
C CYS A 40 -1.20 -7.13 -0.04
N LEU A 41 -0.84 -8.08 0.83
CA LEU A 41 -1.58 -8.32 2.06
C LEU A 41 -1.36 -7.20 3.06
N VAL A 42 -2.36 -6.35 3.24
CA VAL A 42 -2.28 -5.23 4.17
C VAL A 42 -3.08 -5.50 5.44
N GLN A 43 -2.61 -4.95 6.55
CA GLN A 43 -3.28 -5.15 7.83
C GLN A 43 -4.05 -3.89 8.23
N PHE A 44 -5.14 -4.08 8.98
CA PHE A 44 -5.96 -2.97 9.42
C PHE A 44 -5.89 -2.82 10.94
N GLU A 45 -6.08 -1.59 11.42
CA GLU A 45 -6.04 -1.32 12.85
C GLU A 45 -6.82 -2.38 13.63
N ASP A 46 -7.73 -3.05 12.95
CA ASP A 46 -8.55 -4.08 13.58
C ASP A 46 -7.91 -5.46 13.40
N ASP A 47 -6.59 -5.52 13.57
CA ASP A 47 -5.86 -6.78 13.43
C ASP A 47 -6.42 -7.59 12.26
N SER A 48 -7.01 -6.91 11.29
CA SER A 48 -7.59 -7.57 10.12
C SER A 48 -6.64 -7.49 8.93
N GLN A 49 -6.03 -8.61 8.58
CA GLN A 49 -5.10 -8.66 7.46
C GLN A 49 -5.69 -9.46 6.31
N PHE A 50 -5.88 -8.80 5.18
CA PHE A 50 -6.44 -9.45 3.99
C PHE A 50 -5.58 -9.16 2.76
N LEU A 51 -6.00 -9.71 1.62
CA LEU A 51 -5.27 -9.52 0.37
C LEU A 51 -5.80 -8.31 -0.39
N VAL A 52 -4.99 -7.26 -0.48
CA VAL A 52 -5.39 -6.05 -1.18
C VAL A 52 -4.59 -5.88 -2.47
N LEU A 53 -5.31 -5.83 -3.59
CA LEU A 53 -4.68 -5.68 -4.90
C LEU A 53 -3.67 -4.53 -4.88
N TRP A 54 -2.88 -4.43 -5.94
CA TRP A 54 -1.88 -3.37 -6.05
C TRP A 54 -2.53 -2.03 -6.34
N LYS A 55 -3.56 -2.04 -7.19
CA LYS A 55 -4.27 -0.82 -7.56
C LYS A 55 -5.10 -0.31 -6.39
N ASP A 56 -5.85 -1.22 -5.77
CA ASP A 56 -6.69 -0.85 -4.63
C ASP A 56 -5.90 -0.08 -3.59
N ILE A 57 -4.61 -0.38 -3.49
CA ILE A 57 -3.73 0.29 -2.53
C ILE A 57 -3.33 1.67 -3.03
N SER A 58 -3.02 2.56 -2.10
CA SER A 58 -2.61 3.91 -2.44
C SER A 58 -1.30 4.29 -1.74
N PRO A 59 -0.42 5.00 -2.47
CA PRO A 59 0.86 5.44 -1.94
C PRO A 59 0.72 6.52 -0.86
N ALA A 60 1.08 6.17 0.36
CA ALA A 60 1.00 7.10 1.48
C ALA A 60 2.11 8.15 1.41
N ALA A 61 1.72 9.42 1.37
CA ALA A 61 2.69 10.50 1.30
C ALA A 61 2.65 11.36 2.57
N LEU A 62 3.74 11.33 3.33
CA LEU A 62 3.83 12.10 4.57
C LEU A 62 4.94 13.13 4.49
N SER A 63 6.11 12.71 3.98
CA SER A 63 7.25 13.60 3.86
C SER A 63 7.34 14.17 2.44
N GLY A 64 7.13 13.30 1.45
CA GLY A 64 7.20 13.73 0.07
C GLY A 64 8.17 12.90 -0.75
N PRO A 65 7.85 12.71 -2.04
CA PRO A 65 8.70 11.93 -2.95
C PRO A 65 10.00 12.64 -3.28
N SER A 66 11.07 12.24 -2.60
CA SER A 66 12.38 12.84 -2.81
C SER A 66 12.33 14.35 -2.63
N SER A 67 11.65 14.79 -1.58
CA SER A 67 11.51 16.22 -1.29
C SER A 67 12.85 16.82 -0.89
N GLY A 68 13.49 16.22 0.12
CA GLY A 68 14.77 16.71 0.58
C GLY A 68 15.18 16.11 1.91
N GLY A 1 9.84 7.37 -23.61
CA GLY A 1 8.82 8.30 -23.18
C GLY A 1 8.26 7.95 -21.82
N SER A 2 8.74 8.65 -20.79
CA SER A 2 8.29 8.41 -19.43
C SER A 2 8.21 6.90 -19.13
N SER A 3 9.21 6.17 -19.59
CA SER A 3 9.24 4.72 -19.39
C SER A 3 10.02 4.37 -18.13
N GLY A 4 9.79 5.13 -17.06
CA GLY A 4 10.47 4.88 -15.81
C GLY A 4 9.79 5.55 -14.63
N SER A 5 8.53 5.19 -14.40
CA SER A 5 7.76 5.76 -13.30
C SER A 5 8.42 5.45 -11.96
N SER A 6 8.67 4.18 -11.70
CA SER A 6 9.30 3.75 -10.46
C SER A 6 8.73 4.52 -9.27
N GLY A 7 7.41 4.68 -9.25
CA GLY A 7 6.76 5.40 -8.17
C GLY A 7 6.47 4.51 -6.98
N PRO A 8 5.26 3.95 -6.94
CA PRO A 8 4.83 3.07 -5.84
C PRO A 8 5.55 1.73 -5.86
N ARG A 9 5.95 1.26 -4.68
CA ARG A 9 6.66 0.00 -4.56
C ARG A 9 5.84 -1.00 -3.74
N LEU A 10 5.26 -0.53 -2.65
CA LEU A 10 4.45 -1.38 -1.78
C LEU A 10 5.27 -2.55 -1.25
N TRP A 11 6.41 -2.24 -0.63
CA TRP A 11 7.28 -3.28 -0.08
C TRP A 11 6.87 -3.62 1.35
N GLU A 12 7.22 -4.84 1.77
CA GLU A 12 6.89 -5.30 3.12
C GLU A 12 7.38 -4.31 4.17
N GLY A 13 6.47 -3.86 5.02
CA GLY A 13 6.83 -2.92 6.06
C GLY A 13 6.76 -1.47 5.59
N GLN A 14 5.71 -1.14 4.85
CA GLN A 14 5.54 0.21 4.32
C GLN A 14 4.14 0.74 4.63
N ASP A 15 4.07 1.88 5.30
CA ASP A 15 2.80 2.48 5.65
C ASP A 15 2.08 3.01 4.41
N VAL A 16 1.04 2.30 3.99
CA VAL A 16 0.27 2.70 2.81
C VAL A 16 -1.19 2.96 3.17
N LEU A 17 -1.96 3.39 2.18
CA LEU A 17 -3.38 3.68 2.39
C LEU A 17 -4.25 2.82 1.48
N ALA A 18 -4.98 1.88 2.09
CA ALA A 18 -5.85 1.00 1.34
C ALA A 18 -7.29 1.52 1.33
N ARG A 19 -7.88 1.60 0.14
CA ARG A 19 -9.24 2.09 0.00
C ARG A 19 -10.24 1.03 0.46
N TRP A 20 -11.02 1.36 1.49
CA TRP A 20 -12.02 0.44 2.02
C TRP A 20 -13.25 0.38 1.11
N THR A 21 -13.01 0.14 -0.17
CA THR A 21 -14.09 0.05 -1.15
C THR A 21 -15.21 1.02 -0.79
N ASP A 22 -14.87 2.15 -0.22
CA ASP A 22 -15.85 3.16 0.17
C ASP A 22 -15.43 4.55 -0.30
N GLY A 23 -14.76 4.60 -1.46
CA GLY A 23 -14.31 5.87 -1.99
C GLY A 23 -13.46 6.65 -1.01
N LEU A 24 -12.91 5.95 -0.02
CA LEU A 24 -12.07 6.58 0.99
C LEU A 24 -10.84 5.74 1.28
N LEU A 25 -9.72 6.39 1.56
CA LEU A 25 -8.47 5.70 1.86
C LEU A 25 -8.32 5.47 3.35
N TYR A 26 -7.91 4.26 3.72
CA TYR A 26 -7.73 3.90 5.12
C TYR A 26 -6.27 3.58 5.41
N LEU A 27 -5.89 3.71 6.69
CA LEU A 27 -4.52 3.43 7.11
C LEU A 27 -4.24 1.93 7.08
N GLY A 28 -3.27 1.54 6.24
CA GLY A 28 -2.92 0.13 6.14
C GLY A 28 -1.42 -0.09 6.08
N THR A 29 -0.97 -1.27 6.46
CA THR A 29 0.45 -1.60 6.45
C THR A 29 0.73 -2.79 5.55
N ILE A 30 1.79 -2.70 4.76
CA ILE A 30 2.17 -3.77 3.85
C ILE A 30 2.71 -4.98 4.62
N LYS A 31 1.90 -6.03 4.69
CA LYS A 31 2.30 -7.26 5.39
C LYS A 31 2.96 -8.24 4.43
N LYS A 32 2.42 -8.34 3.23
CA LYS A 32 2.96 -9.24 2.22
C LYS A 32 2.78 -8.66 0.82
N VAL A 33 3.63 -9.10 -0.11
CA VAL A 33 3.57 -8.63 -1.49
C VAL A 33 3.66 -9.80 -2.47
N ASP A 34 2.58 -10.05 -3.18
CA ASP A 34 2.54 -11.13 -4.16
C ASP A 34 2.64 -10.59 -5.59
N SER A 35 3.45 -11.23 -6.41
CA SER A 35 3.64 -10.81 -7.79
C SER A 35 2.71 -11.58 -8.73
N ALA A 36 2.49 -12.85 -8.41
CA ALA A 36 1.61 -13.70 -9.21
C ALA A 36 0.28 -13.01 -9.48
N ARG A 37 -0.48 -12.77 -8.44
CA ARG A 37 -1.78 -12.12 -8.56
C ARG A 37 -1.64 -10.61 -8.51
N GLU A 38 -0.40 -10.14 -8.36
CA GLU A 38 -0.14 -8.70 -8.30
C GLU A 38 -0.94 -8.05 -7.17
N VAL A 39 -0.83 -8.62 -5.97
CA VAL A 39 -1.54 -8.09 -4.81
C VAL A 39 -0.59 -7.87 -3.64
N CYS A 40 -1.12 -7.35 -2.54
CA CYS A 40 -0.32 -7.09 -1.36
C CYS A 40 -1.15 -7.26 -0.09
N LEU A 41 -0.74 -8.20 0.76
CA LEU A 41 -1.45 -8.46 2.01
C LEU A 41 -1.26 -7.32 3.00
N VAL A 42 -2.32 -6.54 3.22
CA VAL A 42 -2.26 -5.42 4.14
C VAL A 42 -3.16 -5.66 5.35
N GLN A 43 -2.71 -5.19 6.51
CA GLN A 43 -3.48 -5.36 7.75
C GLN A 43 -4.16 -4.05 8.14
N PHE A 44 -5.25 -4.18 8.89
CA PHE A 44 -6.00 -3.00 9.33
C PHE A 44 -5.96 -2.87 10.85
N GLU A 45 -6.27 -1.68 11.35
CA GLU A 45 -6.26 -1.43 12.79
C GLU A 45 -7.02 -2.51 13.54
N ASP A 46 -7.99 -3.12 12.86
CA ASP A 46 -8.79 -4.17 13.47
C ASP A 46 -8.15 -5.55 13.24
N ASP A 47 -6.85 -5.62 13.46
CA ASP A 47 -6.11 -6.86 13.28
C ASP A 47 -6.64 -7.65 12.08
N SER A 48 -7.20 -6.93 11.11
CA SER A 48 -7.74 -7.55 9.92
C SER A 48 -6.70 -7.63 8.81
N GLN A 49 -6.18 -8.84 8.58
CA GLN A 49 -5.17 -9.04 7.55
C GLN A 49 -5.76 -9.79 6.36
N PHE A 50 -5.72 -9.17 5.19
CA PHE A 50 -6.25 -9.78 3.98
C PHE A 50 -5.39 -9.40 2.76
N LEU A 51 -5.74 -9.96 1.61
CA LEU A 51 -5.01 -9.68 0.37
C LEU A 51 -5.62 -8.50 -0.37
N VAL A 52 -4.89 -7.39 -0.41
CA VAL A 52 -5.36 -6.19 -1.10
C VAL A 52 -4.64 -6.00 -2.42
N LEU A 53 -5.41 -5.95 -3.51
CA LEU A 53 -4.84 -5.77 -4.83
C LEU A 53 -3.80 -4.66 -4.84
N TRP A 54 -3.07 -4.54 -5.94
CA TRP A 54 -2.03 -3.53 -6.07
C TRP A 54 -2.65 -2.16 -6.35
N LYS A 55 -3.62 -2.13 -7.26
CA LYS A 55 -4.29 -0.89 -7.62
C LYS A 55 -5.07 -0.33 -6.44
N ASP A 56 -5.91 -1.17 -5.84
CA ASP A 56 -6.71 -0.76 -4.69
C ASP A 56 -5.87 0.04 -3.69
N ILE A 57 -4.64 -0.41 -3.49
CA ILE A 57 -3.73 0.26 -2.56
C ILE A 57 -3.33 1.64 -3.07
N SER A 58 -3.16 2.58 -2.16
CA SER A 58 -2.78 3.94 -2.51
C SER A 58 -1.53 4.37 -1.76
N PRO A 59 -0.74 5.26 -2.37
CA PRO A 59 0.49 5.78 -1.78
C PRO A 59 0.23 6.70 -0.59
N ALA A 60 1.05 6.59 0.43
CA ALA A 60 0.91 7.42 1.63
C ALA A 60 2.09 8.38 1.79
N ALA A 61 1.82 9.66 1.60
CA ALA A 61 2.87 10.67 1.72
C ALA A 61 2.47 11.74 2.73
N LEU A 62 3.23 11.83 3.82
CA LEU A 62 2.96 12.81 4.87
C LEU A 62 3.91 14.00 4.75
N SER A 63 5.21 13.71 4.87
CA SER A 63 6.22 14.76 4.79
C SER A 63 6.77 14.88 3.37
N GLY A 64 7.08 13.73 2.76
CA GLY A 64 7.60 13.72 1.41
C GLY A 64 8.07 12.35 0.97
N PRO A 65 7.91 12.06 -0.33
CA PRO A 65 8.29 10.76 -0.89
C PRO A 65 9.82 10.59 -0.95
N SER A 66 10.54 11.66 -0.62
CA SER A 66 11.99 11.63 -0.63
C SER A 66 12.51 10.96 -1.90
N SER A 67 11.89 11.28 -3.03
CA SER A 67 12.28 10.71 -4.31
C SER A 67 12.61 11.81 -5.32
N GLY A 68 13.87 11.89 -5.72
CA GLY A 68 14.30 12.89 -6.67
C GLY A 68 14.60 12.30 -8.04
N GLY A 1 24.75 2.05 -15.94
CA GLY A 1 23.54 2.76 -16.30
C GLY A 1 22.31 1.87 -16.32
N SER A 2 21.64 1.75 -15.18
CA SER A 2 20.45 0.92 -15.08
C SER A 2 19.25 1.73 -14.61
N SER A 3 19.12 2.94 -15.15
CA SER A 3 18.02 3.83 -14.78
C SER A 3 16.68 3.09 -14.88
N GLY A 4 16.13 2.75 -13.73
CA GLY A 4 14.85 2.05 -13.70
C GLY A 4 13.92 2.58 -12.62
N SER A 5 12.88 3.29 -13.05
CA SER A 5 11.92 3.86 -12.11
C SER A 5 10.55 3.20 -12.27
N SER A 6 10.13 2.45 -11.27
CA SER A 6 8.84 1.77 -11.30
C SER A 6 7.73 2.67 -10.76
N GLY A 7 7.94 3.19 -9.55
CA GLY A 7 6.96 4.05 -8.93
C GLY A 7 6.46 3.52 -7.61
N PRO A 8 5.36 2.75 -7.66
CA PRO A 8 4.75 2.16 -6.46
C PRO A 8 5.61 1.05 -5.87
N ARG A 9 6.15 1.29 -4.68
CA ARG A 9 7.00 0.32 -4.00
C ARG A 9 6.14 -0.77 -3.35
N LEU A 10 5.34 -0.37 -2.38
CA LEU A 10 4.48 -1.32 -1.67
C LEU A 10 5.28 -2.50 -1.15
N TRP A 11 6.45 -2.22 -0.59
CA TRP A 11 7.31 -3.26 -0.04
C TRP A 11 6.89 -3.63 1.37
N GLU A 12 7.30 -4.82 1.81
CA GLU A 12 6.97 -5.30 3.15
C GLU A 12 7.42 -4.30 4.21
N GLY A 13 6.45 -3.81 4.99
CA GLY A 13 6.76 -2.85 6.03
C GLY A 13 6.71 -1.42 5.54
N GLN A 14 5.68 -1.09 4.77
CA GLN A 14 5.54 0.25 4.22
C GLN A 14 4.14 0.80 4.51
N ASP A 15 4.08 1.86 5.31
CA ASP A 15 2.81 2.49 5.67
C ASP A 15 2.10 3.00 4.43
N VAL A 16 1.04 2.30 4.02
CA VAL A 16 0.27 2.70 2.84
C VAL A 16 -1.19 2.93 3.19
N LEU A 17 -1.97 3.36 2.20
CA LEU A 17 -3.39 3.61 2.41
C LEU A 17 -4.24 2.75 1.49
N ALA A 18 -4.96 1.80 2.09
CA ALA A 18 -5.82 0.90 1.33
C ALA A 18 -7.26 1.43 1.27
N ARG A 19 -7.83 1.43 0.07
CA ARG A 19 -9.20 1.91 -0.12
C ARG A 19 -10.20 0.85 0.32
N TRP A 20 -11.24 1.29 1.04
CA TRP A 20 -12.27 0.38 1.52
C TRP A 20 -13.56 0.55 0.72
N THR A 21 -14.23 1.68 0.92
CA THR A 21 -15.47 1.96 0.21
C THR A 21 -15.77 3.46 0.18
N ASP A 22 -16.47 3.89 -0.85
CA ASP A 22 -16.83 5.30 -1.00
C ASP A 22 -15.59 6.14 -1.34
N GLY A 23 -14.70 5.56 -2.14
CA GLY A 23 -13.49 6.26 -2.53
C GLY A 23 -12.73 6.81 -1.34
N LEU A 24 -12.79 6.10 -0.23
CA LEU A 24 -12.09 6.53 0.99
C LEU A 24 -10.84 5.68 1.23
N LEU A 25 -9.76 6.35 1.62
CA LEU A 25 -8.50 5.66 1.89
C LEU A 25 -8.36 5.35 3.37
N TYR A 26 -7.92 4.13 3.67
CA TYR A 26 -7.74 3.69 5.06
C TYR A 26 -6.27 3.37 5.34
N LEU A 27 -5.87 3.57 6.58
CA LEU A 27 -4.49 3.29 6.99
C LEU A 27 -4.20 1.80 6.97
N GLY A 28 -3.21 1.39 6.18
CA GLY A 28 -2.85 -0.01 6.08
C GLY A 28 -1.35 -0.22 6.07
N THR A 29 -0.93 -1.42 6.48
CA THR A 29 0.50 -1.74 6.52
C THR A 29 0.81 -2.93 5.62
N ILE A 30 1.74 -2.73 4.69
CA ILE A 30 2.14 -3.78 3.77
C ILE A 30 2.69 -4.99 4.52
N LYS A 31 1.86 -6.01 4.69
CA LYS A 31 2.26 -7.22 5.39
C LYS A 31 2.91 -8.21 4.42
N LYS A 32 2.36 -8.30 3.22
CA LYS A 32 2.88 -9.21 2.21
C LYS A 32 2.70 -8.62 0.81
N VAL A 33 3.53 -9.09 -0.13
CA VAL A 33 3.46 -8.61 -1.50
C VAL A 33 3.60 -9.75 -2.50
N ASP A 34 2.53 -10.04 -3.23
CA ASP A 34 2.54 -11.12 -4.21
C ASP A 34 2.61 -10.55 -5.63
N SER A 35 3.47 -11.14 -6.46
CA SER A 35 3.64 -10.70 -7.83
C SER A 35 2.71 -11.48 -8.77
N ALA A 36 2.47 -12.74 -8.44
CA ALA A 36 1.61 -13.59 -9.25
C ALA A 36 0.26 -12.93 -9.50
N ARG A 37 -0.44 -12.60 -8.41
CA ARG A 37 -1.75 -11.95 -8.51
C ARG A 37 -1.62 -10.44 -8.38
N GLU A 38 -0.39 -9.95 -8.41
CA GLU A 38 -0.13 -8.52 -8.30
C GLU A 38 -0.95 -7.91 -7.16
N VAL A 39 -0.80 -8.47 -5.96
CA VAL A 39 -1.52 -7.99 -4.80
C VAL A 39 -0.58 -7.75 -3.62
N CYS A 40 -1.13 -7.27 -2.51
CA CYS A 40 -0.34 -7.01 -1.32
C CYS A 40 -1.18 -7.18 -0.06
N LEU A 41 -0.78 -8.12 0.80
CA LEU A 41 -1.49 -8.38 2.04
C LEU A 41 -1.29 -7.25 3.04
N VAL A 42 -2.32 -6.43 3.21
CA VAL A 42 -2.26 -5.31 4.14
C VAL A 42 -3.16 -5.54 5.35
N GLN A 43 -2.68 -5.14 6.53
CA GLN A 43 -3.44 -5.32 7.76
C GLN A 43 -4.13 -4.01 8.16
N PHE A 44 -5.23 -4.12 8.89
CA PHE A 44 -5.97 -2.95 9.33
C PHE A 44 -5.92 -2.82 10.85
N GLU A 45 -6.20 -1.62 11.35
CA GLU A 45 -6.17 -1.36 12.78
C GLU A 45 -6.99 -2.40 13.53
N ASP A 46 -7.95 -3.01 12.84
CA ASP A 46 -8.79 -4.04 13.44
C ASP A 46 -8.20 -5.43 13.23
N ASP A 47 -6.90 -5.54 13.47
CA ASP A 47 -6.20 -6.82 13.31
C ASP A 47 -6.73 -7.58 12.11
N SER A 48 -7.27 -6.85 11.13
CA SER A 48 -7.80 -7.45 9.92
C SER A 48 -6.75 -7.55 8.83
N GLN A 49 -6.23 -8.76 8.63
CA GLN A 49 -5.20 -8.99 7.63
C GLN A 49 -5.77 -9.73 6.43
N PHE A 50 -5.72 -9.10 5.26
CA PHE A 50 -6.23 -9.72 4.03
C PHE A 50 -5.37 -9.33 2.83
N LEU A 51 -5.73 -9.86 1.66
CA LEU A 51 -4.99 -9.57 0.43
C LEU A 51 -5.61 -8.39 -0.30
N VAL A 52 -4.84 -7.30 -0.40
CA VAL A 52 -5.31 -6.10 -1.08
C VAL A 52 -4.60 -5.91 -2.41
N LEU A 53 -5.37 -5.89 -3.50
CA LEU A 53 -4.81 -5.72 -4.83
C LEU A 53 -3.80 -4.58 -4.86
N TRP A 54 -3.05 -4.50 -5.95
CA TRP A 54 -2.04 -3.44 -6.10
C TRP A 54 -2.70 -2.11 -6.41
N LYS A 55 -3.73 -2.14 -7.25
CA LYS A 55 -4.44 -0.92 -7.62
C LYS A 55 -5.21 -0.34 -6.43
N ASP A 56 -5.99 -1.20 -5.77
CA ASP A 56 -6.77 -0.78 -4.63
C ASP A 56 -5.92 0.02 -3.64
N ILE A 57 -4.68 -0.42 -3.45
CA ILE A 57 -3.75 0.25 -2.54
C ILE A 57 -3.40 1.64 -3.05
N SER A 58 -3.09 2.54 -2.13
CA SER A 58 -2.73 3.91 -2.49
C SER A 58 -1.47 4.35 -1.74
N PRO A 59 -0.63 5.14 -2.43
CA PRO A 59 0.62 5.66 -1.86
C PRO A 59 0.38 6.68 -0.76
N ALA A 60 0.83 6.36 0.46
CA ALA A 60 0.67 7.26 1.59
C ALA A 60 1.74 8.34 1.58
N ALA A 61 1.40 9.50 2.15
CA ALA A 61 2.33 10.61 2.21
C ALA A 61 3.06 10.66 3.56
N LEU A 62 4.28 10.14 3.59
CA LEU A 62 5.07 10.11 4.81
C LEU A 62 5.90 11.39 4.95
N SER A 63 5.54 12.23 5.92
CA SER A 63 6.24 13.47 6.15
C SER A 63 7.45 13.25 7.07
N GLY A 64 8.62 13.07 6.47
CA GLY A 64 9.82 12.85 7.25
C GLY A 64 9.79 11.55 8.02
N PRO A 65 10.97 10.91 8.17
CA PRO A 65 11.08 9.64 8.89
C PRO A 65 10.86 9.80 10.39
N SER A 66 9.72 9.31 10.87
CA SER A 66 9.39 9.40 12.28
C SER A 66 9.94 8.20 13.05
N SER A 67 10.35 8.43 14.29
CA SER A 67 10.89 7.37 15.13
C SER A 67 9.93 6.19 15.22
N GLY A 68 10.37 5.05 14.71
CA GLY A 68 9.53 3.86 14.73
C GLY A 68 9.96 2.82 13.70
#